data_1MG6
# 
_entry.id   1MG6 
# 
_audit_conform.dict_name       mmcif_pdbx.dic 
_audit_conform.dict_version    5.399 
_audit_conform.dict_location   http://mmcif.pdb.org/dictionaries/ascii/mmcif_pdbx.dic 
# 
loop_
_database_2.database_id 
_database_2.database_code 
_database_2.pdbx_database_accession 
_database_2.pdbx_DOI 
PDB   1MG6         pdb_00001mg6 10.2210/pdb1mg6/pdb 
RCSB  RCSB016890   ?            ?                   
WWPDB D_1000016890 ?            ?                   
# 
loop_
_pdbx_audit_revision_history.ordinal 
_pdbx_audit_revision_history.data_content_type 
_pdbx_audit_revision_history.major_revision 
_pdbx_audit_revision_history.minor_revision 
_pdbx_audit_revision_history.revision_date 
1 'Structure model' 1 0 2002-09-04 
2 'Structure model' 1 1 2008-04-28 
3 'Structure model' 1 2 2011-07-13 
4 'Structure model' 1 3 2017-10-11 
5 'Structure model' 1 4 2018-04-04 
6 'Structure model' 1 5 2024-11-20 
# 
_pdbx_audit_revision_details.ordinal             1 
_pdbx_audit_revision_details.revision_ordinal    1 
_pdbx_audit_revision_details.data_content_type   'Structure model' 
_pdbx_audit_revision_details.provider            repository 
_pdbx_audit_revision_details.type                'Initial release' 
_pdbx_audit_revision_details.description         ? 
_pdbx_audit_revision_details.details             ? 
# 
loop_
_pdbx_audit_revision_group.ordinal 
_pdbx_audit_revision_group.revision_ordinal 
_pdbx_audit_revision_group.data_content_type 
_pdbx_audit_revision_group.group 
1 2 'Structure model' 'Version format compliance' 
2 3 'Structure model' 'Version format compliance' 
3 4 'Structure model' 'Refinement description'    
4 5 'Structure model' 'Data collection'           
5 6 'Structure model' 'Data collection'           
6 6 'Structure model' 'Database references'       
7 6 'Structure model' 'Refinement description'    
8 6 'Structure model' 'Structure summary'         
# 
loop_
_pdbx_audit_revision_category.ordinal 
_pdbx_audit_revision_category.revision_ordinal 
_pdbx_audit_revision_category.data_content_type 
_pdbx_audit_revision_category.category 
1 4 'Structure model' software                      
2 5 'Structure model' diffrn_source                 
3 6 'Structure model' chem_comp_atom                
4 6 'Structure model' chem_comp_bond                
5 6 'Structure model' database_2                    
6 6 'Structure model' pdbx_entry_details            
7 6 'Structure model' pdbx_initial_refinement_model 
8 6 'Structure model' pdbx_modification_feature     
# 
loop_
_pdbx_audit_revision_item.ordinal 
_pdbx_audit_revision_item.revision_ordinal 
_pdbx_audit_revision_item.data_content_type 
_pdbx_audit_revision_item.item 
1 5 'Structure model' '_diffrn_source.type'                 
2 6 'Structure model' '_database_2.pdbx_DOI'                
3 6 'Structure model' '_database_2.pdbx_database_accession' 
# 
_pdbx_database_status.status_code                     REL 
_pdbx_database_status.entry_id                        1MG6 
_pdbx_database_status.recvd_initial_deposition_date   2002-08-14 
_pdbx_database_status.deposit_site                    RCSB 
_pdbx_database_status.process_site                    RCSB 
_pdbx_database_status.SG_entry                        . 
_pdbx_database_status.pdb_format_compatible           Y 
_pdbx_database_status.status_code_mr                  ? 
_pdbx_database_status.status_code_sf                  ? 
_pdbx_database_status.status_code_cs                  ? 
_pdbx_database_status.methods_development_category    ? 
_pdbx_database_status.status_code_nmr_data            ? 
# 
loop_
_audit_author.name 
_audit_author.pdbx_ordinal 
'Huang, Q.' 1 
'Teng, M.'  2 
'Niu, L.'   3 
# 
_citation.id                        primary 
_citation.title                     'The Crystal Structure of a K49 PLA2 from the Snake Venom of Agkistrodon acutus' 
_citation.journal_abbrev            'TO BE PUBLISHED' 
_citation.journal_volume            ? 
_citation.page_first                ? 
_citation.page_last                 ? 
_citation.year                      ? 
_citation.journal_id_ASTM           ? 
_citation.country                   ? 
_citation.journal_id_ISSN           ? 
_citation.journal_id_CSD            0353 
_citation.book_publisher            ? 
_citation.pdbx_database_id_PubMed   ? 
_citation.pdbx_database_id_DOI      ? 
# 
loop_
_citation_author.citation_id 
_citation_author.name 
_citation_author.ordinal 
_citation_author.identifier_ORCID 
primary 'Huang, Q.' 1 ? 
primary 'Teng, M.'  2 ? 
primary 'Niu, L.'   3 ? 
# 
loop_
_entity.id 
_entity.type 
_entity.src_method 
_entity.pdbx_description 
_entity.formula_weight 
_entity.pdbx_number_of_molecules 
_entity.pdbx_ec 
_entity.pdbx_mutation 
_entity.pdbx_fragment 
_entity.details 
1 polymer nat 'PHOSPHOLIPASE A2' 14093.383 1   3.1.1.4 ? ? ? 
2 water   nat water              18.015    112 ?       ? ? ? 
# 
_entity_name_com.entity_id   1 
_entity_name_com.name        PLA2 
# 
_entity_poly.entity_id                      1 
_entity_poly.type                           'polypeptide(L)' 
_entity_poly.nstd_linkage                   no 
_entity_poly.nstd_monomer                   no 
_entity_poly.pdbx_seq_one_letter_code       
;SLFELGKMIWQETGKNPVKNYGLYGCNCGVGGRGEPLDATDRCCFVHKCCYKKLTDCDSKKDRYSYKWKNKAIVCGKNQP
CMQEMCECDKAFAICLRENLDTYNKSFRYHLKPSCKKTSEQC
;
_entity_poly.pdbx_seq_one_letter_code_can   
;SLFELGKMIWQETGKNPVKNYGLYGCNCGVGGRGEPLDATDRCCFVHKCCYKKLTDCDSKKDRYSYKWKNKAIVCGKNQP
CMQEMCECDKAFAICLRENLDTYNKSFRYHLKPSCKKTSEQC
;
_entity_poly.pdbx_strand_id                 A 
_entity_poly.pdbx_target_identifier         ? 
# 
_pdbx_entity_nonpoly.entity_id   2 
_pdbx_entity_nonpoly.name        water 
_pdbx_entity_nonpoly.comp_id     HOH 
# 
loop_
_entity_poly_seq.entity_id 
_entity_poly_seq.num 
_entity_poly_seq.mon_id 
_entity_poly_seq.hetero 
1 1   SER n 
1 2   LEU n 
1 3   PHE n 
1 4   GLU n 
1 5   LEU n 
1 6   GLY n 
1 7   LYS n 
1 8   MET n 
1 9   ILE n 
1 10  TRP n 
1 11  GLN n 
1 12  GLU n 
1 13  THR n 
1 14  GLY n 
1 15  LYS n 
1 16  ASN n 
1 17  PRO n 
1 18  VAL n 
1 19  LYS n 
1 20  ASN n 
1 21  TYR n 
1 22  GLY n 
1 23  LEU n 
1 24  TYR n 
1 25  GLY n 
1 26  CYS n 
1 27  ASN n 
1 28  CYS n 
1 29  GLY n 
1 30  VAL n 
1 31  GLY n 
1 32  GLY n 
1 33  ARG n 
1 34  GLY n 
1 35  GLU n 
1 36  PRO n 
1 37  LEU n 
1 38  ASP n 
1 39  ALA n 
1 40  THR n 
1 41  ASP n 
1 42  ARG n 
1 43  CYS n 
1 44  CYS n 
1 45  PHE n 
1 46  VAL n 
1 47  HIS n 
1 48  LYS n 
1 49  CYS n 
1 50  CYS n 
1 51  TYR n 
1 52  LYS n 
1 53  LYS n 
1 54  LEU n 
1 55  THR n 
1 56  ASP n 
1 57  CYS n 
1 58  ASP n 
1 59  SER n 
1 60  LYS n 
1 61  LYS n 
1 62  ASP n 
1 63  ARG n 
1 64  TYR n 
1 65  SER n 
1 66  TYR n 
1 67  LYS n 
1 68  TRP n 
1 69  LYS n 
1 70  ASN n 
1 71  LYS n 
1 72  ALA n 
1 73  ILE n 
1 74  VAL n 
1 75  CYS n 
1 76  GLY n 
1 77  LYS n 
1 78  ASN n 
1 79  GLN n 
1 80  PRO n 
1 81  CYS n 
1 82  MET n 
1 83  GLN n 
1 84  GLU n 
1 85  MET n 
1 86  CYS n 
1 87  GLU n 
1 88  CYS n 
1 89  ASP n 
1 90  LYS n 
1 91  ALA n 
1 92  PHE n 
1 93  ALA n 
1 94  ILE n 
1 95  CYS n 
1 96  LEU n 
1 97  ARG n 
1 98  GLU n 
1 99  ASN n 
1 100 LEU n 
1 101 ASP n 
1 102 THR n 
1 103 TYR n 
1 104 ASN n 
1 105 LYS n 
1 106 SER n 
1 107 PHE n 
1 108 ARG n 
1 109 TYR n 
1 110 HIS n 
1 111 LEU n 
1 112 LYS n 
1 113 PRO n 
1 114 SER n 
1 115 CYS n 
1 116 LYS n 
1 117 LYS n 
1 118 THR n 
1 119 SER n 
1 120 GLU n 
1 121 GLN n 
1 122 CYS n 
# 
_entity_src_nat.entity_id                  1 
_entity_src_nat.pdbx_src_id                1 
_entity_src_nat.pdbx_alt_source_flag       sample 
_entity_src_nat.pdbx_beg_seq_num           ? 
_entity_src_nat.pdbx_end_seq_num           ? 
_entity_src_nat.common_name                'Chinese moccasin' 
_entity_src_nat.pdbx_organism_scientific   'Deinagkistrodon acutus' 
_entity_src_nat.pdbx_ncbi_taxonomy_id      36307 
_entity_src_nat.genus                      Deinagkistrodon 
_entity_src_nat.species                    ? 
_entity_src_nat.strain                     ? 
_entity_src_nat.tissue                     ? 
_entity_src_nat.tissue_fraction            ? 
_entity_src_nat.pdbx_secretion             VENOM 
_entity_src_nat.pdbx_fragment              ? 
_entity_src_nat.pdbx_variant               ? 
_entity_src_nat.pdbx_cell_line             ? 
_entity_src_nat.pdbx_atcc                  ? 
_entity_src_nat.pdbx_cellular_location     ? 
_entity_src_nat.pdbx_organ                 ? 
_entity_src_nat.pdbx_organelle             ? 
_entity_src_nat.pdbx_cell                  ? 
_entity_src_nat.pdbx_plasmid_name          ? 
_entity_src_nat.pdbx_plasmid_details       ? 
_entity_src_nat.details                    ? 
# 
loop_
_chem_comp.id 
_chem_comp.type 
_chem_comp.mon_nstd_flag 
_chem_comp.name 
_chem_comp.pdbx_synonyms 
_chem_comp.formula 
_chem_comp.formula_weight 
ALA 'L-peptide linking' y ALANINE         ? 'C3 H7 N O2'     89.093  
ARG 'L-peptide linking' y ARGININE        ? 'C6 H15 N4 O2 1' 175.209 
ASN 'L-peptide linking' y ASPARAGINE      ? 'C4 H8 N2 O3'    132.118 
ASP 'L-peptide linking' y 'ASPARTIC ACID' ? 'C4 H7 N O4'     133.103 
CYS 'L-peptide linking' y CYSTEINE        ? 'C3 H7 N O2 S'   121.158 
GLN 'L-peptide linking' y GLUTAMINE       ? 'C5 H10 N2 O3'   146.144 
GLU 'L-peptide linking' y 'GLUTAMIC ACID' ? 'C5 H9 N O4'     147.129 
GLY 'peptide linking'   y GLYCINE         ? 'C2 H5 N O2'     75.067  
HIS 'L-peptide linking' y HISTIDINE       ? 'C6 H10 N3 O2 1' 156.162 
HOH non-polymer         . WATER           ? 'H2 O'           18.015  
ILE 'L-peptide linking' y ISOLEUCINE      ? 'C6 H13 N O2'    131.173 
LEU 'L-peptide linking' y LEUCINE         ? 'C6 H13 N O2'    131.173 
LYS 'L-peptide linking' y LYSINE          ? 'C6 H15 N2 O2 1' 147.195 
MET 'L-peptide linking' y METHIONINE      ? 'C5 H11 N O2 S'  149.211 
PHE 'L-peptide linking' y PHENYLALANINE   ? 'C9 H11 N O2'    165.189 
PRO 'L-peptide linking' y PROLINE         ? 'C5 H9 N O2'     115.130 
SER 'L-peptide linking' y SERINE          ? 'C3 H7 N O3'     105.093 
THR 'L-peptide linking' y THREONINE       ? 'C4 H9 N O3'     119.119 
TRP 'L-peptide linking' y TRYPTOPHAN      ? 'C11 H12 N2 O2'  204.225 
TYR 'L-peptide linking' y TYROSINE        ? 'C9 H11 N O3'    181.189 
VAL 'L-peptide linking' y VALINE          ? 'C5 H11 N O2'    117.146 
# 
loop_
_pdbx_poly_seq_scheme.asym_id 
_pdbx_poly_seq_scheme.entity_id 
_pdbx_poly_seq_scheme.seq_id 
_pdbx_poly_seq_scheme.mon_id 
_pdbx_poly_seq_scheme.ndb_seq_num 
_pdbx_poly_seq_scheme.pdb_seq_num 
_pdbx_poly_seq_scheme.auth_seq_num 
_pdbx_poly_seq_scheme.pdb_mon_id 
_pdbx_poly_seq_scheme.auth_mon_id 
_pdbx_poly_seq_scheme.pdb_strand_id 
_pdbx_poly_seq_scheme.pdb_ins_code 
_pdbx_poly_seq_scheme.hetero 
A 1 1   SER 1   1   1   SER SER A . n 
A 1 2   LEU 2   2   2   LEU LEU A . n 
A 1 3   PHE 3   3   3   PHE PHE A . n 
A 1 4   GLU 4   4   4   GLU GLU A . n 
A 1 5   LEU 5   5   5   LEU LEU A . n 
A 1 6   GLY 6   6   6   GLY GLY A . n 
A 1 7   LYS 7   7   7   LYS LYS A . n 
A 1 8   MET 8   8   8   MET MET A . n 
A 1 9   ILE 9   9   9   ILE ILE A . n 
A 1 10  TRP 10  10  10  TRP TRP A . n 
A 1 11  GLN 11  11  11  GLN GLN A . n 
A 1 12  GLU 12  12  12  GLU GLU A . n 
A 1 13  THR 13  13  13  THR THR A . n 
A 1 14  GLY 14  14  14  GLY GLY A . n 
A 1 15  LYS 15  15  15  LYS LYS A . n 
A 1 16  ASN 16  16  16  ASN ASN A . n 
A 1 17  PRO 17  17  17  PRO PRO A . n 
A 1 18  VAL 18  18  18  VAL VAL A . n 
A 1 19  LYS 19  19  19  LYS LYS A . n 
A 1 20  ASN 20  20  20  ASN ASN A . n 
A 1 21  TYR 21  22  22  TYR TYR A . n 
A 1 22  GLY 22  23  23  GLY GLY A . n 
A 1 23  LEU 23  24  24  LEU LEU A . n 
A 1 24  TYR 24  25  25  TYR TYR A . n 
A 1 25  GLY 25  26  26  GLY GLY A . n 
A 1 26  CYS 26  27  27  CYS CYS A . n 
A 1 27  ASN 27  28  28  ASN ASN A . n 
A 1 28  CYS 28  29  29  CYS CYS A . n 
A 1 29  GLY 29  30  30  GLY GLY A . n 
A 1 30  VAL 30  31  31  VAL VAL A . n 
A 1 31  GLY 31  32  32  GLY GLY A . n 
A 1 32  GLY 32  33  33  GLY GLY A . n 
A 1 33  ARG 33  34  34  ARG ARG A . n 
A 1 34  GLY 34  35  35  GLY GLY A . n 
A 1 35  GLU 35  36  36  GLU GLU A . n 
A 1 36  PRO 36  37  37  PRO PRO A . n 
A 1 37  LEU 37  38  38  LEU LEU A . n 
A 1 38  ASP 38  39  39  ASP ASP A . n 
A 1 39  ALA 39  40  40  ALA ALA A . n 
A 1 40  THR 40  41  41  THR THR A . n 
A 1 41  ASP 41  42  42  ASP ASP A . n 
A 1 42  ARG 42  43  43  ARG ARG A . n 
A 1 43  CYS 43  44  44  CYS CYS A . n 
A 1 44  CYS 44  45  45  CYS CYS A . n 
A 1 45  PHE 45  46  46  PHE PHE A . n 
A 1 46  VAL 46  47  47  VAL VAL A . n 
A 1 47  HIS 47  48  48  HIS HIS A . n 
A 1 48  LYS 48  49  49  LYS LYS A . n 
A 1 49  CYS 49  50  50  CYS CYS A . n 
A 1 50  CYS 50  51  51  CYS CYS A . n 
A 1 51  TYR 51  52  52  TYR TYR A . n 
A 1 52  LYS 52  53  53  LYS LYS A . n 
A 1 53  LYS 53  57  57  LYS LYS A . n 
A 1 54  LEU 54  58  58  LEU LEU A . n 
A 1 55  THR 55  59  59  THR THR A . n 
A 1 56  ASP 56  60  60  ASP ASP A . n 
A 1 57  CYS 57  61  61  CYS CYS A . n 
A 1 58  ASP 58  67  67  ASP ASP A . n 
A 1 59  SER 59  68  68  SER SER A . n 
A 1 60  LYS 60  69  69  LYS LYS A . n 
A 1 61  LYS 61  70  70  LYS LYS A . n 
A 1 62  ASP 62  71  71  ASP ASP A . n 
A 1 63  ARG 63  72  72  ARG ARG A . n 
A 1 64  TYR 64  73  73  TYR TYR A . n 
A 1 65  SER 65  74  74  SER SER A . n 
A 1 66  TYR 66  75  75  TYR TYR A . n 
A 1 67  LYS 67  76  76  LYS LYS A . n 
A 1 68  TRP 68  77  77  TRP TRP A . n 
A 1 69  LYS 69  78  78  LYS LYS A . n 
A 1 70  ASN 70  79  79  ASN ASN A . n 
A 1 71  LYS 71  80  80  LYS LYS A . n 
A 1 72  ALA 72  81  81  ALA ALA A . n 
A 1 73  ILE 73  82  82  ILE ILE A . n 
A 1 74  VAL 74  83  83  VAL VAL A . n 
A 1 75  CYS 75  84  84  CYS CYS A . n 
A 1 76  GLY 76  86  86  GLY GLY A . n 
A 1 77  LYS 77  87  87  LYS LYS A . n 
A 1 78  ASN 78  88  88  ASN ASN A . n 
A 1 79  GLN 79  89  89  GLN GLN A . n 
A 1 80  PRO 80  90  90  PRO PRO A . n 
A 1 81  CYS 81  91  91  CYS CYS A . n 
A 1 82  MET 82  92  92  MET MET A . n 
A 1 83  GLN 83  93  93  GLN GLN A . n 
A 1 84  GLU 84  94  94  GLU GLU A . n 
A 1 85  MET 85  95  95  MET MET A . n 
A 1 86  CYS 86  96  96  CYS CYS A . n 
A 1 87  GLU 87  97  97  GLU GLU A . n 
A 1 88  CYS 88  98  98  CYS CYS A . n 
A 1 89  ASP 89  99  99  ASP ASP A . n 
A 1 90  LYS 90  100 100 LYS LYS A . n 
A 1 91  ALA 91  101 101 ALA ALA A . n 
A 1 92  PHE 92  102 102 PHE PHE A . n 
A 1 93  ALA 93  103 103 ALA ALA A . n 
A 1 94  ILE 94  104 104 ILE ILE A . n 
A 1 95  CYS 95  105 105 CYS CYS A . n 
A 1 96  LEU 96  106 106 LEU LEU A . n 
A 1 97  ARG 97  107 107 ARG ARG A . n 
A 1 98  GLU 98  108 108 GLU GLU A . n 
A 1 99  ASN 99  109 109 ASN ASN A . n 
A 1 100 LEU 100 110 110 LEU LEU A . n 
A 1 101 ASP 101 111 111 ASP ASP A . n 
A 1 102 THR 102 112 112 THR THR A . n 
A 1 103 TYR 103 113 113 TYR TYR A . n 
A 1 104 ASN 104 114 114 ASN ASN A . n 
A 1 105 LYS 105 115 115 LYS LYS A . n 
A 1 106 SER 106 116 116 SER SER A . n 
A 1 107 PHE 107 117 117 PHE PHE A . n 
A 1 108 ARG 108 118 118 ARG ARG A . n 
A 1 109 TYR 109 119 119 TYR TYR A . n 
A 1 110 HIS 110 120 120 HIS HIS A . n 
A 1 111 LEU 111 121 121 LEU LEU A . n 
A 1 112 LYS 112 122 122 LYS LYS A . n 
A 1 113 PRO 113 123 123 PRO PRO A . n 
A 1 114 SER 114 124 124 SER SER A . n 
A 1 115 CYS 115 125 125 CYS CYS A . n 
A 1 116 LYS 116 128 128 LYS LYS A . n 
A 1 117 LYS 117 129 129 LYS LYS A . n 
A 1 118 THR 118 130 130 THR THR A . n 
A 1 119 SER 119 131 131 SER SER A . n 
A 1 120 GLU 120 132 132 GLU GLU A . n 
A 1 121 GLN 121 133 133 GLN GLN A . n 
A 1 122 CYS 122 134 134 CYS CYS A . n 
# 
loop_
_pdbx_nonpoly_scheme.asym_id 
_pdbx_nonpoly_scheme.entity_id 
_pdbx_nonpoly_scheme.mon_id 
_pdbx_nonpoly_scheme.ndb_seq_num 
_pdbx_nonpoly_scheme.pdb_seq_num 
_pdbx_nonpoly_scheme.auth_seq_num 
_pdbx_nonpoly_scheme.pdb_mon_id 
_pdbx_nonpoly_scheme.auth_mon_id 
_pdbx_nonpoly_scheme.pdb_strand_id 
_pdbx_nonpoly_scheme.pdb_ins_code 
B 2 HOH 1   201 201 HOH HOH A . 
B 2 HOH 2   202 202 HOH HOH A . 
B 2 HOH 3   203 203 HOH HOH A . 
B 2 HOH 4   204 204 HOH HOH A . 
B 2 HOH 5   205 205 HOH HOH A . 
B 2 HOH 6   206 206 HOH HOH A . 
B 2 HOH 7   207 207 HOH HOH A . 
B 2 HOH 8   208 208 HOH HOH A . 
B 2 HOH 9   209 209 HOH HOH A . 
B 2 HOH 10  210 210 HOH HOH A . 
B 2 HOH 11  211 211 HOH HOH A . 
B 2 HOH 12  212 212 HOH HOH A . 
B 2 HOH 13  213 213 HOH HOH A . 
B 2 HOH 14  214 214 HOH HOH A . 
B 2 HOH 15  215 215 HOH HOH A . 
B 2 HOH 16  216 216 HOH HOH A . 
B 2 HOH 17  217 217 HOH HOH A . 
B 2 HOH 18  218 218 HOH HOH A . 
B 2 HOH 19  219 219 HOH HOH A . 
B 2 HOH 20  220 220 HOH HOH A . 
B 2 HOH 21  221 221 HOH HOH A . 
B 2 HOH 22  222 222 HOH HOH A . 
B 2 HOH 23  223 223 HOH HOH A . 
B 2 HOH 24  224 224 HOH HOH A . 
B 2 HOH 25  225 225 HOH HOH A . 
B 2 HOH 26  226 226 HOH HOH A . 
B 2 HOH 27  227 227 HOH HOH A . 
B 2 HOH 28  228 228 HOH HOH A . 
B 2 HOH 29  229 229 HOH HOH A . 
B 2 HOH 30  230 230 HOH HOH A . 
B 2 HOH 31  231 231 HOH HOH A . 
B 2 HOH 32  232 232 HOH HOH A . 
B 2 HOH 33  233 233 HOH HOH A . 
B 2 HOH 34  234 234 HOH HOH A . 
B 2 HOH 35  235 235 HOH HOH A . 
B 2 HOH 36  236 236 HOH HOH A . 
B 2 HOH 37  237 237 HOH HOH A . 
B 2 HOH 38  238 238 HOH HOH A . 
B 2 HOH 39  239 239 HOH HOH A . 
B 2 HOH 40  240 240 HOH HOH A . 
B 2 HOH 41  241 241 HOH HOH A . 
B 2 HOH 42  242 242 HOH HOH A . 
B 2 HOH 43  243 243 HOH HOH A . 
B 2 HOH 44  244 244 HOH HOH A . 
B 2 HOH 45  245 245 HOH HOH A . 
B 2 HOH 46  246 246 HOH HOH A . 
B 2 HOH 47  247 247 HOH HOH A . 
B 2 HOH 48  248 248 HOH HOH A . 
B 2 HOH 49  249 249 HOH HOH A . 
B 2 HOH 50  250 250 HOH HOH A . 
B 2 HOH 51  251 251 HOH HOH A . 
B 2 HOH 52  252 252 HOH HOH A . 
B 2 HOH 53  253 253 HOH HOH A . 
B 2 HOH 54  254 254 HOH HOH A . 
B 2 HOH 55  255 255 HOH HOH A . 
B 2 HOH 56  256 256 HOH HOH A . 
B 2 HOH 57  258 258 HOH HOH A . 
B 2 HOH 58  259 259 HOH HOH A . 
B 2 HOH 59  260 260 HOH HOH A . 
B 2 HOH 60  261 261 HOH HOH A . 
B 2 HOH 61  262 262 HOH HOH A . 
B 2 HOH 62  263 263 HOH HOH A . 
B 2 HOH 63  264 264 HOH HOH A . 
B 2 HOH 64  265 265 HOH HOH A . 
B 2 HOH 65  266 266 HOH HOH A . 
B 2 HOH 66  267 267 HOH HOH A . 
B 2 HOH 67  268 268 HOH HOH A . 
B 2 HOH 68  269 269 HOH HOH A . 
B 2 HOH 69  270 270 HOH HOH A . 
B 2 HOH 70  271 271 HOH HOH A . 
B 2 HOH 71  273 273 HOH HOH A . 
B 2 HOH 72  274 274 HOH HOH A . 
B 2 HOH 73  275 275 HOH HOH A . 
B 2 HOH 74  277 277 HOH HOH A . 
B 2 HOH 75  278 278 HOH HOH A . 
B 2 HOH 76  279 279 HOH HOH A . 
B 2 HOH 77  280 280 HOH HOH A . 
B 2 HOH 78  281 281 HOH HOH A . 
B 2 HOH 79  284 284 HOH HOH A . 
B 2 HOH 80  285 285 HOH HOH A . 
B 2 HOH 81  286 286 HOH HOH A . 
B 2 HOH 82  287 287 HOH HOH A . 
B 2 HOH 83  288 288 HOH HOH A . 
B 2 HOH 84  289 289 HOH HOH A . 
B 2 HOH 85  291 291 HOH HOH A . 
B 2 HOH 86  293 293 HOH HOH A . 
B 2 HOH 87  294 294 HOH HOH A . 
B 2 HOH 88  297 297 HOH HOH A . 
B 2 HOH 89  298 298 HOH HOH A . 
B 2 HOH 90  299 299 HOH HOH A . 
B 2 HOH 91  300 300 HOH HOH A . 
B 2 HOH 92  401 401 HOH HOH A . 
B 2 HOH 93  402 402 HOH HOH A . 
B 2 HOH 94  403 403 HOH HOH A . 
B 2 HOH 95  404 404 HOH HOH A . 
B 2 HOH 96  405 405 HOH HOH A . 
B 2 HOH 97  406 406 HOH HOH A . 
B 2 HOH 98  407 407 HOH HOH A . 
B 2 HOH 99  408 408 HOH HOH A . 
B 2 HOH 100 409 409 HOH HOH A . 
B 2 HOH 101 410 410 HOH HOH A . 
B 2 HOH 102 411 411 HOH HOH A . 
B 2 HOH 103 501 501 HOH HOH A . 
B 2 HOH 104 502 502 HOH HOH A . 
B 2 HOH 105 504 504 HOH HOH A . 
B 2 HOH 106 506 506 HOH HOH A . 
B 2 HOH 107 507 507 HOH HOH A . 
B 2 HOH 108 508 508 HOH HOH A . 
B 2 HOH 109 509 509 HOH HOH A . 
B 2 HOH 110 602 602 HOH HOH A . 
B 2 HOH 111 603 603 HOH HOH A . 
B 2 HOH 112 605 605 HOH HOH A . 
# 
loop_
_pdbx_unobs_or_zero_occ_atoms.id 
_pdbx_unobs_or_zero_occ_atoms.PDB_model_num 
_pdbx_unobs_or_zero_occ_atoms.polymer_flag 
_pdbx_unobs_or_zero_occ_atoms.occupancy_flag 
_pdbx_unobs_or_zero_occ_atoms.auth_asym_id 
_pdbx_unobs_or_zero_occ_atoms.auth_comp_id 
_pdbx_unobs_or_zero_occ_atoms.auth_seq_id 
_pdbx_unobs_or_zero_occ_atoms.PDB_ins_code 
_pdbx_unobs_or_zero_occ_atoms.auth_atom_id 
_pdbx_unobs_or_zero_occ_atoms.label_alt_id 
_pdbx_unobs_or_zero_occ_atoms.label_asym_id 
_pdbx_unobs_or_zero_occ_atoms.label_comp_id 
_pdbx_unobs_or_zero_occ_atoms.label_seq_id 
_pdbx_unobs_or_zero_occ_atoms.label_atom_id 
1  1 Y 1 A LEU 2   ? CD1 ? A LEU 2   CD1 
2  1 Y 1 A LEU 2   ? CD2 ? A LEU 2   CD2 
3  1 Y 1 A LEU 24  ? CD1 ? A LEU 23  CD1 
4  1 Y 1 A LEU 24  ? CD2 ? A LEU 23  CD2 
5  1 Y 1 A THR 59  ? OG1 ? A THR 55  OG1 
6  1 Y 1 A LYS 78  ? CD  ? A LYS 69  CD  
7  1 Y 1 A LYS 78  ? CE  ? A LYS 69  CE  
8  1 Y 1 A LYS 78  ? NZ  ? A LYS 69  NZ  
9  1 Y 1 A LYS 115 ? CG  ? A LYS 105 CG  
10 1 Y 1 A LYS 115 ? CD  ? A LYS 105 CD  
11 1 Y 1 A LYS 115 ? CE  ? A LYS 105 CE  
12 1 Y 1 A LYS 115 ? NZ  ? A LYS 105 NZ  
13 1 Y 1 A SER 116 ? OG  ? A SER 106 OG  
14 1 Y 1 A LYS 128 ? CD  ? A LYS 116 CD  
15 1 Y 1 A LYS 128 ? CE  ? A LYS 116 CE  
16 1 Y 1 A LYS 128 ? NZ  ? A LYS 116 NZ  
# 
loop_
_software.name 
_software.classification 
_software.version 
_software.citation_id 
_software.pdbx_ordinal 
MAR345    'data collection' .     ? 1 
SCALEPACK 'data scaling'    .     ? 2 
AMoRE     phasing           .     ? 3 
X-PLOR    refinement        3.851 ? 4 
# 
_cell.entry_id           1MG6 
_cell.length_a           45.30 
_cell.length_b           59.55 
_cell.length_c           46.13 
_cell.angle_alpha        90 
_cell.angle_beta         117.69 
_cell.angle_gamma        90 
_cell.pdbx_unique_axis   ? 
_cell.Z_PDB              4 
# 
_symmetry.entry_id                         1MG6 
_symmetry.space_group_name_H-M             'C 1 2 1' 
_symmetry.pdbx_full_space_group_name_H-M   ? 
_symmetry.Int_Tables_number                5 
_symmetry.cell_setting                     ? 
# 
_exptl.entry_id          1MG6 
_exptl.method            'X-RAY DIFFRACTION' 
_exptl.crystals_number   1 
# 
_exptl_crystal.id                    1 
_exptl_crystal.density_meas          ? 
_exptl_crystal.density_percent_sol   37.05 
_exptl_crystal.density_Matthews      1.95 
_exptl_crystal.description           ? 
# 
_exptl_crystal_grow.crystal_id      1 
_exptl_crystal_grow.method          'VAPOR DIFFUSION, HANGING DROP' 
_exptl_crystal_grow.temp            298 
_exptl_crystal_grow.temp_details    ? 
_exptl_crystal_grow.pH              5.6 
_exptl_crystal_grow.pdbx_details    
'20%PEG4000, 20%Isopropanol, 0.1M tri-sodium citrate, pH 5.6, VAPOR DIFFUSION, HANGING DROP, temperature 298K' 
_exptl_crystal_grow.pdbx_pH_range   ? 
# 
_diffrn.id                     1 
_diffrn.ambient_temp           298.0 
_diffrn.ambient_temp_details   ? 
_diffrn.crystal_id             1 
# 
_diffrn_detector.diffrn_id              1 
_diffrn_detector.detector               'IMAGE PLATE' 
_diffrn_detector.type                   'MAR scanner 300 mm plate' 
_diffrn_detector.pdbx_collection_date   1999-04-17 
_diffrn_detector.details                ? 
# 
_diffrn_radiation.diffrn_id                        1 
_diffrn_radiation.wavelength_id                    1 
_diffrn_radiation.pdbx_monochromatic_or_laue_m_l   M 
_diffrn_radiation.monochromator                    graphite 
_diffrn_radiation.pdbx_diffrn_protocol             'SINGLE WAVELENGTH' 
_diffrn_radiation.pdbx_scattering_type             x-ray 
# 
_diffrn_radiation_wavelength.id           1 
_diffrn_radiation_wavelength.wavelength   1.5418 
_diffrn_radiation_wavelength.wt           1.0 
# 
_diffrn_source.diffrn_id                   1 
_diffrn_source.source                      'SEALED TUBE' 
_diffrn_source.type                        OTHER 
_diffrn_source.pdbx_synchrotron_site       ? 
_diffrn_source.pdbx_synchrotron_beamline   ? 
_diffrn_source.pdbx_wavelength             ? 
_diffrn_source.pdbx_wavelength_list        1.5418 
# 
_reflns.entry_id                     1MG6 
_reflns.observed_criterion_sigma_F   2.0 
_reflns.observed_criterion_sigma_I   2.0 
_reflns.d_resolution_high            1.6 
_reflns.d_resolution_low             30.0 
_reflns.number_all                   14384 
_reflns.number_obs                   13205 
_reflns.percent_possible_obs         91.8 
_reflns.pdbx_Rmerge_I_obs            0.051 
_reflns.pdbx_Rsym_value              ? 
_reflns.pdbx_netI_over_sigmaI        ? 
_reflns.B_iso_Wilson_estimate        ? 
_reflns.pdbx_redundancy              ? 
_reflns.R_free_details               ? 
_reflns.limit_h_max                  ? 
_reflns.limit_h_min                  ? 
_reflns.limit_k_max                  ? 
_reflns.limit_k_min                  ? 
_reflns.limit_l_max                  ? 
_reflns.limit_l_min                  ? 
_reflns.observed_criterion_F_max     ? 
_reflns.observed_criterion_F_min     ? 
_reflns.pdbx_diffrn_id               1 
_reflns.pdbx_ordinal                 1 
# 
_reflns_shell.d_res_high             1.6 
_reflns_shell.d_res_low              1.63 
_reflns_shell.percent_possible_all   77.3 
_reflns_shell.Rmerge_I_obs           0.226 
_reflns_shell.pdbx_Rsym_value        ? 
_reflns_shell.meanI_over_sigI_obs    ? 
_reflns_shell.pdbx_redundancy        ? 
_reflns_shell.percent_possible_obs   ? 
_reflns_shell.number_unique_all      ? 
_reflns_shell.pdbx_diffrn_id         ? 
_reflns_shell.pdbx_ordinal           1 
# 
_refine.entry_id                                 1MG6 
_refine.ls_d_res_high                            1.6 
_refine.ls_d_res_low                             30.0 
_refine.pdbx_ls_sigma_F                          2.0 
_refine.pdbx_ls_sigma_I                          2.0 
_refine.ls_number_reflns_all                     14384 
_refine.ls_number_reflns_obs                     13205 
_refine.ls_number_reflns_R_free                  1320 
_refine.ls_percent_reflns_obs                    91.8 
_refine.ls_R_factor_all                          0.237 
_refine.ls_R_factor_obs                          0.221 
_refine.ls_R_factor_R_work                       0.197 
_refine.ls_R_factor_R_free                       0.209 
_refine.ls_redundancy_reflns_obs                 ? 
_refine.pdbx_data_cutoff_high_absF               ? 
_refine.pdbx_data_cutoff_low_absF                ? 
_refine.ls_number_parameters                     ? 
_refine.ls_number_restraints                     ? 
_refine.ls_percent_reflns_R_free                 ? 
_refine.ls_R_factor_R_free_error                 ? 
_refine.ls_R_factor_R_free_error_details         ? 
_refine.pdbx_method_to_determine_struct          'MOLECULAR REPLACEMENT' 
_refine.pdbx_starting_model                      'PDB ENTRY 1CLP' 
_refine.pdbx_ls_cross_valid_method               ? 
_refine.pdbx_R_Free_selection_details            RANDOM 
_refine.pdbx_stereochem_target_val_spec_case     ? 
_refine.pdbx_stereochemistry_target_values       'Engh & Huber' 
_refine.solvent_model_details                    ? 
_refine.solvent_model_param_bsol                 ? 
_refine.solvent_model_param_ksol                 ? 
_refine.occupancy_max                            ? 
_refine.occupancy_min                            ? 
_refine.pdbx_isotropic_thermal_model             ? 
_refine.B_iso_mean                               ? 
_refine.aniso_B[1][1]                            ? 
_refine.aniso_B[1][2]                            ? 
_refine.aniso_B[1][3]                            ? 
_refine.aniso_B[2][2]                            ? 
_refine.aniso_B[2][3]                            ? 
_refine.aniso_B[3][3]                            ? 
_refine.details                                  ? 
_refine.B_iso_min                                ? 
_refine.B_iso_max                                ? 
_refine.correlation_coeff_Fo_to_Fc               ? 
_refine.correlation_coeff_Fo_to_Fc_free          ? 
_refine.pdbx_solvent_vdw_probe_radii             ? 
_refine.pdbx_solvent_ion_probe_radii             ? 
_refine.pdbx_solvent_shrinkage_radii             ? 
_refine.overall_SU_R_Cruickshank_DPI             ? 
_refine.overall_SU_R_free                        ? 
_refine.overall_SU_B                             ? 
_refine.overall_SU_ML                            ? 
_refine.pdbx_overall_ESU_R                       ? 
_refine.pdbx_overall_ESU_R_Free                  ? 
_refine.pdbx_data_cutoff_high_rms_absF           ? 
_refine.pdbx_refine_id                           'X-RAY DIFFRACTION' 
_refine.pdbx_diffrn_id                           1 
_refine.pdbx_TLS_residual_ADP_flag               ? 
_refine.pdbx_overall_phase_error                 ? 
_refine.pdbx_overall_SU_R_free_Cruickshank_DPI   ? 
_refine.pdbx_overall_SU_R_Blow_DPI               ? 
_refine.pdbx_overall_SU_R_free_Blow_DPI          ? 
# 
_refine_analyze.entry_id                        1MG6 
_refine_analyze.Luzzati_coordinate_error_obs    0.018 
_refine_analyze.Luzzati_sigma_a_obs             ? 
_refine_analyze.Luzzati_d_res_low_obs           ? 
_refine_analyze.Luzzati_coordinate_error_free   ? 
_refine_analyze.Luzzati_sigma_a_free            ? 
_refine_analyze.Luzzati_d_res_low_free          ? 
_refine_analyze.number_disordered_residues      ? 
_refine_analyze.occupancy_sum_non_hydrogen      ? 
_refine_analyze.occupancy_sum_hydrogen          ? 
_refine_analyze.pdbx_Luzzati_d_res_high_obs     ? 
_refine_analyze.pdbx_refine_id                  'X-RAY DIFFRACTION' 
# 
_refine_hist.pdbx_refine_id                   'X-RAY DIFFRACTION' 
_refine_hist.cycle_id                         LAST 
_refine_hist.pdbx_number_atoms_protein        959 
_refine_hist.pdbx_number_atoms_nucleic_acid   0 
_refine_hist.pdbx_number_atoms_ligand         0 
_refine_hist.number_atoms_solvent             112 
_refine_hist.number_atoms_total               1071 
_refine_hist.d_res_high                       1.6 
_refine_hist.d_res_low                        30.0 
# 
_struct.entry_id                  1MG6 
_struct.title                     'The Crystal Structure of a K49 PLA2 from the Snake Venom of Agkistrodon acutus' 
_struct.pdbx_model_details        ? 
_struct.pdbx_CASP_flag            ? 
_struct.pdbx_model_type_details   ? 
# 
_struct_keywords.entry_id        1MG6 
_struct_keywords.pdbx_keywords   HYDROLASE 
_struct_keywords.text            'PLA2, HYDROLASE' 
# 
loop_
_struct_asym.id 
_struct_asym.pdbx_blank_PDB_chainid_flag 
_struct_asym.pdbx_modified 
_struct_asym.entity_id 
_struct_asym.details 
A N N 1 ? 
B N N 2 ? 
# 
_struct_ref.id                         1 
_struct_ref.db_name                    UNP 
_struct_ref.db_code                    PA2H_AGKAC 
_struct_ref.entity_id                  1 
_struct_ref.pdbx_seq_one_letter_code   
;SLFELGKMIWQETGKNPVKNYGLYGCNCGVGGRGEPLDATDRCCFVHKCCYKKLTDCDSKKDRYSYKWKNKAIVCGKNQP
CMQEMCECDKAFAICLRENLDTYNKSFRYHLKPSCKKTSEQC
;
_struct_ref.pdbx_align_begin           17 
_struct_ref.pdbx_db_accession          O57385 
_struct_ref.pdbx_db_isoform            ? 
# 
_struct_ref_seq.align_id                      1 
_struct_ref_seq.ref_id                        1 
_struct_ref_seq.pdbx_PDB_id_code              1MG6 
_struct_ref_seq.pdbx_strand_id                A 
_struct_ref_seq.seq_align_beg                 1 
_struct_ref_seq.pdbx_seq_align_beg_ins_code   ? 
_struct_ref_seq.seq_align_end                 122 
_struct_ref_seq.pdbx_seq_align_end_ins_code   ? 
_struct_ref_seq.pdbx_db_accession             O57385 
_struct_ref_seq.db_align_beg                  17 
_struct_ref_seq.pdbx_db_align_beg_ins_code    ? 
_struct_ref_seq.db_align_end                  138 
_struct_ref_seq.pdbx_db_align_end_ins_code    ? 
_struct_ref_seq.pdbx_auth_seq_align_beg       1 
_struct_ref_seq.pdbx_auth_seq_align_end       134 
# 
_pdbx_struct_assembly.id                   1 
_pdbx_struct_assembly.details              author_defined_assembly 
_pdbx_struct_assembly.method_details       ? 
_pdbx_struct_assembly.oligomeric_details   monomeric 
_pdbx_struct_assembly.oligomeric_count     1 
# 
_pdbx_struct_assembly_gen.assembly_id       1 
_pdbx_struct_assembly_gen.oper_expression   1 
_pdbx_struct_assembly_gen.asym_id_list      A,B 
# 
_pdbx_struct_oper_list.id                   1 
_pdbx_struct_oper_list.type                 'identity operation' 
_pdbx_struct_oper_list.name                 1_555 
_pdbx_struct_oper_list.symmetry_operation   x,y,z 
_pdbx_struct_oper_list.matrix[1][1]         1.0000000000 
_pdbx_struct_oper_list.matrix[1][2]         0.0000000000 
_pdbx_struct_oper_list.matrix[1][3]         0.0000000000 
_pdbx_struct_oper_list.vector[1]            0.0000000000 
_pdbx_struct_oper_list.matrix[2][1]         0.0000000000 
_pdbx_struct_oper_list.matrix[2][2]         1.0000000000 
_pdbx_struct_oper_list.matrix[2][3]         0.0000000000 
_pdbx_struct_oper_list.vector[2]            0.0000000000 
_pdbx_struct_oper_list.matrix[3][1]         0.0000000000 
_pdbx_struct_oper_list.matrix[3][2]         0.0000000000 
_pdbx_struct_oper_list.matrix[3][3]         1.0000000000 
_pdbx_struct_oper_list.vector[3]            0.0000000000 
# 
_struct_biol.id                    1 
_struct_biol.pdbx_parent_biol_id   ? 
_struct_biol.details               ? 
# 
loop_
_struct_conf.conf_type_id 
_struct_conf.id 
_struct_conf.pdbx_PDB_helix_id 
_struct_conf.beg_label_comp_id 
_struct_conf.beg_label_asym_id 
_struct_conf.beg_label_seq_id 
_struct_conf.pdbx_beg_PDB_ins_code 
_struct_conf.end_label_comp_id 
_struct_conf.end_label_asym_id 
_struct_conf.end_label_seq_id 
_struct_conf.pdbx_end_PDB_ins_code 
_struct_conf.beg_auth_comp_id 
_struct_conf.beg_auth_asym_id 
_struct_conf.beg_auth_seq_id 
_struct_conf.end_auth_comp_id 
_struct_conf.end_auth_asym_id 
_struct_conf.end_auth_seq_id 
_struct_conf.pdbx_PDB_helix_class 
_struct_conf.details 
_struct_conf.pdbx_PDB_helix_length 
HELX_P HELX_P1 1 SER A 1   ? GLY A 14  ? SER A 1   GLY A 14  1 ? 14 
HELX_P HELX_P2 2 ASN A 16  ? GLY A 22  ? ASN A 16  GLY A 23  1 ? 7  
HELX_P HELX_P3 3 ASP A 38  ? TYR A 51  ? ASP A 39  TYR A 52  1 ? 14 
HELX_P HELX_P4 4 LYS A 52  ? LEU A 54  ? LYS A 53  LEU A 58  5 ? 3  
HELX_P HELX_P5 5 GLN A 79  ? ASN A 99  ? GLN A 89  ASN A 109 1 ? 21 
HELX_P HELX_P6 6 LEU A 100 ? TYR A 103 ? LEU A 110 TYR A 113 5 ? 4  
HELX_P HELX_P7 7 ASN A 104 ? ARG A 108 ? ASN A 114 ARG A 118 5 ? 5  
HELX_P HELX_P8 8 LEU A 111 ? CYS A 115 ? LEU A 121 CYS A 125 5 ? 5  
# 
_struct_conf_type.id          HELX_P 
_struct_conf_type.criteria    ? 
_struct_conf_type.reference   ? 
# 
loop_
_struct_conn.id 
_struct_conn.conn_type_id 
_struct_conn.pdbx_leaving_atom_flag 
_struct_conn.pdbx_PDB_id 
_struct_conn.ptnr1_label_asym_id 
_struct_conn.ptnr1_label_comp_id 
_struct_conn.ptnr1_label_seq_id 
_struct_conn.ptnr1_label_atom_id 
_struct_conn.pdbx_ptnr1_label_alt_id 
_struct_conn.pdbx_ptnr1_PDB_ins_code 
_struct_conn.pdbx_ptnr1_standard_comp_id 
_struct_conn.ptnr1_symmetry 
_struct_conn.ptnr2_label_asym_id 
_struct_conn.ptnr2_label_comp_id 
_struct_conn.ptnr2_label_seq_id 
_struct_conn.ptnr2_label_atom_id 
_struct_conn.pdbx_ptnr2_label_alt_id 
_struct_conn.pdbx_ptnr2_PDB_ins_code 
_struct_conn.ptnr1_auth_asym_id 
_struct_conn.ptnr1_auth_comp_id 
_struct_conn.ptnr1_auth_seq_id 
_struct_conn.ptnr2_auth_asym_id 
_struct_conn.ptnr2_auth_comp_id 
_struct_conn.ptnr2_auth_seq_id 
_struct_conn.ptnr2_symmetry 
_struct_conn.pdbx_ptnr3_label_atom_id 
_struct_conn.pdbx_ptnr3_label_seq_id 
_struct_conn.pdbx_ptnr3_label_comp_id 
_struct_conn.pdbx_ptnr3_label_asym_id 
_struct_conn.pdbx_ptnr3_label_alt_id 
_struct_conn.pdbx_ptnr3_PDB_ins_code 
_struct_conn.details 
_struct_conn.pdbx_dist_value 
_struct_conn.pdbx_value_order 
_struct_conn.pdbx_role 
disulf1 disulf ? ? A CYS 26 SG ? ? ? 1_555 A CYS 115 SG ? ? A CYS 27 A CYS 125 1_555 ? ? ? ? ? ? ? 2.670 ? ? 
disulf2 disulf ? ? A CYS 28 SG ? ? ? 1_555 A CYS 44  SG ? ? A CYS 29 A CYS 45  1_555 ? ? ? ? ? ? ? 2.471 ? ? 
disulf3 disulf ? ? A CYS 43 SG ? ? ? 1_555 A CYS 95  SG ? ? A CYS 44 A CYS 105 1_555 ? ? ? ? ? ? ? 2.522 ? ? 
disulf4 disulf ? ? A CYS 49 SG ? ? ? 1_555 A CYS 122 SG ? ? A CYS 50 A CYS 134 1_555 ? ? ? ? ? ? ? 2.620 ? ? 
disulf5 disulf ? ? A CYS 50 SG ? ? ? 1_555 A CYS 88  SG ? ? A CYS 51 A CYS 98  1_555 ? ? ? ? ? ? ? 2.544 ? ? 
disulf6 disulf ? ? A CYS 57 SG ? ? ? 1_555 A CYS 81  SG ? ? A CYS 61 A CYS 91  1_555 ? ? ? ? ? ? ? 2.590 ? ? 
disulf7 disulf ? ? A CYS 75 SG ? ? ? 1_555 A CYS 86  SG ? ? A CYS 84 A CYS 96  1_555 ? ? ? ? ? ? ? 2.559 ? ? 
# 
_struct_conn_type.id          disulf 
_struct_conn_type.criteria    ? 
_struct_conn_type.reference   ? 
# 
loop_
_pdbx_modification_feature.ordinal 
_pdbx_modification_feature.label_comp_id 
_pdbx_modification_feature.label_asym_id 
_pdbx_modification_feature.label_seq_id 
_pdbx_modification_feature.label_alt_id 
_pdbx_modification_feature.modified_residue_label_comp_id 
_pdbx_modification_feature.modified_residue_label_asym_id 
_pdbx_modification_feature.modified_residue_label_seq_id 
_pdbx_modification_feature.modified_residue_label_alt_id 
_pdbx_modification_feature.auth_comp_id 
_pdbx_modification_feature.auth_asym_id 
_pdbx_modification_feature.auth_seq_id 
_pdbx_modification_feature.PDB_ins_code 
_pdbx_modification_feature.symmetry 
_pdbx_modification_feature.modified_residue_auth_comp_id 
_pdbx_modification_feature.modified_residue_auth_asym_id 
_pdbx_modification_feature.modified_residue_auth_seq_id 
_pdbx_modification_feature.modified_residue_PDB_ins_code 
_pdbx_modification_feature.modified_residue_symmetry 
_pdbx_modification_feature.comp_id_linking_atom 
_pdbx_modification_feature.modified_residue_id_linking_atom 
_pdbx_modification_feature.modified_residue_id 
_pdbx_modification_feature.ref_pcm_id 
_pdbx_modification_feature.ref_comp_id 
_pdbx_modification_feature.type 
_pdbx_modification_feature.category 
1 CYS A 26 ? CYS A 115 ? CYS A 27 ? 1_555 CYS A 125 ? 1_555 SG SG . . . None 'Disulfide bridge' 
2 CYS A 28 ? CYS A 44  ? CYS A 29 ? 1_555 CYS A 45  ? 1_555 SG SG . . . None 'Disulfide bridge' 
3 CYS A 43 ? CYS A 95  ? CYS A 44 ? 1_555 CYS A 105 ? 1_555 SG SG . . . None 'Disulfide bridge' 
4 CYS A 49 ? CYS A 122 ? CYS A 50 ? 1_555 CYS A 134 ? 1_555 SG SG . . . None 'Disulfide bridge' 
5 CYS A 50 ? CYS A 88  ? CYS A 51 ? 1_555 CYS A 98  ? 1_555 SG SG . . . None 'Disulfide bridge' 
6 CYS A 57 ? CYS A 81  ? CYS A 61 ? 1_555 CYS A 91  ? 1_555 SG SG . . . None 'Disulfide bridge' 
7 CYS A 75 ? CYS A 86  ? CYS A 84 ? 1_555 CYS A 96  ? 1_555 SG SG . . . None 'Disulfide bridge' 
# 
_struct_sheet.id               A 
_struct_sheet.type             ? 
_struct_sheet.number_strands   2 
_struct_sheet.details          ? 
# 
_struct_sheet_order.sheet_id     A 
_struct_sheet_order.range_id_1   1 
_struct_sheet_order.range_id_2   2 
_struct_sheet_order.offset       ? 
_struct_sheet_order.sense        anti-parallel 
# 
loop_
_struct_sheet_range.sheet_id 
_struct_sheet_range.id 
_struct_sheet_range.beg_label_comp_id 
_struct_sheet_range.beg_label_asym_id 
_struct_sheet_range.beg_label_seq_id 
_struct_sheet_range.pdbx_beg_PDB_ins_code 
_struct_sheet_range.end_label_comp_id 
_struct_sheet_range.end_label_asym_id 
_struct_sheet_range.end_label_seq_id 
_struct_sheet_range.pdbx_end_PDB_ins_code 
_struct_sheet_range.beg_auth_comp_id 
_struct_sheet_range.beg_auth_asym_id 
_struct_sheet_range.beg_auth_seq_id 
_struct_sheet_range.end_auth_comp_id 
_struct_sheet_range.end_auth_asym_id 
_struct_sheet_range.end_auth_seq_id 
A 1 TYR A 66 ? LYS A 69 ? TYR A 75 LYS A 78 
A 2 ALA A 72 ? CYS A 75 ? ALA A 81 CYS A 84 
# 
_pdbx_struct_sheet_hbond.sheet_id                A 
_pdbx_struct_sheet_hbond.range_id_1              1 
_pdbx_struct_sheet_hbond.range_id_2              2 
_pdbx_struct_sheet_hbond.range_1_label_atom_id   N 
_pdbx_struct_sheet_hbond.range_1_label_comp_id   LYS 
_pdbx_struct_sheet_hbond.range_1_label_asym_id   A 
_pdbx_struct_sheet_hbond.range_1_label_seq_id    67 
_pdbx_struct_sheet_hbond.range_1_PDB_ins_code    ? 
_pdbx_struct_sheet_hbond.range_1_auth_atom_id    N 
_pdbx_struct_sheet_hbond.range_1_auth_comp_id    LYS 
_pdbx_struct_sheet_hbond.range_1_auth_asym_id    A 
_pdbx_struct_sheet_hbond.range_1_auth_seq_id     76 
_pdbx_struct_sheet_hbond.range_2_label_atom_id   O 
_pdbx_struct_sheet_hbond.range_2_label_comp_id   VAL 
_pdbx_struct_sheet_hbond.range_2_label_asym_id   A 
_pdbx_struct_sheet_hbond.range_2_label_seq_id    74 
_pdbx_struct_sheet_hbond.range_2_PDB_ins_code    ? 
_pdbx_struct_sheet_hbond.range_2_auth_atom_id    O 
_pdbx_struct_sheet_hbond.range_2_auth_comp_id    VAL 
_pdbx_struct_sheet_hbond.range_2_auth_asym_id    A 
_pdbx_struct_sheet_hbond.range_2_auth_seq_id     83 
# 
_pdbx_entry_details.entry_id                   1MG6 
_pdbx_entry_details.compound_details           ? 
_pdbx_entry_details.source_details             ? 
_pdbx_entry_details.nonpolymer_details         ? 
_pdbx_entry_details.sequence_details           ? 
_pdbx_entry_details.has_ligand_of_interest     ? 
_pdbx_entry_details.has_protein_modification   Y 
# 
_pdbx_validate_close_contact.id               1 
_pdbx_validate_close_contact.PDB_model_num    1 
_pdbx_validate_close_contact.auth_atom_id_1   OD1 
_pdbx_validate_close_contact.auth_asym_id_1   A 
_pdbx_validate_close_contact.auth_comp_id_1   ASP 
_pdbx_validate_close_contact.auth_seq_id_1    60 
_pdbx_validate_close_contact.PDB_ins_code_1   ? 
_pdbx_validate_close_contact.label_alt_id_1   ? 
_pdbx_validate_close_contact.auth_atom_id_2   O 
_pdbx_validate_close_contact.auth_asym_id_2   A 
_pdbx_validate_close_contact.auth_comp_id_2   HOH 
_pdbx_validate_close_contact.auth_seq_id_2    266 
_pdbx_validate_close_contact.PDB_ins_code_2   ? 
_pdbx_validate_close_contact.label_alt_id_2   ? 
_pdbx_validate_close_contact.dist             2.17 
# 
_pdbx_validate_torsion.id              1 
_pdbx_validate_torsion.PDB_model_num   1 
_pdbx_validate_torsion.auth_comp_id    LEU 
_pdbx_validate_torsion.auth_asym_id    A 
_pdbx_validate_torsion.auth_seq_id     24 
_pdbx_validate_torsion.PDB_ins_code    ? 
_pdbx_validate_torsion.label_alt_id    ? 
_pdbx_validate_torsion.phi             -142.17 
_pdbx_validate_torsion.psi             19.61 
# 
loop_
_pdbx_struct_special_symmetry.id 
_pdbx_struct_special_symmetry.PDB_model_num 
_pdbx_struct_special_symmetry.auth_asym_id 
_pdbx_struct_special_symmetry.auth_comp_id 
_pdbx_struct_special_symmetry.auth_seq_id 
_pdbx_struct_special_symmetry.PDB_ins_code 
_pdbx_struct_special_symmetry.label_asym_id 
_pdbx_struct_special_symmetry.label_comp_id 
_pdbx_struct_special_symmetry.label_seq_id 
1 1 A HOH 238 ? B HOH . 
2 1 A HOH 501 ? B HOH . 
# 
loop_
_chem_comp_atom.comp_id 
_chem_comp_atom.atom_id 
_chem_comp_atom.type_symbol 
_chem_comp_atom.pdbx_aromatic_flag 
_chem_comp_atom.pdbx_stereo_config 
_chem_comp_atom.pdbx_ordinal 
ALA N    N N N 1   
ALA CA   C N S 2   
ALA C    C N N 3   
ALA O    O N N 4   
ALA CB   C N N 5   
ALA OXT  O N N 6   
ALA H    H N N 7   
ALA H2   H N N 8   
ALA HA   H N N 9   
ALA HB1  H N N 10  
ALA HB2  H N N 11  
ALA HB3  H N N 12  
ALA HXT  H N N 13  
ARG N    N N N 14  
ARG CA   C N S 15  
ARG C    C N N 16  
ARG O    O N N 17  
ARG CB   C N N 18  
ARG CG   C N N 19  
ARG CD   C N N 20  
ARG NE   N N N 21  
ARG CZ   C N N 22  
ARG NH1  N N N 23  
ARG NH2  N N N 24  
ARG OXT  O N N 25  
ARG H    H N N 26  
ARG H2   H N N 27  
ARG HA   H N N 28  
ARG HB2  H N N 29  
ARG HB3  H N N 30  
ARG HG2  H N N 31  
ARG HG3  H N N 32  
ARG HD2  H N N 33  
ARG HD3  H N N 34  
ARG HE   H N N 35  
ARG HH11 H N N 36  
ARG HH12 H N N 37  
ARG HH21 H N N 38  
ARG HH22 H N N 39  
ARG HXT  H N N 40  
ASN N    N N N 41  
ASN CA   C N S 42  
ASN C    C N N 43  
ASN O    O N N 44  
ASN CB   C N N 45  
ASN CG   C N N 46  
ASN OD1  O N N 47  
ASN ND2  N N N 48  
ASN OXT  O N N 49  
ASN H    H N N 50  
ASN H2   H N N 51  
ASN HA   H N N 52  
ASN HB2  H N N 53  
ASN HB3  H N N 54  
ASN HD21 H N N 55  
ASN HD22 H N N 56  
ASN HXT  H N N 57  
ASP N    N N N 58  
ASP CA   C N S 59  
ASP C    C N N 60  
ASP O    O N N 61  
ASP CB   C N N 62  
ASP CG   C N N 63  
ASP OD1  O N N 64  
ASP OD2  O N N 65  
ASP OXT  O N N 66  
ASP H    H N N 67  
ASP H2   H N N 68  
ASP HA   H N N 69  
ASP HB2  H N N 70  
ASP HB3  H N N 71  
ASP HD2  H N N 72  
ASP HXT  H N N 73  
CYS N    N N N 74  
CYS CA   C N R 75  
CYS C    C N N 76  
CYS O    O N N 77  
CYS CB   C N N 78  
CYS SG   S N N 79  
CYS OXT  O N N 80  
CYS H    H N N 81  
CYS H2   H N N 82  
CYS HA   H N N 83  
CYS HB2  H N N 84  
CYS HB3  H N N 85  
CYS HG   H N N 86  
CYS HXT  H N N 87  
GLN N    N N N 88  
GLN CA   C N S 89  
GLN C    C N N 90  
GLN O    O N N 91  
GLN CB   C N N 92  
GLN CG   C N N 93  
GLN CD   C N N 94  
GLN OE1  O N N 95  
GLN NE2  N N N 96  
GLN OXT  O N N 97  
GLN H    H N N 98  
GLN H2   H N N 99  
GLN HA   H N N 100 
GLN HB2  H N N 101 
GLN HB3  H N N 102 
GLN HG2  H N N 103 
GLN HG3  H N N 104 
GLN HE21 H N N 105 
GLN HE22 H N N 106 
GLN HXT  H N N 107 
GLU N    N N N 108 
GLU CA   C N S 109 
GLU C    C N N 110 
GLU O    O N N 111 
GLU CB   C N N 112 
GLU CG   C N N 113 
GLU CD   C N N 114 
GLU OE1  O N N 115 
GLU OE2  O N N 116 
GLU OXT  O N N 117 
GLU H    H N N 118 
GLU H2   H N N 119 
GLU HA   H N N 120 
GLU HB2  H N N 121 
GLU HB3  H N N 122 
GLU HG2  H N N 123 
GLU HG3  H N N 124 
GLU HE2  H N N 125 
GLU HXT  H N N 126 
GLY N    N N N 127 
GLY CA   C N N 128 
GLY C    C N N 129 
GLY O    O N N 130 
GLY OXT  O N N 131 
GLY H    H N N 132 
GLY H2   H N N 133 
GLY HA2  H N N 134 
GLY HA3  H N N 135 
GLY HXT  H N N 136 
HIS N    N N N 137 
HIS CA   C N S 138 
HIS C    C N N 139 
HIS O    O N N 140 
HIS CB   C N N 141 
HIS CG   C Y N 142 
HIS ND1  N Y N 143 
HIS CD2  C Y N 144 
HIS CE1  C Y N 145 
HIS NE2  N Y N 146 
HIS OXT  O N N 147 
HIS H    H N N 148 
HIS H2   H N N 149 
HIS HA   H N N 150 
HIS HB2  H N N 151 
HIS HB3  H N N 152 
HIS HD1  H N N 153 
HIS HD2  H N N 154 
HIS HE1  H N N 155 
HIS HE2  H N N 156 
HIS HXT  H N N 157 
HOH O    O N N 158 
HOH H1   H N N 159 
HOH H2   H N N 160 
ILE N    N N N 161 
ILE CA   C N S 162 
ILE C    C N N 163 
ILE O    O N N 164 
ILE CB   C N S 165 
ILE CG1  C N N 166 
ILE CG2  C N N 167 
ILE CD1  C N N 168 
ILE OXT  O N N 169 
ILE H    H N N 170 
ILE H2   H N N 171 
ILE HA   H N N 172 
ILE HB   H N N 173 
ILE HG12 H N N 174 
ILE HG13 H N N 175 
ILE HG21 H N N 176 
ILE HG22 H N N 177 
ILE HG23 H N N 178 
ILE HD11 H N N 179 
ILE HD12 H N N 180 
ILE HD13 H N N 181 
ILE HXT  H N N 182 
LEU N    N N N 183 
LEU CA   C N S 184 
LEU C    C N N 185 
LEU O    O N N 186 
LEU CB   C N N 187 
LEU CG   C N N 188 
LEU CD1  C N N 189 
LEU CD2  C N N 190 
LEU OXT  O N N 191 
LEU H    H N N 192 
LEU H2   H N N 193 
LEU HA   H N N 194 
LEU HB2  H N N 195 
LEU HB3  H N N 196 
LEU HG   H N N 197 
LEU HD11 H N N 198 
LEU HD12 H N N 199 
LEU HD13 H N N 200 
LEU HD21 H N N 201 
LEU HD22 H N N 202 
LEU HD23 H N N 203 
LEU HXT  H N N 204 
LYS N    N N N 205 
LYS CA   C N S 206 
LYS C    C N N 207 
LYS O    O N N 208 
LYS CB   C N N 209 
LYS CG   C N N 210 
LYS CD   C N N 211 
LYS CE   C N N 212 
LYS NZ   N N N 213 
LYS OXT  O N N 214 
LYS H    H N N 215 
LYS H2   H N N 216 
LYS HA   H N N 217 
LYS HB2  H N N 218 
LYS HB3  H N N 219 
LYS HG2  H N N 220 
LYS HG3  H N N 221 
LYS HD2  H N N 222 
LYS HD3  H N N 223 
LYS HE2  H N N 224 
LYS HE3  H N N 225 
LYS HZ1  H N N 226 
LYS HZ2  H N N 227 
LYS HZ3  H N N 228 
LYS HXT  H N N 229 
MET N    N N N 230 
MET CA   C N S 231 
MET C    C N N 232 
MET O    O N N 233 
MET CB   C N N 234 
MET CG   C N N 235 
MET SD   S N N 236 
MET CE   C N N 237 
MET OXT  O N N 238 
MET H    H N N 239 
MET H2   H N N 240 
MET HA   H N N 241 
MET HB2  H N N 242 
MET HB3  H N N 243 
MET HG2  H N N 244 
MET HG3  H N N 245 
MET HE1  H N N 246 
MET HE2  H N N 247 
MET HE3  H N N 248 
MET HXT  H N N 249 
PHE N    N N N 250 
PHE CA   C N S 251 
PHE C    C N N 252 
PHE O    O N N 253 
PHE CB   C N N 254 
PHE CG   C Y N 255 
PHE CD1  C Y N 256 
PHE CD2  C Y N 257 
PHE CE1  C Y N 258 
PHE CE2  C Y N 259 
PHE CZ   C Y N 260 
PHE OXT  O N N 261 
PHE H    H N N 262 
PHE H2   H N N 263 
PHE HA   H N N 264 
PHE HB2  H N N 265 
PHE HB3  H N N 266 
PHE HD1  H N N 267 
PHE HD2  H N N 268 
PHE HE1  H N N 269 
PHE HE2  H N N 270 
PHE HZ   H N N 271 
PHE HXT  H N N 272 
PRO N    N N N 273 
PRO CA   C N S 274 
PRO C    C N N 275 
PRO O    O N N 276 
PRO CB   C N N 277 
PRO CG   C N N 278 
PRO CD   C N N 279 
PRO OXT  O N N 280 
PRO H    H N N 281 
PRO HA   H N N 282 
PRO HB2  H N N 283 
PRO HB3  H N N 284 
PRO HG2  H N N 285 
PRO HG3  H N N 286 
PRO HD2  H N N 287 
PRO HD3  H N N 288 
PRO HXT  H N N 289 
SER N    N N N 290 
SER CA   C N S 291 
SER C    C N N 292 
SER O    O N N 293 
SER CB   C N N 294 
SER OG   O N N 295 
SER OXT  O N N 296 
SER H    H N N 297 
SER H2   H N N 298 
SER HA   H N N 299 
SER HB2  H N N 300 
SER HB3  H N N 301 
SER HG   H N N 302 
SER HXT  H N N 303 
THR N    N N N 304 
THR CA   C N S 305 
THR C    C N N 306 
THR O    O N N 307 
THR CB   C N R 308 
THR OG1  O N N 309 
THR CG2  C N N 310 
THR OXT  O N N 311 
THR H    H N N 312 
THR H2   H N N 313 
THR HA   H N N 314 
THR HB   H N N 315 
THR HG1  H N N 316 
THR HG21 H N N 317 
THR HG22 H N N 318 
THR HG23 H N N 319 
THR HXT  H N N 320 
TRP N    N N N 321 
TRP CA   C N S 322 
TRP C    C N N 323 
TRP O    O N N 324 
TRP CB   C N N 325 
TRP CG   C Y N 326 
TRP CD1  C Y N 327 
TRP CD2  C Y N 328 
TRP NE1  N Y N 329 
TRP CE2  C Y N 330 
TRP CE3  C Y N 331 
TRP CZ2  C Y N 332 
TRP CZ3  C Y N 333 
TRP CH2  C Y N 334 
TRP OXT  O N N 335 
TRP H    H N N 336 
TRP H2   H N N 337 
TRP HA   H N N 338 
TRP HB2  H N N 339 
TRP HB3  H N N 340 
TRP HD1  H N N 341 
TRP HE1  H N N 342 
TRP HE3  H N N 343 
TRP HZ2  H N N 344 
TRP HZ3  H N N 345 
TRP HH2  H N N 346 
TRP HXT  H N N 347 
TYR N    N N N 348 
TYR CA   C N S 349 
TYR C    C N N 350 
TYR O    O N N 351 
TYR CB   C N N 352 
TYR CG   C Y N 353 
TYR CD1  C Y N 354 
TYR CD2  C Y N 355 
TYR CE1  C Y N 356 
TYR CE2  C Y N 357 
TYR CZ   C Y N 358 
TYR OH   O N N 359 
TYR OXT  O N N 360 
TYR H    H N N 361 
TYR H2   H N N 362 
TYR HA   H N N 363 
TYR HB2  H N N 364 
TYR HB3  H N N 365 
TYR HD1  H N N 366 
TYR HD2  H N N 367 
TYR HE1  H N N 368 
TYR HE2  H N N 369 
TYR HH   H N N 370 
TYR HXT  H N N 371 
VAL N    N N N 372 
VAL CA   C N S 373 
VAL C    C N N 374 
VAL O    O N N 375 
VAL CB   C N N 376 
VAL CG1  C N N 377 
VAL CG2  C N N 378 
VAL OXT  O N N 379 
VAL H    H N N 380 
VAL H2   H N N 381 
VAL HA   H N N 382 
VAL HB   H N N 383 
VAL HG11 H N N 384 
VAL HG12 H N N 385 
VAL HG13 H N N 386 
VAL HG21 H N N 387 
VAL HG22 H N N 388 
VAL HG23 H N N 389 
VAL HXT  H N N 390 
# 
loop_
_chem_comp_bond.comp_id 
_chem_comp_bond.atom_id_1 
_chem_comp_bond.atom_id_2 
_chem_comp_bond.value_order 
_chem_comp_bond.pdbx_aromatic_flag 
_chem_comp_bond.pdbx_stereo_config 
_chem_comp_bond.pdbx_ordinal 
ALA N   CA   sing N N 1   
ALA N   H    sing N N 2   
ALA N   H2   sing N N 3   
ALA CA  C    sing N N 4   
ALA CA  CB   sing N N 5   
ALA CA  HA   sing N N 6   
ALA C   O    doub N N 7   
ALA C   OXT  sing N N 8   
ALA CB  HB1  sing N N 9   
ALA CB  HB2  sing N N 10  
ALA CB  HB3  sing N N 11  
ALA OXT HXT  sing N N 12  
ARG N   CA   sing N N 13  
ARG N   H    sing N N 14  
ARG N   H2   sing N N 15  
ARG CA  C    sing N N 16  
ARG CA  CB   sing N N 17  
ARG CA  HA   sing N N 18  
ARG C   O    doub N N 19  
ARG C   OXT  sing N N 20  
ARG CB  CG   sing N N 21  
ARG CB  HB2  sing N N 22  
ARG CB  HB3  sing N N 23  
ARG CG  CD   sing N N 24  
ARG CG  HG2  sing N N 25  
ARG CG  HG3  sing N N 26  
ARG CD  NE   sing N N 27  
ARG CD  HD2  sing N N 28  
ARG CD  HD3  sing N N 29  
ARG NE  CZ   sing N N 30  
ARG NE  HE   sing N N 31  
ARG CZ  NH1  sing N N 32  
ARG CZ  NH2  doub N N 33  
ARG NH1 HH11 sing N N 34  
ARG NH1 HH12 sing N N 35  
ARG NH2 HH21 sing N N 36  
ARG NH2 HH22 sing N N 37  
ARG OXT HXT  sing N N 38  
ASN N   CA   sing N N 39  
ASN N   H    sing N N 40  
ASN N   H2   sing N N 41  
ASN CA  C    sing N N 42  
ASN CA  CB   sing N N 43  
ASN CA  HA   sing N N 44  
ASN C   O    doub N N 45  
ASN C   OXT  sing N N 46  
ASN CB  CG   sing N N 47  
ASN CB  HB2  sing N N 48  
ASN CB  HB3  sing N N 49  
ASN CG  OD1  doub N N 50  
ASN CG  ND2  sing N N 51  
ASN ND2 HD21 sing N N 52  
ASN ND2 HD22 sing N N 53  
ASN OXT HXT  sing N N 54  
ASP N   CA   sing N N 55  
ASP N   H    sing N N 56  
ASP N   H2   sing N N 57  
ASP CA  C    sing N N 58  
ASP CA  CB   sing N N 59  
ASP CA  HA   sing N N 60  
ASP C   O    doub N N 61  
ASP C   OXT  sing N N 62  
ASP CB  CG   sing N N 63  
ASP CB  HB2  sing N N 64  
ASP CB  HB3  sing N N 65  
ASP CG  OD1  doub N N 66  
ASP CG  OD2  sing N N 67  
ASP OD2 HD2  sing N N 68  
ASP OXT HXT  sing N N 69  
CYS N   CA   sing N N 70  
CYS N   H    sing N N 71  
CYS N   H2   sing N N 72  
CYS CA  C    sing N N 73  
CYS CA  CB   sing N N 74  
CYS CA  HA   sing N N 75  
CYS C   O    doub N N 76  
CYS C   OXT  sing N N 77  
CYS CB  SG   sing N N 78  
CYS CB  HB2  sing N N 79  
CYS CB  HB3  sing N N 80  
CYS SG  HG   sing N N 81  
CYS OXT HXT  sing N N 82  
GLN N   CA   sing N N 83  
GLN N   H    sing N N 84  
GLN N   H2   sing N N 85  
GLN CA  C    sing N N 86  
GLN CA  CB   sing N N 87  
GLN CA  HA   sing N N 88  
GLN C   O    doub N N 89  
GLN C   OXT  sing N N 90  
GLN CB  CG   sing N N 91  
GLN CB  HB2  sing N N 92  
GLN CB  HB3  sing N N 93  
GLN CG  CD   sing N N 94  
GLN CG  HG2  sing N N 95  
GLN CG  HG3  sing N N 96  
GLN CD  OE1  doub N N 97  
GLN CD  NE2  sing N N 98  
GLN NE2 HE21 sing N N 99  
GLN NE2 HE22 sing N N 100 
GLN OXT HXT  sing N N 101 
GLU N   CA   sing N N 102 
GLU N   H    sing N N 103 
GLU N   H2   sing N N 104 
GLU CA  C    sing N N 105 
GLU CA  CB   sing N N 106 
GLU CA  HA   sing N N 107 
GLU C   O    doub N N 108 
GLU C   OXT  sing N N 109 
GLU CB  CG   sing N N 110 
GLU CB  HB2  sing N N 111 
GLU CB  HB3  sing N N 112 
GLU CG  CD   sing N N 113 
GLU CG  HG2  sing N N 114 
GLU CG  HG3  sing N N 115 
GLU CD  OE1  doub N N 116 
GLU CD  OE2  sing N N 117 
GLU OE2 HE2  sing N N 118 
GLU OXT HXT  sing N N 119 
GLY N   CA   sing N N 120 
GLY N   H    sing N N 121 
GLY N   H2   sing N N 122 
GLY CA  C    sing N N 123 
GLY CA  HA2  sing N N 124 
GLY CA  HA3  sing N N 125 
GLY C   O    doub N N 126 
GLY C   OXT  sing N N 127 
GLY OXT HXT  sing N N 128 
HIS N   CA   sing N N 129 
HIS N   H    sing N N 130 
HIS N   H2   sing N N 131 
HIS CA  C    sing N N 132 
HIS CA  CB   sing N N 133 
HIS CA  HA   sing N N 134 
HIS C   O    doub N N 135 
HIS C   OXT  sing N N 136 
HIS CB  CG   sing N N 137 
HIS CB  HB2  sing N N 138 
HIS CB  HB3  sing N N 139 
HIS CG  ND1  sing Y N 140 
HIS CG  CD2  doub Y N 141 
HIS ND1 CE1  doub Y N 142 
HIS ND1 HD1  sing N N 143 
HIS CD2 NE2  sing Y N 144 
HIS CD2 HD2  sing N N 145 
HIS CE1 NE2  sing Y N 146 
HIS CE1 HE1  sing N N 147 
HIS NE2 HE2  sing N N 148 
HIS OXT HXT  sing N N 149 
HOH O   H1   sing N N 150 
HOH O   H2   sing N N 151 
ILE N   CA   sing N N 152 
ILE N   H    sing N N 153 
ILE N   H2   sing N N 154 
ILE CA  C    sing N N 155 
ILE CA  CB   sing N N 156 
ILE CA  HA   sing N N 157 
ILE C   O    doub N N 158 
ILE C   OXT  sing N N 159 
ILE CB  CG1  sing N N 160 
ILE CB  CG2  sing N N 161 
ILE CB  HB   sing N N 162 
ILE CG1 CD1  sing N N 163 
ILE CG1 HG12 sing N N 164 
ILE CG1 HG13 sing N N 165 
ILE CG2 HG21 sing N N 166 
ILE CG2 HG22 sing N N 167 
ILE CG2 HG23 sing N N 168 
ILE CD1 HD11 sing N N 169 
ILE CD1 HD12 sing N N 170 
ILE CD1 HD13 sing N N 171 
ILE OXT HXT  sing N N 172 
LEU N   CA   sing N N 173 
LEU N   H    sing N N 174 
LEU N   H2   sing N N 175 
LEU CA  C    sing N N 176 
LEU CA  CB   sing N N 177 
LEU CA  HA   sing N N 178 
LEU C   O    doub N N 179 
LEU C   OXT  sing N N 180 
LEU CB  CG   sing N N 181 
LEU CB  HB2  sing N N 182 
LEU CB  HB3  sing N N 183 
LEU CG  CD1  sing N N 184 
LEU CG  CD2  sing N N 185 
LEU CG  HG   sing N N 186 
LEU CD1 HD11 sing N N 187 
LEU CD1 HD12 sing N N 188 
LEU CD1 HD13 sing N N 189 
LEU CD2 HD21 sing N N 190 
LEU CD2 HD22 sing N N 191 
LEU CD2 HD23 sing N N 192 
LEU OXT HXT  sing N N 193 
LYS N   CA   sing N N 194 
LYS N   H    sing N N 195 
LYS N   H2   sing N N 196 
LYS CA  C    sing N N 197 
LYS CA  CB   sing N N 198 
LYS CA  HA   sing N N 199 
LYS C   O    doub N N 200 
LYS C   OXT  sing N N 201 
LYS CB  CG   sing N N 202 
LYS CB  HB2  sing N N 203 
LYS CB  HB3  sing N N 204 
LYS CG  CD   sing N N 205 
LYS CG  HG2  sing N N 206 
LYS CG  HG3  sing N N 207 
LYS CD  CE   sing N N 208 
LYS CD  HD2  sing N N 209 
LYS CD  HD3  sing N N 210 
LYS CE  NZ   sing N N 211 
LYS CE  HE2  sing N N 212 
LYS CE  HE3  sing N N 213 
LYS NZ  HZ1  sing N N 214 
LYS NZ  HZ2  sing N N 215 
LYS NZ  HZ3  sing N N 216 
LYS OXT HXT  sing N N 217 
MET N   CA   sing N N 218 
MET N   H    sing N N 219 
MET N   H2   sing N N 220 
MET CA  C    sing N N 221 
MET CA  CB   sing N N 222 
MET CA  HA   sing N N 223 
MET C   O    doub N N 224 
MET C   OXT  sing N N 225 
MET CB  CG   sing N N 226 
MET CB  HB2  sing N N 227 
MET CB  HB3  sing N N 228 
MET CG  SD   sing N N 229 
MET CG  HG2  sing N N 230 
MET CG  HG3  sing N N 231 
MET SD  CE   sing N N 232 
MET CE  HE1  sing N N 233 
MET CE  HE2  sing N N 234 
MET CE  HE3  sing N N 235 
MET OXT HXT  sing N N 236 
PHE N   CA   sing N N 237 
PHE N   H    sing N N 238 
PHE N   H2   sing N N 239 
PHE CA  C    sing N N 240 
PHE CA  CB   sing N N 241 
PHE CA  HA   sing N N 242 
PHE C   O    doub N N 243 
PHE C   OXT  sing N N 244 
PHE CB  CG   sing N N 245 
PHE CB  HB2  sing N N 246 
PHE CB  HB3  sing N N 247 
PHE CG  CD1  doub Y N 248 
PHE CG  CD2  sing Y N 249 
PHE CD1 CE1  sing Y N 250 
PHE CD1 HD1  sing N N 251 
PHE CD2 CE2  doub Y N 252 
PHE CD2 HD2  sing N N 253 
PHE CE1 CZ   doub Y N 254 
PHE CE1 HE1  sing N N 255 
PHE CE2 CZ   sing Y N 256 
PHE CE2 HE2  sing N N 257 
PHE CZ  HZ   sing N N 258 
PHE OXT HXT  sing N N 259 
PRO N   CA   sing N N 260 
PRO N   CD   sing N N 261 
PRO N   H    sing N N 262 
PRO CA  C    sing N N 263 
PRO CA  CB   sing N N 264 
PRO CA  HA   sing N N 265 
PRO C   O    doub N N 266 
PRO C   OXT  sing N N 267 
PRO CB  CG   sing N N 268 
PRO CB  HB2  sing N N 269 
PRO CB  HB3  sing N N 270 
PRO CG  CD   sing N N 271 
PRO CG  HG2  sing N N 272 
PRO CG  HG3  sing N N 273 
PRO CD  HD2  sing N N 274 
PRO CD  HD3  sing N N 275 
PRO OXT HXT  sing N N 276 
SER N   CA   sing N N 277 
SER N   H    sing N N 278 
SER N   H2   sing N N 279 
SER CA  C    sing N N 280 
SER CA  CB   sing N N 281 
SER CA  HA   sing N N 282 
SER C   O    doub N N 283 
SER C   OXT  sing N N 284 
SER CB  OG   sing N N 285 
SER CB  HB2  sing N N 286 
SER CB  HB3  sing N N 287 
SER OG  HG   sing N N 288 
SER OXT HXT  sing N N 289 
THR N   CA   sing N N 290 
THR N   H    sing N N 291 
THR N   H2   sing N N 292 
THR CA  C    sing N N 293 
THR CA  CB   sing N N 294 
THR CA  HA   sing N N 295 
THR C   O    doub N N 296 
THR C   OXT  sing N N 297 
THR CB  OG1  sing N N 298 
THR CB  CG2  sing N N 299 
THR CB  HB   sing N N 300 
THR OG1 HG1  sing N N 301 
THR CG2 HG21 sing N N 302 
THR CG2 HG22 sing N N 303 
THR CG2 HG23 sing N N 304 
THR OXT HXT  sing N N 305 
TRP N   CA   sing N N 306 
TRP N   H    sing N N 307 
TRP N   H2   sing N N 308 
TRP CA  C    sing N N 309 
TRP CA  CB   sing N N 310 
TRP CA  HA   sing N N 311 
TRP C   O    doub N N 312 
TRP C   OXT  sing N N 313 
TRP CB  CG   sing N N 314 
TRP CB  HB2  sing N N 315 
TRP CB  HB3  sing N N 316 
TRP CG  CD1  doub Y N 317 
TRP CG  CD2  sing Y N 318 
TRP CD1 NE1  sing Y N 319 
TRP CD1 HD1  sing N N 320 
TRP CD2 CE2  doub Y N 321 
TRP CD2 CE3  sing Y N 322 
TRP NE1 CE2  sing Y N 323 
TRP NE1 HE1  sing N N 324 
TRP CE2 CZ2  sing Y N 325 
TRP CE3 CZ3  doub Y N 326 
TRP CE3 HE3  sing N N 327 
TRP CZ2 CH2  doub Y N 328 
TRP CZ2 HZ2  sing N N 329 
TRP CZ3 CH2  sing Y N 330 
TRP CZ3 HZ3  sing N N 331 
TRP CH2 HH2  sing N N 332 
TRP OXT HXT  sing N N 333 
TYR N   CA   sing N N 334 
TYR N   H    sing N N 335 
TYR N   H2   sing N N 336 
TYR CA  C    sing N N 337 
TYR CA  CB   sing N N 338 
TYR CA  HA   sing N N 339 
TYR C   O    doub N N 340 
TYR C   OXT  sing N N 341 
TYR CB  CG   sing N N 342 
TYR CB  HB2  sing N N 343 
TYR CB  HB3  sing N N 344 
TYR CG  CD1  doub Y N 345 
TYR CG  CD2  sing Y N 346 
TYR CD1 CE1  sing Y N 347 
TYR CD1 HD1  sing N N 348 
TYR CD2 CE2  doub Y N 349 
TYR CD2 HD2  sing N N 350 
TYR CE1 CZ   doub Y N 351 
TYR CE1 HE1  sing N N 352 
TYR CE2 CZ   sing Y N 353 
TYR CE2 HE2  sing N N 354 
TYR CZ  OH   sing N N 355 
TYR OH  HH   sing N N 356 
TYR OXT HXT  sing N N 357 
VAL N   CA   sing N N 358 
VAL N   H    sing N N 359 
VAL N   H2   sing N N 360 
VAL CA  C    sing N N 361 
VAL CA  CB   sing N N 362 
VAL CA  HA   sing N N 363 
VAL C   O    doub N N 364 
VAL C   OXT  sing N N 365 
VAL CB  CG1  sing N N 366 
VAL CB  CG2  sing N N 367 
VAL CB  HB   sing N N 368 
VAL CG1 HG11 sing N N 369 
VAL CG1 HG12 sing N N 370 
VAL CG1 HG13 sing N N 371 
VAL CG2 HG21 sing N N 372 
VAL CG2 HG22 sing N N 373 
VAL CG2 HG23 sing N N 374 
VAL OXT HXT  sing N N 375 
# 
_pdbx_initial_refinement_model.id               1 
_pdbx_initial_refinement_model.entity_id_list   ? 
_pdbx_initial_refinement_model.type             'experimental model' 
_pdbx_initial_refinement_model.source_name      PDB 
_pdbx_initial_refinement_model.accession_code   1CLP 
_pdbx_initial_refinement_model.details          'PDB ENTRY 1CLP' 
# 
_atom_sites.entry_id                    1MG6 
_atom_sites.fract_transf_matrix[1][1]   0.00293688 
_atom_sites.fract_transf_matrix[1][2]   -0.00336497 
_atom_sites.fract_transf_matrix[1][3]   -0.02452691 
_atom_sites.fract_transf_matrix[2][1]   -0.01144633 
_atom_sites.fract_transf_matrix[2][2]   0.01191449 
_atom_sites.fract_transf_matrix[2][3]   -0.00300521 
_atom_sites.fract_transf_matrix[3][1]   0.01699542 
_atom_sites.fract_transf_matrix[3][2]   0.01345844 
_atom_sites.fract_transf_matrix[3][3]   -0.01137516 
_atom_sites.fract_transf_vector[1]      0.200011 
_atom_sites.fract_transf_vector[2]      0.008668 
_atom_sites.fract_transf_vector[3]      0.234666 
# 
loop_
_atom_type.symbol 
C 
N 
O 
S 
# 
loop_
_atom_site.group_PDB 
_atom_site.id 
_atom_site.type_symbol 
_atom_site.label_atom_id 
_atom_site.label_alt_id 
_atom_site.label_comp_id 
_atom_site.label_asym_id 
_atom_site.label_entity_id 
_atom_site.label_seq_id 
_atom_site.pdbx_PDB_ins_code 
_atom_site.Cartn_x 
_atom_site.Cartn_y 
_atom_site.Cartn_z 
_atom_site.occupancy 
_atom_site.B_iso_or_equiv 
_atom_site.pdbx_formal_charge 
_atom_site.auth_seq_id 
_atom_site.auth_comp_id 
_atom_site.auth_asym_id 
_atom_site.auth_atom_id 
_atom_site.pdbx_PDB_model_num 
ATOM   1    N N   . SER A 1 1   ? 5.564   9.368   2.992   1.00 13.48 ? 1   SER A N   1 
ATOM   2    C CA  . SER A 1 1   ? 5.728   9.569   1.525   1.00 13.85 ? 1   SER A CA  1 
ATOM   3    C C   . SER A 1 1   ? 6.003   8.245   0.824   1.00 15.04 ? 1   SER A C   1 
ATOM   4    O O   . SER A 1 1   ? 6.178   7.210   1.467   1.00 13.45 ? 1   SER A O   1 
ATOM   5    C CB  . SER A 1 1   ? 6.879   10.538  1.245   1.00 12.59 ? 1   SER A CB  1 
ATOM   6    O OG  . SER A 1 1   ? 8.113   9.845   1.144   1.00 12.62 ? 1   SER A OG  1 
ATOM   7    N N   . LEU A 1 2   ? 6.044   8.293   -0.503  1.00 17.05 ? 2   LEU A N   1 
ATOM   8    C CA  . LEU A 1 2   ? 6.298   7.106   -1.313  1.00 17.61 ? 2   LEU A CA  1 
ATOM   9    C C   . LEU A 1 2   ? 7.610   6.421   -0.926  1.00 16.35 ? 2   LEU A C   1 
ATOM   10   O O   . LEU A 1 2   ? 7.741   5.204   -1.047  1.00 14.23 ? 2   LEU A O   1 
ATOM   11   C CB  . LEU A 1 2   ? 6.339   7.485   -2.794  1.00 19.93 ? 2   LEU A CB  1 
ATOM   12   C CG  . LEU A 1 2   ? 5.370   6.766   -3.533  1.00 28.77 ? 2   LEU A CG  1 
ATOM   13   N N   . PHE A 1 3   ? 8.575   7.204   -0.452  1.00 13.31 ? 3   PHE A N   1 
ATOM   14   C CA  . PHE A 1 3   ? 9.873   6.664   -0.059  1.00 12.54 ? 3   PHE A CA  1 
ATOM   15   C C   . PHE A 1 3   ? 9.786   5.797   1.196   1.00 11.64 ? 3   PHE A C   1 
ATOM   16   O O   . PHE A 1 3   ? 10.458  4.775   1.292   1.00 11.57 ? 3   PHE A O   1 
ATOM   17   C CB  . PHE A 1 3   ? 10.876  7.804   0.144   1.00 13.72 ? 3   PHE A CB  1 
ATOM   18   C CG  . PHE A 1 3   ? 11.173  8.569   -1.114  1.00 16.98 ? 3   PHE A CG  1 
ATOM   19   C CD1 . PHE A 1 3   ? 10.671  9.855   -1.299  1.00 19.51 ? 3   PHE A CD1 1 
ATOM   20   C CD2 . PHE A 1 3   ? 11.933  7.995   -2.131  1.00 19.45 ? 3   PHE A CD2 1 
ATOM   21   C CE1 . PHE A 1 3   ? 10.919  10.557  -2.482  1.00 21.49 ? 3   PHE A CE1 1 
ATOM   22   C CE2 . PHE A 1 3   ? 12.186  8.691   -3.318  1.00 19.43 ? 3   PHE A CE2 1 
ATOM   23   C CZ  . PHE A 1 3   ? 11.677  9.972   -3.490  1.00 19.61 ? 3   PHE A CZ  1 
ATOM   24   N N   . GLU A 1 4   ? 8.960   6.198   2.153   1.00 11.85 ? 4   GLU A N   1 
ATOM   25   C CA  . GLU A 1 4   ? 8.793   5.412   3.372   1.00 11.92 ? 4   GLU A CA  1 
ATOM   26   C C   . GLU A 1 4   ? 8.002   4.147   3.036   1.00 11.86 ? 4   GLU A C   1 
ATOM   27   O O   . GLU A 1 4   ? 8.345   3.050   3.480   1.00 9.83  ? 4   GLU A O   1 
ATOM   28   C CB  . GLU A 1 4   ? 8.043   6.220   4.438   1.00 10.09 ? 4   GLU A CB  1 
ATOM   29   C CG  . GLU A 1 4   ? 8.899   7.223   5.190   1.00 10.80 ? 4   GLU A CG  1 
ATOM   30   C CD  . GLU A 1 4   ? 9.053   8.533   4.441   1.00 13.01 ? 4   GLU A CD  1 
ATOM   31   O OE1 . GLU A 1 4   ? 10.135  9.146   4.520   1.00 15.97 ? 4   GLU A OE1 1 
ATOM   32   O OE2 . GLU A 1 4   ? 8.088   8.949   3.767   1.00 14.88 ? 4   GLU A OE2 1 
ATOM   33   N N   . LEU A 1 5   ? 6.944   4.313   2.248   1.00 11.79 ? 5   LEU A N   1 
ATOM   34   C CA  . LEU A 1 5   ? 6.099   3.192   1.849   1.00 13.28 ? 5   LEU A CA  1 
ATOM   35   C C   . LEU A 1 5   ? 6.916   2.121   1.135   1.00 12.57 ? 5   LEU A C   1 
ATOM   36   O O   . LEU A 1 5   ? 6.847   0.944   1.483   1.00 12.48 ? 5   LEU A O   1 
ATOM   37   C CB  . LEU A 1 5   ? 4.977   3.683   0.930   1.00 14.39 ? 5   LEU A CB  1 
ATOM   38   C CG  . LEU A 1 5   ? 3.940   2.658   0.461   1.00 14.83 ? 5   LEU A CG  1 
ATOM   39   C CD1 . LEU A 1 5   ? 3.182   2.122   1.663   1.00 15.69 ? 5   LEU A CD1 1 
ATOM   40   C CD2 . LEU A 1 5   ? 2.989   3.293   -0.533  1.00 15.33 ? 5   LEU A CD2 1 
ATOM   41   N N   . GLY A 1 6   ? 7.695   2.541   0.142   1.00 11.32 ? 6   GLY A N   1 
ATOM   42   C CA  . GLY A 1 6   ? 8.519   1.609   -0.606  1.00 10.38 ? 6   GLY A CA  1 
ATOM   43   C C   . GLY A 1 6   ? 9.459   0.818   0.287   1.00 11.79 ? 6   GLY A C   1 
ATOM   44   O O   . GLY A 1 6   ? 9.587   -0.399  0.143   1.00 12.44 ? 6   GLY A O   1 
ATOM   45   N N   . LYS A 1 7   ? 10.108  1.507   1.220   1.00 11.51 ? 7   LYS A N   1 
ATOM   46   C CA  . LYS A 1 7   ? 11.040  0.858   2.134   1.00 14.61 ? 7   LYS A CA  1 
ATOM   47   C C   . LYS A 1 7   ? 10.334  -0.179  3.003   1.00 12.46 ? 7   LYS A C   1 
ATOM   48   O O   . LYS A 1 7   ? 10.848  -1.276  3.208   1.00 12.94 ? 7   LYS A O   1 
ATOM   49   C CB  . LYS A 1 7   ? 11.717  1.903   3.023   1.00 19.85 ? 7   LYS A CB  1 
ATOM   50   C CG  . LYS A 1 7   ? 13.002  1.417   3.677   1.00 29.50 ? 7   LYS A CG  1 
ATOM   51   C CD  . LYS A 1 7   ? 13.613  2.485   4.570   1.00 38.90 ? 7   LYS A CD  1 
ATOM   52   C CE  . LYS A 1 7   ? 14.774  1.929   5.385   1.00 43.93 ? 7   LYS A CE  1 
ATOM   53   N NZ  . LYS A 1 7   ? 15.261  2.891   6.413   1.00 48.12 ? 7   LYS A NZ  1 
ATOM   54   N N   . MET A 1 8   ? 9.152   0.172   3.506   1.00 11.61 ? 8   MET A N   1 
ATOM   55   C CA  . MET A 1 8   ? 8.377   -0.732  4.351   1.00 12.32 ? 8   MET A CA  1 
ATOM   56   C C   . MET A 1 8   ? 8.046   -2.020  3.616   1.00 11.93 ? 8   MET A C   1 
ATOM   57   O O   . MET A 1 8   ? 8.238   -3.115  4.142   1.00 11.04 ? 8   MET A O   1 
ATOM   58   C CB  . MET A 1 8   ? 7.068   -0.074  4.778   1.00 11.93 ? 8   MET A CB  1 
ATOM   59   C CG  . MET A 1 8   ? 7.198   0.933   5.891   1.00 10.36 ? 8   MET A CG  1 
ATOM   60   S SD  . MET A 1 8   ? 5.561   1.446   6.415   1.00 11.24 ? 8   MET A SD  1 
ATOM   61   C CE  . MET A 1 8   ? 5.967   2.875   7.430   1.00 13.02 ? 8   MET A CE  1 
ATOM   62   N N   . ILE A 1 9   ? 7.532   -1.881  2.396   1.00 12.16 ? 9   ILE A N   1 
ATOM   63   C CA  . ILE A 1 9   ? 7.162   -3.033  1.589   1.00 9.97  ? 9   ILE A CA  1 
ATOM   64   C C   . ILE A 1 9   ? 8.369   -3.922  1.348   1.00 11.47 ? 9   ILE A C   1 
ATOM   65   O O   . ILE A 1 9   ? 8.281   -5.144  1.451   1.00 13.66 ? 9   ILE A O   1 
ATOM   66   C CB  . ILE A 1 9   ? 6.576   -2.598  0.231   1.00 10.96 ? 9   ILE A CB  1 
ATOM   67   C CG1 . ILE A 1 9   ? 5.257   -1.853  0.455   1.00 10.45 ? 9   ILE A CG1 1 
ATOM   68   C CG2 . ILE A 1 9   ? 6.365   -3.817  -0.663  1.00 9.01  ? 9   ILE A CG2 1 
ATOM   69   C CD1 . ILE A 1 9   ? 4.710   -1.187  -0.794  1.00 12.46 ? 9   ILE A CD1 1 
ATOM   70   N N   . TRP A 1 10  ? 9.500   -3.301  1.032   1.00 11.24 ? 10  TRP A N   1 
ATOM   71   C CA  . TRP A 1 10  ? 10.726  -4.041  0.779   1.00 13.02 ? 10  TRP A CA  1 
ATOM   72   C C   . TRP A 1 10  ? 11.185  -4.769  2.040   1.00 12.86 ? 10  TRP A C   1 
ATOM   73   O O   . TRP A 1 10  ? 11.621  -5.917  1.988   1.00 9.73  ? 10  TRP A O   1 
ATOM   74   C CB  . TRP A 1 10  ? 11.814  -3.080  0.300   1.00 17.69 ? 10  TRP A CB  1 
ATOM   75   C CG  . TRP A 1 10  ? 13.137  -3.732  0.070   1.00 26.44 ? 10  TRP A CG  1 
ATOM   76   C CD1 . TRP A 1 10  ? 13.499  -4.506  -0.996  1.00 28.54 ? 10  TRP A CD1 1 
ATOM   77   C CD2 . TRP A 1 10  ? 14.281  -3.666  0.927   1.00 30.59 ? 10  TRP A CD2 1 
ATOM   78   N NE1 . TRP A 1 10  ? 14.799  -4.927  -0.857  1.00 31.85 ? 10  TRP A NE1 1 
ATOM   79   C CE2 . TRP A 1 10  ? 15.304  -4.425  0.316   1.00 33.13 ? 10  TRP A CE2 1 
ATOM   80   C CE3 . TRP A 1 10  ? 14.544  -3.037  2.152   1.00 33.39 ? 10  TRP A CE3 1 
ATOM   81   C CZ2 . TRP A 1 10  ? 16.571  -4.574  0.889   1.00 36.05 ? 10  TRP A CZ2 1 
ATOM   82   C CZ3 . TRP A 1 10  ? 15.803  -3.187  2.722   1.00 36.71 ? 10  TRP A CZ3 1 
ATOM   83   C CH2 . TRP A 1 10  ? 16.801  -3.949  2.088   1.00 37.25 ? 10  TRP A CH2 1 
ATOM   84   N N   . GLN A 1 11  ? 11.074  -4.092  3.178   1.00 11.39 ? 11  GLN A N   1 
ATOM   85   C CA  . GLN A 1 11  ? 11.484  -4.666  4.453   1.00 12.22 ? 11  GLN A CA  1 
ATOM   86   C C   . GLN A 1 11  ? 10.610  -5.842  4.884   1.00 13.37 ? 11  GLN A C   1 
ATOM   87   O O   . GLN A 1 11  ? 11.105  -6.819  5.445   1.00 14.37 ? 11  GLN A O   1 
ATOM   88   C CB  . GLN A 1 11  ? 11.468  -3.584  5.540   1.00 11.32 ? 11  GLN A CB  1 
ATOM   89   C CG  . GLN A 1 11  ? 12.632  -2.609  5.437   1.00 12.13 ? 11  GLN A CG  1 
ATOM   90   C CD  . GLN A 1 11  ? 12.409  -1.317  6.211   1.00 13.33 ? 11  GLN A CD  1 
ATOM   91   O OE1 . GLN A 1 11  ? 13.357  -0.591  6.506   1.00 15.75 ? 11  GLN A OE1 1 
ATOM   92   N NE2 . GLN A 1 11  ? 11.157  -1.025  6.537   1.00 11.20 ? 11  GLN A NE2 1 
ATOM   93   N N   . GLU A 1 12  ? 9.311   -5.749  4.611   1.00 13.65 ? 12  GLU A N   1 
ATOM   94   C CA  . GLU A 1 12  ? 8.377   -6.803  4.994   1.00 13.27 ? 12  GLU A CA  1 
ATOM   95   C C   . GLU A 1 12  ? 8.276   -7.962  4.002   1.00 14.57 ? 12  GLU A C   1 
ATOM   96   O O   . GLU A 1 12  ? 8.116   -9.112  4.407   1.00 14.51 ? 12  GLU A O   1 
ATOM   97   C CB  . GLU A 1 12  ? 6.980   -6.210  5.215   1.00 13.45 ? 12  GLU A CB  1 
ATOM   98   C CG  . GLU A 1 12  ? 6.851   -5.351  6.462   1.00 12.92 ? 12  GLU A CG  1 
ATOM   99   C CD  . GLU A 1 12  ? 6.638   -6.173  7.720   1.00 17.80 ? 12  GLU A CD  1 
ATOM   100  O OE1 . GLU A 1 12  ? 6.484   -7.410  7.607   1.00 18.80 ? 12  GLU A OE1 1 
ATOM   101  O OE2 . GLU A 1 12  ? 6.625   -5.583  8.822   1.00 18.06 ? 12  GLU A OE2 1 
ATOM   102  N N   . THR A 1 13  ? 8.377   -7.668  2.708   1.00 13.14 ? 13  THR A N   1 
ATOM   103  C CA  . THR A 1 13  ? 8.259   -8.712  1.694   1.00 14.00 ? 13  THR A CA  1 
ATOM   104  C C   . THR A 1 13  ? 9.569   -9.108  1.022   1.00 14.65 ? 13  THR A C   1 
ATOM   105  O O   . THR A 1 13  ? 9.668   -10.193 0.450   1.00 15.55 ? 13  THR A O   1 
ATOM   106  C CB  . THR A 1 13  ? 7.258   -8.300  0.592   1.00 13.60 ? 13  THR A CB  1 
ATOM   107  O OG1 . THR A 1 13  ? 7.834   -7.268  -0.221  1.00 14.58 ? 13  THR A OG1 1 
ATOM   108  C CG2 . THR A 1 13  ? 5.964   -7.790  1.208   1.00 14.80 ? 13  THR A CG2 1 
ATOM   109  N N   . GLY A 1 14  ? 10.568  -8.234  1.087   1.00 14.43 ? 14  GLY A N   1 
ATOM   110  C CA  . GLY A 1 14  ? 11.846  -8.533  0.465   1.00 14.87 ? 14  GLY A CA  1 
ATOM   111  C C   . GLY A 1 14  ? 11.783  -8.423  -1.048  1.00 17.53 ? 14  GLY A C   1 
ATOM   112  O O   . GLY A 1 14  ? 12.659  -8.918  -1.754  1.00 18.81 ? 14  GLY A O   1 
ATOM   113  N N   . LYS A 1 15  ? 10.745  -7.769  -1.553  1.00 17.43 ? 15  LYS A N   1 
ATOM   114  C CA  . LYS A 1 15  ? 10.578  -7.605  -2.994  1.00 18.21 ? 15  LYS A CA  1 
ATOM   115  C C   . LYS A 1 15  ? 10.570  -6.137  -3.378  1.00 16.23 ? 15  LYS A C   1 
ATOM   116  O O   . LYS A 1 15  ? 10.106  -5.293  -2.608  1.00 15.69 ? 15  LYS A O   1 
ATOM   117  C CB  . LYS A 1 15  ? 9.269   -8.245  -3.452  1.00 20.48 ? 15  LYS A CB  1 
ATOM   118  C CG  . LYS A 1 15  ? 8.850   -9.446  -2.630  1.00 25.08 ? 15  LYS A CG  1 
ATOM   119  C CD  . LYS A 1 15  ? 8.270   -10.536 -3.509  1.00 27.35 ? 15  LYS A CD  1 
ATOM   120  C CE  . LYS A 1 15  ? 6.879   -10.169 -3.996  1.00 26.13 ? 15  LYS A CE  1 
ATOM   121  N NZ  . LYS A 1 15  ? 6.476   -11.006 -5.156  1.00 30.94 ? 15  LYS A NZ  1 
ATOM   122  N N   . ASN A 1 16  ? 11.088  -5.828  -4.563  1.00 13.56 ? 16  ASN A N   1 
ATOM   123  C CA  . ASN A 1 16  ? 11.102  -4.447  -5.019  1.00 12.61 ? 16  ASN A CA  1 
ATOM   124  C C   . ASN A 1 16  ? 9.651   -4.002  -5.138  1.00 11.52 ? 16  ASN A C   1 
ATOM   125  O O   . ASN A 1 16  ? 8.865   -4.607  -5.869  1.00 11.32 ? 16  ASN A O   1 
ATOM   126  C CB  . ASN A 1 16  ? 11.793  -4.330  -6.377  1.00 13.06 ? 16  ASN A CB  1 
ATOM   127  C CG  . ASN A 1 16  ? 11.880  -2.900  -6.852  1.00 12.49 ? 16  ASN A CG  1 
ATOM   128  O OD1 . ASN A 1 16  ? 11.015  -2.423  -7.581  1.00 13.42 ? 16  ASN A OD1 1 
ATOM   129  N ND2 . ASN A 1 16  ? 12.926  -2.201  -6.434  1.00 12.87 ? 16  ASN A ND2 1 
ATOM   130  N N   . PRO A 1 17  ? 9.279   -2.929  -4.428  1.00 11.95 ? 17  PRO A N   1 
ATOM   131  C CA  . PRO A 1 17  ? 7.910   -2.404  -4.443  1.00 12.52 ? 17  PRO A CA  1 
ATOM   132  C C   . PRO A 1 17  ? 7.381   -1.937  -5.794  1.00 12.66 ? 17  PRO A C   1 
ATOM   133  O O   . PRO A 1 17  ? 6.229   -2.197  -6.138  1.00 12.29 ? 17  PRO A O   1 
ATOM   134  C CB  . PRO A 1 17  ? 7.952   -1.263  -3.428  1.00 13.43 ? 17  PRO A CB  1 
ATOM   135  C CG  . PRO A 1 17  ? 9.379   -0.861  -3.372  1.00 13.19 ? 17  PRO A CG  1 
ATOM   136  C CD  . PRO A 1 17  ? 10.161  -2.124  -3.566  1.00 11.55 ? 17  PRO A CD  1 
ATOM   137  N N   . VAL A 1 18  ? 8.219   -1.243  -6.557  1.00 13.07 ? 18  VAL A N   1 
ATOM   138  C CA  . VAL A 1 18  ? 7.810   -0.729  -7.858  1.00 13.08 ? 18  VAL A CA  1 
ATOM   139  C C   . VAL A 1 18  ? 7.517   -1.840  -8.864  1.00 11.99 ? 18  VAL A C   1 
ATOM   140  O O   . VAL A 1 18  ? 6.469   -1.859  -9.506  1.00 10.54 ? 18  VAL A O   1 
ATOM   141  C CB  . VAL A 1 18  ? 8.892   0.203   -8.444  1.00 14.79 ? 18  VAL A CB  1 
ATOM   142  C CG1 . VAL A 1 18  ? 8.423   0.775   -9.771  1.00 16.50 ? 18  VAL A CG1 1 
ATOM   143  C CG2 . VAL A 1 18  ? 9.189   1.324   -7.461  1.00 14.71 ? 18  VAL A CG2 1 
ATOM   144  N N   . LYS A 1 19  ? 8.449   -2.773  -8.996  1.00 9.74  ? 19  LYS A N   1 
ATOM   145  C CA  . LYS A 1 19  ? 8.281   -3.870  -9.936  1.00 10.14 ? 19  LYS A CA  1 
ATOM   146  C C   . LYS A 1 19  ? 7.119   -4.785  -9.576  1.00 10.40 ? 19  LYS A C   1 
ATOM   147  O O   . LYS A 1 19  ? 6.311   -5.145  -10.433 1.00 9.24  ? 19  LYS A O   1 
ATOM   148  C CB  . LYS A 1 19  ? 9.567   -4.704  -10.013 1.00 11.72 ? 19  LYS A CB  1 
ATOM   149  C CG  . LYS A 1 19  ? 9.366   -6.070  -10.649 1.00 14.76 ? 19  LYS A CG  1 
ATOM   150  C CD  . LYS A 1 19  ? 10.601  -6.947  -10.534 1.00 17.60 ? 19  LYS A CD  1 
ATOM   151  C CE  . LYS A 1 19  ? 10.386  -8.271  -11.253 1.00 21.35 ? 19  LYS A CE  1 
ATOM   152  N NZ  . LYS A 1 19  ? 11.302  -9.334  -10.762 1.00 28.68 ? 19  LYS A NZ  1 
ATOM   153  N N   . ASN A 1 20  ? 7.023   -5.147  -8.303  1.00 9.10  ? 20  ASN A N   1 
ATOM   154  C CA  . ASN A 1 20  ? 5.987   -6.069  -7.865  1.00 9.79  ? 20  ASN A CA  1 
ATOM   155  C C   . ASN A 1 20  ? 4.612   -5.502  -7.532  1.00 10.57 ? 20  ASN A C   1 
ATOM   156  O O   . ASN A 1 20  ? 3.617   -6.225  -7.605  1.00 10.29 ? 20  ASN A O   1 
ATOM   157  C CB  . ASN A 1 20  ? 6.505   -6.877  -6.675  1.00 11.30 ? 20  ASN A CB  1 
ATOM   158  C CG  . ASN A 1 20  ? 7.586   -7.868  -7.073  1.00 15.86 ? 20  ASN A CG  1 
ATOM   159  O OD1 . ASN A 1 20  ? 8.767   -7.523  -7.142  1.00 19.05 ? 20  ASN A OD1 1 
ATOM   160  N ND2 . ASN A 1 20  ? 7.184   -9.105  -7.337  1.00 16.23 ? 20  ASN A ND2 1 
ATOM   161  N N   . TYR A 1 21  ? 4.540   -4.222  -7.180  1.00 9.80  ? 22  TYR A N   1 
ATOM   162  C CA  . TYR A 1 21  ? 3.260   -3.623  -6.813  1.00 10.03 ? 22  TYR A CA  1 
ATOM   163  C C   . TYR A 1 21  ? 2.928   -2.300  -7.493  1.00 10.70 ? 22  TYR A C   1 
ATOM   164  O O   . TYR A 1 21  ? 1.913   -1.680  -7.180  1.00 12.72 ? 22  TYR A O   1 
ATOM   165  C CB  . TYR A 1 21  ? 3.201   -3.438  -5.293  1.00 8.21  ? 22  TYR A CB  1 
ATOM   166  C CG  . TYR A 1 21  ? 3.418   -4.724  -4.531  1.00 8.87  ? 22  TYR A CG  1 
ATOM   167  C CD1 . TYR A 1 21  ? 4.637   -4.993  -3.907  1.00 8.95  ? 22  TYR A CD1 1 
ATOM   168  C CD2 . TYR A 1 21  ? 2.408   -5.684  -4.446  1.00 9.38  ? 22  TYR A CD2 1 
ATOM   169  C CE1 . TYR A 1 21  ? 4.849   -6.189  -3.218  1.00 8.43  ? 22  TYR A CE1 1 
ATOM   170  C CE2 . TYR A 1 21  ? 2.605   -6.881  -3.761  1.00 11.46 ? 22  TYR A CE2 1 
ATOM   171  C CZ  . TYR A 1 21  ? 3.826   -7.127  -3.150  1.00 9.73  ? 22  TYR A CZ  1 
ATOM   172  O OH  . TYR A 1 21  ? 4.020   -8.314  -2.483  1.00 11.08 ? 22  TYR A OH  1 
ATOM   173  N N   . GLY A 1 22  ? 3.774   -1.872  -8.424  1.00 9.38  ? 23  GLY A N   1 
ATOM   174  C CA  . GLY A 1 22  ? 3.532   -0.615  -9.104  1.00 8.22  ? 23  GLY A CA  1 
ATOM   175  C C   . GLY A 1 22  ? 2.370   -0.630  -10.082 1.00 9.35  ? 23  GLY A C   1 
ATOM   176  O O   . GLY A 1 22  ? 1.789   0.419   -10.366 1.00 10.64 ? 23  GLY A O   1 
ATOM   177  N N   . LEU A 1 23  ? 2.027   -1.807  -10.603 1.00 9.74  ? 24  LEU A N   1 
ATOM   178  C CA  . LEU A 1 23  ? 0.931   -1.927  -11.561 1.00 12.51 ? 24  LEU A CA  1 
ATOM   179  C C   . LEU A 1 23  ? 0.124   -3.203  -11.344 1.00 11.81 ? 24  LEU A C   1 
ATOM   180  O O   . LEU A 1 23  ? -0.602  -3.649  -12.233 1.00 12.14 ? 24  LEU A O   1 
ATOM   181  C CB  . LEU A 1 23  ? 1.485   -1.921  -12.989 1.00 17.10 ? 24  LEU A CB  1 
ATOM   182  C CG  . LEU A 1 23  ? 2.514   -0.958  -13.149 1.00 25.21 ? 24  LEU A CG  1 
ATOM   183  N N   . TYR A 1 24  ? 0.241   -3.777  -10.150 1.00 9.62  ? 25  TYR A N   1 
ATOM   184  C CA  . TYR A 1 24  ? -0.445  -5.016  -9.806  1.00 8.28  ? 25  TYR A CA  1 
ATOM   185  C C   . TYR A 1 24  ? -1.962  -4.898  -9.677  1.00 9.66  ? 25  TYR A C   1 
ATOM   186  O O   . TYR A 1 24  ? -2.482  -3.972  -9.048  1.00 8.60  ? 25  TYR A O   1 
ATOM   187  C CB  . TYR A 1 24  ? 0.128   -5.574  -8.498  1.00 7.87  ? 25  TYR A CB  1 
ATOM   188  C CG  . TYR A 1 24  ? -0.303  -6.988  -8.174  1.00 7.35  ? 25  TYR A CG  1 
ATOM   189  C CD1 . TYR A 1 24  ? -1.566  -7.251  -7.641  1.00 8.04  ? 25  TYR A CD1 1 
ATOM   190  C CD2 . TYR A 1 24  ? 0.560   -8.065  -8.379  1.00 8.08  ? 25  TYR A CD2 1 
ATOM   191  C CE1 . TYR A 1 24  ? -1.957  -8.553  -7.318  1.00 9.48  ? 25  TYR A CE1 1 
ATOM   192  C CE2 . TYR A 1 24  ? 0.177   -9.368  -8.059  1.00 8.63  ? 25  TYR A CE2 1 
ATOM   193  C CZ  . TYR A 1 24  ? -1.079  -9.602  -7.529  1.00 7.11  ? 25  TYR A CZ  1 
ATOM   194  O OH  . TYR A 1 24  ? -1.453  -10.881 -7.198  1.00 9.77  ? 25  TYR A OH  1 
ATOM   195  N N   . GLY A 1 25  ? -2.660  -5.855  -10.280 1.00 7.63  ? 26  GLY A N   1 
ATOM   196  C CA  . GLY A 1 25  ? -4.108  -5.891  -10.214 1.00 8.39  ? 26  GLY A CA  1 
ATOM   197  C C   . GLY A 1 25  ? -4.849  -4.615  -10.549 1.00 9.34  ? 26  GLY A C   1 
ATOM   198  O O   . GLY A 1 25  ? -4.398  -3.806  -11.361 1.00 11.02 ? 26  GLY A O   1 
ATOM   199  N N   . CYS A 1 26  ? -5.996  -4.435  -9.901  1.00 9.89  ? 27  CYS A N   1 
ATOM   200  C CA  . CYS A 1 26  ? -6.839  -3.269  -10.130 1.00 10.65 ? 27  CYS A CA  1 
ATOM   201  C C   . CYS A 1 26  ? -6.702  -2.163  -9.085  1.00 12.14 ? 27  CYS A C   1 
ATOM   202  O O   . CYS A 1 26  ? -7.317  -1.111  -9.227  1.00 14.08 ? 27  CYS A O   1 
ATOM   203  C CB  . CYS A 1 26  ? -8.306  -3.696  -10.184 1.00 13.00 ? 27  CYS A CB  1 
ATOM   204  S SG  . CYS A 1 26  ? -8.714  -4.921  -11.458 1.00 15.55 ? 27  CYS A SG  1 
ATOM   205  N N   . ASN A 1 27  ? -5.899  -2.385  -8.049  1.00 11.46 ? 28  ASN A N   1 
ATOM   206  C CA  . ASN A 1 27  ? -5.753  -1.386  -6.987  1.00 10.85 ? 28  ASN A CA  1 
ATOM   207  C C   . ASN A 1 27  ? -4.335  -0.986  -6.600  1.00 11.09 ? 28  ASN A C   1 
ATOM   208  O O   . ASN A 1 27  ? -4.132  0.066   -5.993  1.00 10.86 ? 28  ASN A O   1 
ATOM   209  C CB  . ASN A 1 27  ? -6.474  -1.863  -5.723  1.00 9.05  ? 28  ASN A CB  1 
ATOM   210  C CG  . ASN A 1 27  ? -7.974  -1.910  -5.893  1.00 10.27 ? 28  ASN A CG  1 
ATOM   211  O OD1 . ASN A 1 27  ? -8.659  -0.904  -5.710  1.00 11.63 ? 28  ASN A OD1 1 
ATOM   212  N ND2 . ASN A 1 27  ? -8.496  -3.082  -6.247  1.00 10.39 ? 28  ASN A ND2 1 
ATOM   213  N N   . CYS A 1 28  ? -3.354  -1.818  -6.935  1.00 10.05 ? 29  CYS A N   1 
ATOM   214  C CA  . CYS A 1 28  ? -1.974  -1.519  -6.576  1.00 10.15 ? 29  CYS A CA  1 
ATOM   215  C C   . CYS A 1 28  ? -1.273  -0.538  -7.507  1.00 11.86 ? 29  CYS A C   1 
ATOM   216  O O   . CYS A 1 28  ? -1.382  -0.633  -8.729  1.00 11.20 ? 29  CYS A O   1 
ATOM   217  C CB  . CYS A 1 28  ? -1.151  -2.809  -6.510  1.00 8.64  ? 29  CYS A CB  1 
ATOM   218  S SG  . CYS A 1 28  ? -1.924  -4.168  -5.590  1.00 12.09 ? 29  CYS A SG  1 
ATOM   219  N N   . GLY A 1 29  ? -0.551  0.406   -6.907  1.00 10.73 ? 30  GLY A N   1 
ATOM   220  C CA  . GLY A 1 29  ? 0.203   1.380   -7.674  1.00 11.35 ? 30  GLY A CA  1 
ATOM   221  C C   . GLY A 1 29  ? -0.579  2.458   -8.392  1.00 14.20 ? 30  GLY A C   1 
ATOM   222  O O   . GLY A 1 29  ? -1.512  3.045   -7.842  1.00 14.42 ? 30  GLY A O   1 
ATOM   223  N N   . VAL A 1 30  ? -0.180  2.722   -9.633  1.00 14.47 ? 31  VAL A N   1 
ATOM   224  C CA  . VAL A 1 30  ? -0.819  3.742   -10.453 1.00 16.05 ? 31  VAL A CA  1 
ATOM   225  C C   . VAL A 1 30  ? -2.331  3.561   -10.558 1.00 17.80 ? 31  VAL A C   1 
ATOM   226  O O   . VAL A 1 30  ? -2.843  2.440   -10.509 1.00 17.55 ? 31  VAL A O   1 
ATOM   227  C CB  . VAL A 1 30  ? -0.229  3.749   -11.880 1.00 19.00 ? 31  VAL A CB  1 
ATOM   228  C CG1 . VAL A 1 30  ? 1.208   4.246   -11.844 1.00 19.20 ? 31  VAL A CG1 1 
ATOM   229  C CG2 . VAL A 1 30  ? -0.293  2.350   -12.477 1.00 19.74 ? 31  VAL A CG2 1 
ATOM   230  N N   . GLY A 1 31  ? -3.040  4.677   -10.704 1.00 17.97 ? 32  GLY A N   1 
ATOM   231  C CA  . GLY A 1 31  ? -4.486  4.626   -10.831 1.00 19.48 ? 32  GLY A CA  1 
ATOM   232  C C   . GLY A 1 31  ? -5.234  4.686   -9.517  1.00 20.55 ? 32  GLY A C   1 
ATOM   233  O O   . GLY A 1 31  ? -4.634  4.814   -8.450  1.00 21.64 ? 32  GLY A O   1 
ATOM   234  N N   . GLY A 1 32  ? -6.558  4.601   -9.601  1.00 19.58 ? 33  GLY A N   1 
ATOM   235  C CA  . GLY A 1 32  ? -7.383  4.643   -8.410  1.00 19.45 ? 33  GLY A CA  1 
ATOM   236  C C   . GLY A 1 32  ? -7.741  3.248   -7.938  1.00 19.01 ? 33  GLY A C   1 
ATOM   237  O O   . GLY A 1 32  ? -6.898  2.348   -7.936  1.00 18.24 ? 33  GLY A O   1 
ATOM   238  N N   . ARG A 1 33  ? -8.995  3.065   -7.539  1.00 16.88 ? 34  ARG A N   1 
ATOM   239  C CA  . ARG A 1 33  ? -9.449  1.769   -7.061  1.00 16.86 ? 34  ARG A CA  1 
ATOM   240  C C   . ARG A 1 33  ? -10.390 1.079   -8.042  1.00 16.93 ? 34  ARG A C   1 
ATOM   241  O O   . ARG A 1 33  ? -10.874 1.682   -9.001  1.00 15.76 ? 34  ARG A O   1 
ATOM   242  C CB  . ARG A 1 33  ? -10.146 1.924   -5.706  1.00 16.55 ? 34  ARG A CB  1 
ATOM   243  C CG  . ARG A 1 33  ? -9.186  2.071   -4.540  1.00 20.45 ? 34  ARG A CG  1 
ATOM   244  C CD  . ARG A 1 33  ? -9.930  2.232   -3.228  1.00 18.39 ? 34  ARG A CD  1 
ATOM   245  N NE  . ARG A 1 33  ? -10.656 3.496   -3.174  1.00 20.50 ? 34  ARG A NE  1 
ATOM   246  C CZ  . ARG A 1 33  ? -11.975 3.606   -3.305  1.00 20.54 ? 34  ARG A CZ  1 
ATOM   247  N NH1 . ARG A 1 33  ? -12.551 4.798   -3.242  1.00 22.57 ? 34  ARG A NH1 1 
ATOM   248  N NH2 . ARG A 1 33  ? -12.715 2.523   -3.499  1.00 20.61 ? 34  ARG A NH2 1 
ATOM   249  N N   . GLY A 1 34  ? -10.635 -0.200  -7.786  1.00 14.96 ? 35  GLY A N   1 
ATOM   250  C CA  . GLY A 1 34  ? -11.515 -0.989  -8.621  1.00 14.79 ? 35  GLY A CA  1 
ATOM   251  C C   . GLY A 1 34  ? -11.761 -2.295  -7.899  1.00 15.65 ? 35  GLY A C   1 
ATOM   252  O O   . GLY A 1 34  ? -11.196 -2.520  -6.831  1.00 14.04 ? 35  GLY A O   1 
ATOM   253  N N   . GLU A 1 35  ? -12.597 -3.158  -8.461  1.00 15.73 ? 36  GLU A N   1 
ATOM   254  C CA  . GLU A 1 35  ? -12.882 -4.440  -7.825  1.00 17.96 ? 36  GLU A CA  1 
ATOM   255  C C   . GLU A 1 35  ? -11.594 -5.256  -7.711  1.00 17.62 ? 36  GLU A C   1 
ATOM   256  O O   . GLU A 1 35  ? -10.985 -5.613  -8.720  1.00 16.30 ? 36  GLU A O   1 
ATOM   257  C CB  . GLU A 1 35  ? -13.922 -5.216  -8.632  1.00 21.49 ? 36  GLU A CB  1 
ATOM   258  C CG  . GLU A 1 35  ? -14.869 -6.033  -7.773  1.00 28.08 ? 36  GLU A CG  1 
ATOM   259  C CD  . GLU A 1 35  ? -16.014 -6.624  -8.570  1.00 33.19 ? 36  GLU A CD  1 
ATOM   260  O OE1 . GLU A 1 35  ? -16.804 -7.395  -7.988  1.00 38.59 ? 36  GLU A OE1 1 
ATOM   261  O OE2 . GLU A 1 35  ? -16.123 -6.321  -9.779  1.00 37.38 ? 36  GLU A OE2 1 
ATOM   262  N N   . PRO A 1 36  ? -11.159 -5.553  -6.473  1.00 16.60 ? 37  PRO A N   1 
ATOM   263  C CA  . PRO A 1 36  ? -9.935  -6.331  -6.240  1.00 15.74 ? 37  PRO A CA  1 
ATOM   264  C C   . PRO A 1 36  ? -9.970  -7.730  -6.848  1.00 14.63 ? 37  PRO A C   1 
ATOM   265  O O   . PRO A 1 36  ? -10.958 -8.453  -6.721  1.00 14.74 ? 37  PRO A O   1 
ATOM   266  C CB  . PRO A 1 36  ? -9.809  -6.369  -4.716  1.00 16.08 ? 37  PRO A CB  1 
ATOM   267  C CG  . PRO A 1 36  ? -11.172 -6.063  -4.205  1.00 18.87 ? 37  PRO A CG  1 
ATOM   268  C CD  . PRO A 1 36  ? -11.808 -5.158  -5.212  1.00 16.93 ? 37  PRO A CD  1 
ATOM   269  N N   . LEU A 1 37  ? -8.875  -8.102  -7.503  1.00 13.59 ? 38  LEU A N   1 
ATOM   270  C CA  . LEU A 1 37  ? -8.754  -9.402  -8.153  1.00 13.45 ? 38  LEU A CA  1 
ATOM   271  C C   . LEU A 1 37  ? -8.397  -10.526 -7.182  1.00 13.86 ? 38  LEU A C   1 
ATOM   272  O O   . LEU A 1 37  ? -8.797  -11.673 -7.380  1.00 13.09 ? 38  LEU A O   1 
ATOM   273  C CB  . LEU A 1 37  ? -7.697  -9.332  -9.259  1.00 13.94 ? 38  LEU A CB  1 
ATOM   274  C CG  . LEU A 1 37  ? -8.082  -8.548  -10.517 1.00 17.00 ? 38  LEU A CG  1 
ATOM   275  C CD1 . LEU A 1 37  ? -6.886  -8.449  -11.454 1.00 16.67 ? 38  LEU A CD1 1 
ATOM   276  C CD2 . LEU A 1 37  ? -9.247  -9.240  -11.208 1.00 19.38 ? 38  LEU A CD2 1 
ATOM   277  N N   . ASP A 1 38  ? -7.643  -10.200 -6.137  1.00 11.32 ? 39  ASP A N   1 
ATOM   278  C CA  . ASP A 1 38  ? -7.243  -11.198 -5.152  1.00 11.15 ? 39  ASP A CA  1 
ATOM   279  C C   . ASP A 1 38  ? -6.870  -10.550 -3.821  1.00 10.09 ? 39  ASP A C   1 
ATOM   280  O O   . ASP A 1 38  ? -7.058  -9.349  -3.638  1.00 10.41 ? 39  ASP A O   1 
ATOM   281  C CB  . ASP A 1 38  ? -6.070  -12.030 -5.690  1.00 11.10 ? 39  ASP A CB  1 
ATOM   282  C CG  . ASP A 1 38  ? -4.833  -11.195 -5.965  1.00 10.43 ? 39  ASP A CG  1 
ATOM   283  O OD1 . ASP A 1 38  ? -4.858  -9.970  -5.723  1.00 10.81 ? 39  ASP A OD1 1 
ATOM   284  O OD2 . ASP A 1 38  ? -3.825  -11.775 -6.426  1.00 12.22 ? 39  ASP A OD2 1 
ATOM   285  N N   . ALA A 1 39  ? -6.341  -11.350 -2.896  1.00 10.45 ? 40  ALA A N   1 
ATOM   286  C CA  . ALA A 1 39  ? -5.959  -10.854 -1.574  1.00 9.86  ? 40  ALA A CA  1 
ATOM   287  C C   . ALA A 1 39  ? -4.956  -9.707  -1.624  1.00 9.79  ? 40  ALA A C   1 
ATOM   288  O O   . ALA A 1 39  ? -5.115  -8.704  -0.926  1.00 8.96  ? 40  ALA A O   1 
ATOM   289  C CB  . ALA A 1 39  ? -5.400  -11.993 -0.732  1.00 10.09 ? 40  ALA A CB  1 
ATOM   290  N N   . THR A 1 40  ? -3.916  -9.861  -2.434  1.00 8.19  ? 41  THR A N   1 
ATOM   291  C CA  . THR A 1 40  ? -2.908  -8.820  -2.560  1.00 8.81  ? 41  THR A CA  1 
ATOM   292  C C   . THR A 1 40  ? -3.575  -7.540  -3.047  1.00 9.94  ? 41  THR A C   1 
ATOM   293  O O   . THR A 1 40  ? -3.336  -6.451  -2.515  1.00 9.00  ? 41  THR A O   1 
ATOM   294  C CB  . THR A 1 40  ? -1.802  -9.236  -3.553  1.00 8.32  ? 41  THR A CB  1 
ATOM   295  O OG1 . THR A 1 40  ? -0.994  -10.263 -2.962  1.00 8.36  ? 41  THR A OG1 1 
ATOM   296  C CG2 . THR A 1 40  ? -0.920  -8.043  -3.902  1.00 9.91  ? 41  THR A CG2 1 
ATOM   297  N N   . ASP A 1 41  ? -4.427  -7.680  -4.059  1.00 9.65  ? 42  ASP A N   1 
ATOM   298  C CA  . ASP A 1 41  ? -5.136  -6.541  -4.618  1.00 9.76  ? 42  ASP A CA  1 
ATOM   299  C C   . ASP A 1 41  ? -6.008  -5.884  -3.551  1.00 10.09 ? 42  ASP A C   1 
ATOM   300  O O   . ASP A 1 41  ? -6.133  -4.663  -3.505  1.00 10.23 ? 42  ASP A O   1 
ATOM   301  C CB  . ASP A 1 41  ? -6.000  -6.993  -5.796  1.00 10.75 ? 42  ASP A CB  1 
ATOM   302  C CG  . ASP A 1 41  ? -6.230  -5.890  -6.809  1.00 11.23 ? 42  ASP A CG  1 
ATOM   303  O OD1 . ASP A 1 41  ? -5.587  -4.826  -6.688  1.00 11.33 ? 42  ASP A OD1 1 
ATOM   304  O OD2 . ASP A 1 41  ? -7.050  -6.087  -7.727  1.00 11.52 ? 42  ASP A OD2 1 
ATOM   305  N N   . ARG A 1 42  ? -6.611  -6.704  -2.694  1.00 9.90  ? 43  ARG A N   1 
ATOM   306  C CA  . ARG A 1 42  ? -7.461  -6.197  -1.622  1.00 10.98 ? 43  ARG A CA  1 
ATOM   307  C C   . ARG A 1 42  ? -6.648  -5.329  -0.664  1.00 8.74  ? 43  ARG A C   1 
ATOM   308  O O   . ARG A 1 42  ? -7.139  -4.311  -0.175  1.00 8.18  ? 43  ARG A O   1 
ATOM   309  C CB  . ARG A 1 42  ? -8.099  -7.356  -0.852  1.00 14.03 ? 43  ARG A CB  1 
ATOM   310  C CG  . ARG A 1 42  ? -9.282  -7.994  -1.565  1.00 21.93 ? 43  ARG A CG  1 
ATOM   311  C CD  . ARG A 1 42  ? -10.355 -8.445  -0.587  1.00 23.40 ? 43  ARG A CD  1 
ATOM   312  N NE  . ARG A 1 42  ? -10.800 -7.358  0.281   1.00 25.04 ? 43  ARG A NE  1 
ATOM   313  C CZ  . ARG A 1 42  ? -11.813 -6.543  0.000   1.00 25.25 ? 43  ARG A CZ  1 
ATOM   314  N NH1 . ARG A 1 42  ? -12.495 -6.687  -1.131  1.00 24.84 ? 43  ARG A NH1 1 
ATOM   315  N NH2 . ARG A 1 42  ? -12.147 -5.582  0.852   1.00 25.66 ? 43  ARG A NH2 1 
ATOM   316  N N   . CYS A 1 43  ? -5.406  -5.733  -0.394  1.00 8.46  ? 44  CYS A N   1 
ATOM   317  C CA  . CYS A 1 43  ? -4.535  -4.966  0.499   1.00 8.14  ? 44  CYS A CA  1 
ATOM   318  C C   . CYS A 1 43  ? -4.436  -3.543  -0.023  1.00 7.92  ? 44  CYS A C   1 
ATOM   319  O O   . CYS A 1 43  ? -4.553  -2.577  0.729   1.00 8.94  ? 44  CYS A O   1 
ATOM   320  C CB  . CYS A 1 43  ? -3.126  -5.552  0.532   1.00 9.66  ? 44  CYS A CB  1 
ATOM   321  S SG  . CYS A 1 43  ? -2.998  -7.241  1.130   1.00 10.84 ? 44  CYS A SG  1 
ATOM   322  N N   . CYS A 1 44  ? -4.214  -3.427  -1.328  1.00 6.37  ? 45  CYS A N   1 
ATOM   323  C CA  . CYS A 1 44  ? -4.085  -2.126  -1.968  1.00 9.22  ? 45  CYS A CA  1 
ATOM   324  C C   . CYS A 1 44  ? -5.378  -1.332  -1.953  1.00 8.71  ? 45  CYS A C   1 
ATOM   325  O O   . CYS A 1 44  ? -5.356  -0.106  -1.859  1.00 9.50  ? 45  CYS A O   1 
ATOM   326  C CB  . CYS A 1 44  ? -3.579  -2.310  -3.393  1.00 9.43  ? 45  CYS A CB  1 
ATOM   327  S SG  . CYS A 1 44  ? -1.938  -3.043  -3.390  1.00 11.31 ? 45  CYS A SG  1 
ATOM   328  N N   . PHE A 1 45  ? -6.505  -2.029  -2.034  1.00 8.50  ? 46  PHE A N   1 
ATOM   329  C CA  . PHE A 1 45  ? -7.798  -1.363  -1.993  1.00 10.04 ? 46  PHE A CA  1 
ATOM   330  C C   . PHE A 1 45  ? -7.958  -0.712  -0.616  1.00 9.84  ? 46  PHE A C   1 
ATOM   331  O O   . PHE A 1 45  ? -8.278  0.473   -0.508  1.00 7.52  ? 46  PHE A O   1 
ATOM   332  C CB  . PHE A 1 45  ? -8.926  -2.374  -2.225  1.00 10.52 ? 46  PHE A CB  1 
ATOM   333  C CG  . PHE A 1 45  ? -10.301 -1.765  -2.195  1.00 12.01 ? 46  PHE A CG  1 
ATOM   334  C CD1 . PHE A 1 45  ? -10.902 -1.317  -3.368  1.00 14.56 ? 46  PHE A CD1 1 
ATOM   335  C CD2 . PHE A 1 45  ? -10.993 -1.634  -0.994  1.00 12.17 ? 46  PHE A CD2 1 
ATOM   336  C CE1 . PHE A 1 45  ? -12.176 -0.747  -3.344  1.00 14.24 ? 46  PHE A CE1 1 
ATOM   337  C CE2 . PHE A 1 45  ? -12.264 -1.066  -0.959  1.00 12.55 ? 46  PHE A CE2 1 
ATOM   338  C CZ  . PHE A 1 45  ? -12.857 -0.621  -2.138  1.00 12.81 ? 46  PHE A CZ  1 
ATOM   339  N N   . VAL A 1 46  ? -7.722  -1.496  0.431   1.00 9.33  ? 47  VAL A N   1 
ATOM   340  C CA  . VAL A 1 46  ? -7.838  -1.002  1.797   1.00 10.34 ? 47  VAL A CA  1 
ATOM   341  C C   . VAL A 1 46  ? -6.867  0.149   2.044   1.00 9.75  ? 47  VAL A C   1 
ATOM   342  O O   . VAL A 1 46  ? -7.218  1.140   2.683   1.00 11.46 ? 47  VAL A O   1 
ATOM   343  C CB  . VAL A 1 46  ? -7.557  -2.128  2.818   1.00 11.14 ? 47  VAL A CB  1 
ATOM   344  C CG1 . VAL A 1 46  ? -7.445  -1.551  4.221   1.00 9.80  ? 47  VAL A CG1 1 
ATOM   345  C CG2 . VAL A 1 46  ? -8.663  -3.164  2.759   1.00 11.78 ? 47  VAL A CG2 1 
ATOM   346  N N   . HIS A 1 47  ? -5.651  0.014   1.525   1.00 8.67  ? 48  HIS A N   1 
ATOM   347  C CA  . HIS A 1 47  ? -4.630  1.043   1.692   1.00 8.68  ? 48  HIS A CA  1 
ATOM   348  C C   . HIS A 1 47  ? -5.061  2.384   1.105   1.00 9.10  ? 48  HIS A C   1 
ATOM   349  O O   . HIS A 1 47  ? -4.921  3.421   1.752   1.00 10.92 ? 48  HIS A O   1 
ATOM   350  C CB  . HIS A 1 47  ? -3.319  0.594   1.041   1.00 8.24  ? 48  HIS A CB  1 
ATOM   351  C CG  . HIS A 1 47  ? -2.207  1.589   1.181   1.00 8.22  ? 48  HIS A CG  1 
ATOM   352  N ND1 . HIS A 1 47  ? -1.611  2.191   0.094   1.00 11.15 ? 48  HIS A ND1 1 
ATOM   353  C CD2 . HIS A 1 47  ? -1.582  2.081   2.275   1.00 9.40  ? 48  HIS A CD2 1 
ATOM   354  C CE1 . HIS A 1 47  ? -0.664  3.015   0.513   1.00 12.22 ? 48  HIS A CE1 1 
ATOM   355  N NE2 . HIS A 1 47  ? -0.627  2.964   1.836   1.00 10.25 ? 48  HIS A NE2 1 
ATOM   356  N N   . LYS A 1 48  ? -5.581  2.368   -0.120  1.00 8.10  ? 49  LYS A N   1 
ATOM   357  C CA  . LYS A 1 48  ? -6.016  3.606   -0.758  1.00 8.85  ? 49  LYS A CA  1 
ATOM   358  C C   . LYS A 1 48  ? -7.227  4.191   -0.030  1.00 10.57 ? 49  LYS A C   1 
ATOM   359  O O   . LYS A 1 48  ? -7.419  5.407   -0.008  1.00 11.31 ? 49  LYS A O   1 
ATOM   360  C CB  . LYS A 1 48  ? -6.322  3.357   -2.239  1.00 9.57  ? 49  LYS A CB  1 
ATOM   361  C CG  . LYS A 1 48  ? -5.051  3.173   -3.066  1.00 8.48  ? 49  LYS A CG  1 
ATOM   362  C CD  . LYS A 1 48  ? -5.309  3.023   -4.558  1.00 10.46 ? 49  LYS A CD  1 
ATOM   363  C CE  . LYS A 1 48  ? -3.997  3.151   -5.330  1.00 12.14 ? 49  LYS A CE  1 
ATOM   364  N NZ  . LYS A 1 48  ? -4.071  2.631   -6.724  1.00 10.54 ? 49  LYS A NZ  1 
ATOM   365  N N   . CYS A 1 49  ? -8.033  3.323   0.576   1.00 9.68  ? 50  CYS A N   1 
ATOM   366  C CA  . CYS A 1 49  ? -9.197  3.769   1.330   1.00 11.47 ? 50  CYS A CA  1 
ATOM   367  C C   . CYS A 1 49  ? -8.696  4.473   2.586   1.00 11.46 ? 50  CYS A C   1 
ATOM   368  O O   . CYS A 1 49  ? -9.261  5.470   3.029   1.00 10.85 ? 50  CYS A O   1 
ATOM   369  C CB  . CYS A 1 49  ? -10.054 2.575   1.741   1.00 11.80 ? 50  CYS A CB  1 
ATOM   370  S SG  . CYS A 1 49  ? -11.067 1.886   0.420   1.00 15.58 ? 50  CYS A SG  1 
ATOM   371  N N   . CYS A 1 50  ? -7.622  3.935   3.153   1.00 10.29 ? 51  CYS A N   1 
ATOM   372  C CA  . CYS A 1 50  ? -7.021  4.485   4.360   1.00 11.63 ? 51  CYS A CA  1 
ATOM   373  C C   . CYS A 1 50  ? -6.556  5.925   4.152   1.00 13.78 ? 51  CYS A C   1 
ATOM   374  O O   . CYS A 1 50  ? -6.718  6.776   5.031   1.00 15.57 ? 51  CYS A O   1 
ATOM   375  C CB  . CYS A 1 50  ? -5.833  3.613   4.780   1.00 10.80 ? 51  CYS A CB  1 
ATOM   376  S SG  . CYS A 1 50  ? -5.457  3.636   6.557   1.00 12.42 ? 51  CYS A SG  1 
ATOM   377  N N   . TYR A 1 51  ? -5.988  6.194   2.982   1.00 12.83 ? 52  TYR A N   1 
ATOM   378  C CA  . TYR A 1 51  ? -5.488  7.524   2.650   1.00 14.29 ? 52  TYR A CA  1 
ATOM   379  C C   . TYR A 1 51  ? -6.583  8.592   2.606   1.00 15.07 ? 52  TYR A C   1 
ATOM   380  O O   . TYR A 1 51  ? -6.288  9.786   2.604   1.00 14.99 ? 52  TYR A O   1 
ATOM   381  C CB  . TYR A 1 51  ? -4.773  7.483   1.297   1.00 13.13 ? 52  TYR A CB  1 
ATOM   382  C CG  . TYR A 1 51  ? -3.320  7.052   1.348   1.00 12.41 ? 52  TYR A CG  1 
ATOM   383  C CD1 . TYR A 1 51  ? -2.694  6.753   2.559   1.00 11.99 ? 52  TYR A CD1 1 
ATOM   384  C CD2 . TYR A 1 51  ? -2.562  6.971   0.180   1.00 12.74 ? 52  TYR A CD2 1 
ATOM   385  C CE1 . TYR A 1 51  ? -1.343  6.387   2.603   1.00 11.36 ? 52  TYR A CE1 1 
ATOM   386  C CE2 . TYR A 1 51  ? -1.217  6.608   0.212   1.00 12.19 ? 52  TYR A CE2 1 
ATOM   387  C CZ  . TYR A 1 51  ? -0.615  6.321   1.425   1.00 11.94 ? 52  TYR A CZ  1 
ATOM   388  O OH  . TYR A 1 51  ? 0.715   5.985   1.450   1.00 12.58 ? 52  TYR A OH  1 
ATOM   389  N N   . LYS A 1 52  ? -7.843  8.168   2.570   1.00 17.35 ? 53  LYS A N   1 
ATOM   390  C CA  . LYS A 1 52  ? -8.959  9.110   2.506   1.00 20.75 ? 53  LYS A CA  1 
ATOM   391  C C   . LYS A 1 52  ? -9.081  10.001  3.741   1.00 22.63 ? 53  LYS A C   1 
ATOM   392  O O   . LYS A 1 52  ? -9.511  11.150  3.641   1.00 24.30 ? 53  LYS A O   1 
ATOM   393  C CB  . LYS A 1 52  ? -10.275 8.357   2.291   1.00 22.74 ? 53  LYS A CB  1 
ATOM   394  C CG  . LYS A 1 52  ? -10.246 7.393   1.118   1.00 27.35 ? 53  LYS A CG  1 
ATOM   395  C CD  . LYS A 1 52  ? -11.206 7.822   0.026   1.00 31.02 ? 53  LYS A CD  1 
ATOM   396  C CE  . LYS A 1 52  ? -12.646 7.547   0.422   1.00 32.56 ? 53  LYS A CE  1 
ATOM   397  N NZ  . LYS A 1 52  ? -13.507 8.740   0.203   1.00 34.08 ? 53  LYS A NZ  1 
ATOM   398  N N   . LYS A 1 53  ? -8.699  9.471   4.900   1.00 22.29 ? 57  LYS A N   1 
ATOM   399  C CA  . LYS A 1 53  ? -8.778  10.211  6.157   1.00 23.94 ? 57  LYS A CA  1 
ATOM   400  C C   . LYS A 1 53  ? -7.732  11.323  6.275   1.00 24.06 ? 57  LYS A C   1 
ATOM   401  O O   . LYS A 1 53  ? -7.802  12.156  7.183   1.00 25.91 ? 57  LYS A O   1 
ATOM   402  C CB  . LYS A 1 53  ? -8.624  9.249   7.337   1.00 24.29 ? 57  LYS A CB  1 
ATOM   403  C CG  . LYS A 1 53  ? -7.178  8.879   7.637   1.00 24.28 ? 57  LYS A CG  1 
ATOM   404  C CD  . LYS A 1 53  ? -7.055  8.137   8.951   1.00 24.79 ? 57  LYS A CD  1 
ATOM   405  C CE  . LYS A 1 53  ? -7.134  6.639   8.735   1.00 23.94 ? 57  LYS A CE  1 
ATOM   406  N NZ  . LYS A 1 53  ? -8.278  6.048   9.480   1.00 27.92 ? 57  LYS A NZ  1 
ATOM   407  N N   . LEU A 1 54  ? -6.764  11.332  5.365   1.00 22.08 ? 58  LEU A N   1 
ATOM   408  C CA  . LEU A 1 54  ? -5.713  12.343  5.385   1.00 20.98 ? 58  LEU A CA  1 
ATOM   409  C C   . LEU A 1 54  ? -6.219  13.635  4.762   1.00 24.00 ? 58  LEU A C   1 
ATOM   410  O O   . LEU A 1 54  ? -6.403  13.722  3.550   1.00 26.35 ? 58  LEU A O   1 
ATOM   411  C CB  . LEU A 1 54  ? -4.487  11.844  4.622   1.00 16.27 ? 58  LEU A CB  1 
ATOM   412  C CG  . LEU A 1 54  ? -3.979  10.463  5.031   1.00 14.71 ? 58  LEU A CG  1 
ATOM   413  C CD1 . LEU A 1 54  ? -2.731  10.132  4.231   1.00 14.71 ? 58  LEU A CD1 1 
ATOM   414  C CD2 . LEU A 1 54  ? -3.687  10.437  6.526   1.00 12.81 ? 58  LEU A CD2 1 
ATOM   415  N N   . THR A 1 55  ? -6.429  14.645  5.598   1.00 26.83 ? 59  THR A N   1 
ATOM   416  C CA  . THR A 1 55  ? -6.939  15.924  5.122   1.00 28.94 ? 59  THR A CA  1 
ATOM   417  C C   . THR A 1 55  ? -5.945  17.077  5.200   1.00 27.66 ? 59  THR A C   1 
ATOM   418  O O   . THR A 1 55  ? -6.166  18.123  4.592   1.00 27.92 ? 59  THR A O   1 
ATOM   419  C CB  . THR A 1 55  ? -8.197  16.297  5.907   1.00 31.90 ? 59  THR A CB  1 
ATOM   420  C CG2 . THR A 1 55  ? -7.897  16.501  7.277   1.00 38.24 ? 59  THR A CG2 1 
ATOM   421  N N   . ASP A 1 56  ? -4.846  16.897  5.926   1.00 25.32 ? 60  ASP A N   1 
ATOM   422  C CA  . ASP A 1 56  ? -3.871  17.975  6.063   1.00 24.95 ? 60  ASP A CA  1 
ATOM   423  C C   . ASP A 1 56  ? -2.438  17.630  5.667   1.00 22.92 ? 60  ASP A C   1 
ATOM   424  O O   . ASP A 1 56  ? -1.495  18.305  6.084   1.00 22.25 ? 60  ASP A O   1 
ATOM   425  C CB  . ASP A 1 56  ? -3.890  18.503  7.499   1.00 26.60 ? 60  ASP A CB  1 
ATOM   426  C CG  . ASP A 1 56  ? -5.274  18.959  7.931   1.00 29.58 ? 60  ASP A CG  1 
ATOM   427  O OD1 . ASP A 1 56  ? -5.668  20.092  7.584   1.00 32.89 ? 60  ASP A OD1 1 
ATOM   428  O OD2 . ASP A 1 56  ? -5.972  18.185  8.623   1.00 32.18 ? 60  ASP A OD2 1 
ATOM   429  N N   . CYS A 1 57  ? -2.265  16.587  4.863   1.00 19.16 ? 61  CYS A N   1 
ATOM   430  C CA  . CYS A 1 57  ? -0.930  16.213  4.426   1.00 17.59 ? 61  CYS A CA  1 
ATOM   431  C C   . CYS A 1 57  ? -0.961  15.442  3.116   1.00 17.91 ? 61  CYS A C   1 
ATOM   432  O O   . CYS A 1 57  ? -2.001  14.927  2.708   1.00 18.55 ? 61  CYS A O   1 
ATOM   433  C CB  . CYS A 1 57  ? -0.212  15.404  5.514   1.00 16.56 ? 61  CYS A CB  1 
ATOM   434  S SG  . CYS A 1 57  ? -0.890  13.770  5.850   1.00 16.36 ? 61  CYS A SG  1 
ATOM   435  N N   . ASP A 1 58  ? 0.192   15.381  2.459   1.00 19.35 ? 67  ASP A N   1 
ATOM   436  C CA  . ASP A 1 58  ? 0.332   14.702  1.177   1.00 20.64 ? 67  ASP A CA  1 
ATOM   437  C C   . ASP A 1 58  ? 0.975   13.327  1.339   1.00 18.77 ? 67  ASP A C   1 
ATOM   438  O O   . ASP A 1 58  ? 2.166   13.219  1.631   1.00 17.47 ? 67  ASP A O   1 
ATOM   439  C CB  . ASP A 1 58  ? 1.183   15.565  0.241   1.00 23.03 ? 67  ASP A CB  1 
ATOM   440  C CG  . ASP A 1 58  ? 1.073   15.138  -1.206  1.00 27.61 ? 67  ASP A CG  1 
ATOM   441  O OD1 . ASP A 1 58  ? 1.130   13.920  -1.474  1.00 25.57 ? 67  ASP A OD1 1 
ATOM   442  O OD2 . ASP A 1 58  ? 0.930   16.022  -2.076  1.00 32.19 ? 67  ASP A OD2 1 
ATOM   443  N N   . SER A 1 59  ? 0.180   12.281  1.140   1.00 18.59 ? 68  SER A N   1 
ATOM   444  C CA  . SER A 1 59  ? 0.661   10.909  1.271   1.00 19.11 ? 68  SER A CA  1 
ATOM   445  C C   . SER A 1 59  ? 1.708   10.559  0.217   1.00 19.92 ? 68  SER A C   1 
ATOM   446  O O   . SER A 1 59  ? 2.341   9.508   0.281   1.00 19.20 ? 68  SER A O   1 
ATOM   447  C CB  . SER A 1 59  ? -0.514  9.933   1.168   1.00 20.23 ? 68  SER A CB  1 
ATOM   448  O OG  . SER A 1 59  ? -0.956  9.808   -0.171  1.00 22.81 ? 68  SER A OG  1 
ATOM   449  N N   . LYS A 1 60  ? 1.889   11.448  -0.751  1.00 21.91 ? 69  LYS A N   1 
ATOM   450  C CA  . LYS A 1 60  ? 2.850   11.222  -1.820  1.00 24.25 ? 69  LYS A CA  1 
ATOM   451  C C   . LYS A 1 60  ? 4.209   11.864  -1.555  1.00 24.53 ? 69  LYS A C   1 
ATOM   452  O O   . LYS A 1 60  ? 5.246   11.222  -1.732  1.00 23.98 ? 69  LYS A O   1 
ATOM   453  C CB  . LYS A 1 60  ? 2.293   11.754  -3.145  1.00 26.84 ? 69  LYS A CB  1 
ATOM   454  C CG  . LYS A 1 60  ? 2.149   10.703  -4.233  1.00 32.08 ? 69  LYS A CG  1 
ATOM   455  C CD  . LYS A 1 60  ? 0.943   10.987  -5.112  1.00 37.84 ? 69  LYS A CD  1 
ATOM   456  C CE  . LYS A 1 60  ? 1.338   11.732  -6.377  1.00 42.50 ? 69  LYS A CE  1 
ATOM   457  N NZ  . LYS A 1 60  ? 1.386   10.831  -7.566  1.00 46.48 ? 69  LYS A NZ  1 
ATOM   458  N N   . LYS A 1 61  ? 4.200   13.122  -1.125  1.00 24.33 ? 70  LYS A N   1 
ATOM   459  C CA  . LYS A 1 61  ? 5.445   13.845  -0.886  1.00 25.01 ? 70  LYS A CA  1 
ATOM   460  C C   . LYS A 1 61  ? 5.861   14.066  0.567   1.00 22.69 ? 70  LYS A C   1 
ATOM   461  O O   . LYS A 1 61  ? 7.048   14.220  0.852   1.00 24.46 ? 70  LYS A O   1 
ATOM   462  C CB  . LYS A 1 61  ? 5.399   15.207  -1.589  1.00 27.04 ? 70  LYS A CB  1 
ATOM   463  C CG  . LYS A 1 61  ? 4.152   15.458  -2.421  1.00 32.30 ? 70  LYS A CG  1 
ATOM   464  C CD  . LYS A 1 61  ? 4.004   16.939  -2.755  1.00 35.69 ? 70  LYS A CD  1 
ATOM   465  C CE  . LYS A 1 61  ? 3.523   17.143  -4.184  1.00 38.84 ? 70  LYS A CE  1 
ATOM   466  N NZ  . LYS A 1 61  ? 4.622   17.589  -5.085  1.00 41.72 ? 70  LYS A NZ  1 
ATOM   467  N N   . ASP A 1 62  ? 4.901   14.091  1.482   1.00 20.78 ? 71  ASP A N   1 
ATOM   468  C CA  . ASP A 1 62  ? 5.213   14.331  2.889   1.00 18.23 ? 71  ASP A CA  1 
ATOM   469  C C   . ASP A 1 62  ? 5.939   13.183  3.583   1.00 16.89 ? 71  ASP A C   1 
ATOM   470  O O   . ASP A 1 62  ? 5.453   12.051  3.625   1.00 15.56 ? 71  ASP A O   1 
ATOM   471  C CB  . ASP A 1 62  ? 3.932   14.681  3.650   1.00 19.02 ? 71  ASP A CB  1 
ATOM   472  C CG  . ASP A 1 62  ? 3.388   16.045  3.261   1.00 22.95 ? 71  ASP A CG  1 
ATOM   473  O OD1 . ASP A 1 62  ? 2.213   16.330  3.564   1.00 23.56 ? 71  ASP A OD1 1 
ATOM   474  O OD2 . ASP A 1 62  ? 4.139   16.832  2.644   1.00 25.23 ? 71  ASP A OD2 1 
ATOM   475  N N   . ARG A 1 63  ? 7.106   13.499  4.137   1.00 16.72 ? 72  ARG A N   1 
ATOM   476  C CA  . ARG A 1 63  ? 7.936   12.523  4.835   1.00 16.99 ? 72  ARG A CA  1 
ATOM   477  C C   . ARG A 1 63  ? 7.556   12.377  6.304   1.00 16.64 ? 72  ARG A C   1 
ATOM   478  O O   . ARG A 1 63  ? 7.148   13.342  6.951   1.00 17.37 ? 72  ARG A O   1 
ATOM   479  C CB  . ARG A 1 63  ? 9.408   12.932  4.753   1.00 17.48 ? 72  ARG A CB  1 
ATOM   480  C CG  . ARG A 1 63  ? 9.966   12.980  3.350   1.00 22.11 ? 72  ARG A CG  1 
ATOM   481  C CD  . ARG A 1 63  ? 10.397  11.601  2.900   1.00 22.06 ? 72  ARG A CD  1 
ATOM   482  N NE  . ARG A 1 63  ? 11.575  11.660  2.047   1.00 23.41 ? 72  ARG A NE  1 
ATOM   483  C CZ  . ARG A 1 63  ? 12.511  10.724  2.005   1.00 18.92 ? 72  ARG A CZ  1 
ATOM   484  N NH1 . ARG A 1 63  ? 12.412  9.648   2.775   1.00 17.54 ? 72  ARG A NH1 1 
ATOM   485  N NH2 . ARG A 1 63  ? 13.546  10.864  1.190   1.00 24.17 ? 72  ARG A NH2 1 
ATOM   486  N N   . TYR A 1 64  ? 7.692   11.162  6.825   1.00 14.16 ? 73  TYR A N   1 
ATOM   487  C CA  . TYR A 1 64  ? 7.402   10.895  8.226   1.00 12.43 ? 73  TYR A CA  1 
ATOM   488  C C   . TYR A 1 64  ? 8.486   9.984   8.783   1.00 14.23 ? 73  TYR A C   1 
ATOM   489  O O   . TYR A 1 64  ? 9.245   9.373   8.025   1.00 14.37 ? 73  TYR A O   1 
ATOM   490  C CB  . TYR A 1 64  ? 6.017   10.256  8.400   1.00 12.30 ? 73  TYR A CB  1 
ATOM   491  C CG  . TYR A 1 64  ? 5.805   8.942   7.672   1.00 12.03 ? 73  TYR A CG  1 
ATOM   492  C CD1 . TYR A 1 64  ? 6.410   7.766   8.118   1.00 10.31 ? 73  TYR A CD1 1 
ATOM   493  C CD2 . TYR A 1 64  ? 4.964   8.870   6.561   1.00 11.57 ? 73  TYR A CD2 1 
ATOM   494  C CE1 . TYR A 1 64  ? 6.181   6.551   7.476   1.00 10.95 ? 73  TYR A CE1 1 
ATOM   495  C CE2 . TYR A 1 64  ? 4.727   7.659   5.911   1.00 11.07 ? 73  TYR A CE2 1 
ATOM   496  C CZ  . TYR A 1 64  ? 5.338   6.504   6.376   1.00 11.29 ? 73  TYR A CZ  1 
ATOM   497  O OH  . TYR A 1 64  ? 5.110   5.306   5.739   1.00 9.81  ? 73  TYR A OH  1 
ATOM   498  N N   . SER A 1 65  ? 8.565   9.899   10.105  1.00 10.50 ? 74  SER A N   1 
ATOM   499  C CA  . SER A 1 65  ? 9.578   9.073   10.733  1.00 9.82  ? 74  SER A CA  1 
ATOM   500  C C   . SER A 1 65  ? 9.032   7.739   11.219  1.00 10.25 ? 74  SER A C   1 
ATOM   501  O O   . SER A 1 65  ? 7.937   7.670   11.781  1.00 11.85 ? 74  SER A O   1 
ATOM   502  C CB  . SER A 1 65  ? 10.207  9.832   11.905  1.00 11.56 ? 74  SER A CB  1 
ATOM   503  O OG  . SER A 1 65  ? 11.023  8.979   12.688  1.00 15.02 ? 74  SER A OG  1 
ATOM   504  N N   . TYR A 1 66  ? 9.798   6.682   10.983  1.00 10.61 ? 75  TYR A N   1 
ATOM   505  C CA  . TYR A 1 66  ? 9.424   5.345   11.427  1.00 11.43 ? 75  TYR A CA  1 
ATOM   506  C C   . TYR A 1 66  ? 10.696  4.526   11.569  1.00 12.61 ? 75  TYR A C   1 
ATOM   507  O O   . TYR A 1 66  ? 11.741  4.884   11.016  1.00 13.59 ? 75  TYR A O   1 
ATOM   508  C CB  . TYR A 1 66  ? 8.455   4.683   10.436  1.00 10.97 ? 75  TYR A CB  1 
ATOM   509  C CG  . TYR A 1 66  ? 9.114   3.878   9.338   1.00 10.60 ? 75  TYR A CG  1 
ATOM   510  C CD1 . TYR A 1 66  ? 9.345   2.508   9.490   1.00 10.01 ? 75  TYR A CD1 1 
ATOM   511  C CD2 . TYR A 1 66  ? 9.502   4.483   8.144   1.00 11.63 ? 75  TYR A CD2 1 
ATOM   512  C CE1 . TYR A 1 66  ? 9.950   1.764   8.478   1.00 12.62 ? 75  TYR A CE1 1 
ATOM   513  C CE2 . TYR A 1 66  ? 10.106  3.749   7.126   1.00 12.99 ? 75  TYR A CE2 1 
ATOM   514  C CZ  . TYR A 1 66  ? 10.327  2.392   7.299   1.00 12.90 ? 75  TYR A CZ  1 
ATOM   515  O OH  . TYR A 1 66  ? 10.932  1.670   6.295   1.00 15.07 ? 75  TYR A OH  1 
ATOM   516  N N   . LYS A 1 67  ? 10.612  3.431   12.315  1.00 13.08 ? 76  LYS A N   1 
ATOM   517  C CA  . LYS A 1 67  ? 11.769  2.576   12.523  1.00 15.37 ? 76  LYS A CA  1 
ATOM   518  C C   . LYS A 1 67  ? 11.466  1.117   12.225  1.00 15.79 ? 76  LYS A C   1 
ATOM   519  O O   . LYS A 1 67  ? 10.374  0.620   12.515  1.00 14.80 ? 76  LYS A O   1 
ATOM   520  C CB  . LYS A 1 67  ? 12.266  2.701   13.966  1.00 20.63 ? 76  LYS A CB  1 
ATOM   521  C CG  . LYS A 1 67  ? 12.634  4.115   14.378  1.00 26.13 ? 76  LYS A CG  1 
ATOM   522  C CD  . LYS A 1 67  ? 13.963  4.535   13.776  1.00 31.40 ? 76  LYS A CD  1 
ATOM   523  C CE  . LYS A 1 67  ? 14.334  5.953   14.180  1.00 33.99 ? 76  LYS A CE  1 
ATOM   524  N NZ  . LYS A 1 67  ? 15.638  6.370   13.596  1.00 37.77 ? 76  LYS A NZ  1 
ATOM   525  N N   . TRP A 1 68  ? 12.446  0.443   11.635  1.00 14.38 ? 77  TRP A N   1 
ATOM   526  C CA  . TRP A 1 68  ? 12.342  -0.970  11.308  1.00 15.88 ? 77  TRP A CA  1 
ATOM   527  C C   . TRP A 1 68  ? 13.298  -1.658  12.279  1.00 18.06 ? 77  TRP A C   1 
ATOM   528  O O   . TRP A 1 68  ? 14.501  -1.734  12.030  1.00 18.44 ? 77  TRP A O   1 
ATOM   529  C CB  . TRP A 1 68  ? 12.776  -1.206  9.856   1.00 15.43 ? 77  TRP A CB  1 
ATOM   530  C CG  . TRP A 1 68  ? 12.950  -2.649  9.474   1.00 17.11 ? 77  TRP A CG  1 
ATOM   531  C CD1 . TRP A 1 68  ? 14.120  -3.269  9.134   1.00 16.27 ? 77  TRP A CD1 1 
ATOM   532  C CD2 . TRP A 1 68  ? 11.923  -3.645  9.370   1.00 16.39 ? 77  TRP A CD2 1 
ATOM   533  N NE1 . TRP A 1 68  ? 13.885  -4.586  8.824   1.00 17.41 ? 77  TRP A NE1 1 
ATOM   534  C CE2 . TRP A 1 68  ? 12.546  -4.845  8.957   1.00 16.35 ? 77  TRP A CE2 1 
ATOM   535  C CE3 . TRP A 1 68  ? 10.537  -3.641  9.582   1.00 15.97 ? 77  TRP A CE3 1 
ATOM   536  C CZ2 . TRP A 1 68  ? 11.832  -6.032  8.757   1.00 14.78 ? 77  TRP A CZ2 1 
ATOM   537  C CZ3 . TRP A 1 68  ? 9.826   -4.820  9.379   1.00 15.25 ? 77  TRP A CZ3 1 
ATOM   538  C CH2 . TRP A 1 68  ? 10.477  -6.000  8.971   1.00 15.99 ? 77  TRP A CH2 1 
ATOM   539  N N   . LYS A 1 69  ? 12.760  -2.131  13.397  1.00 18.04 ? 78  LYS A N   1 
ATOM   540  C CA  . LYS A 1 69  ? 13.570  -2.793  14.414  1.00 20.27 ? 78  LYS A CA  1 
ATOM   541  C C   . LYS A 1 69  ? 12.915  -4.069  14.923  1.00 17.80 ? 78  LYS A C   1 
ATOM   542  O O   . LYS A 1 69  ? 11.706  -4.108  15.157  1.00 16.49 ? 78  LYS A O   1 
ATOM   543  C CB  . LYS A 1 69  ? 13.818  -1.841  15.590  1.00 22.34 ? 78  LYS A CB  1 
ATOM   544  C CG  . LYS A 1 69  ? 13.222  -0.576  15.357  1.00 31.40 ? 78  LYS A CG  1 
ATOM   545  N N   . ASN A 1 70  ? 13.726  -5.106  15.101  1.00 16.02 ? 79  ASN A N   1 
ATOM   546  C CA  . ASN A 1 70  ? 13.240  -6.392  15.582  1.00 16.17 ? 79  ASN A CA  1 
ATOM   547  C C   . ASN A 1 70  ? 12.146  -6.933  14.667  1.00 15.12 ? 79  ASN A C   1 
ATOM   548  O O   . ASN A 1 70  ? 11.163  -7.514  15.130  1.00 15.21 ? 79  ASN A O   1 
ATOM   549  C CB  . ASN A 1 70  ? 12.717  -6.252  17.012  1.00 14.76 ? 79  ASN A CB  1 
ATOM   550  C CG  . ASN A 1 70  ? 13.680  -5.500  17.909  1.00 15.10 ? 79  ASN A CG  1 
ATOM   551  O OD1 . ASN A 1 70  ? 14.877  -5.794  17.938  1.00 13.39 ? 79  ASN A OD1 1 
ATOM   552  N ND2 . ASN A 1 70  ? 13.166  -4.524  18.645  1.00 15.33 ? 79  ASN A ND2 1 
ATOM   553  N N   . LYS A 1 71  ? 12.335  -6.734  13.365  1.00 16.22 ? 80  LYS A N   1 
ATOM   554  C CA  . LYS A 1 71  ? 11.394  -7.200  12.352  1.00 15.65 ? 80  LYS A CA  1 
ATOM   555  C C   . LYS A 1 71  ? 10.006  -6.594  12.503  1.00 15.05 ? 80  LYS A C   1 
ATOM   556  O O   . LYS A 1 71  ? 9.013   -7.189  12.090  1.00 15.88 ? 80  LYS A O   1 
ATOM   557  C CB  . LYS A 1 71  ? 11.293  -8.727  12.392  1.00 17.40 ? 80  LYS A CB  1 
ATOM   558  C CG  . LYS A 1 71  ? 12.605  -9.447  12.120  1.00 20.33 ? 80  LYS A CG  1 
ATOM   559  C CD  . LYS A 1 71  ? 13.152  -9.098  10.741  1.00 23.84 ? 80  LYS A CD  1 
ATOM   560  C CE  . LYS A 1 71  ? 14.192  -10.113 10.288  1.00 25.70 ? 80  LYS A CE  1 
ATOM   561  N NZ  . LYS A 1 71  ? 15.551  -9.785  10.803  1.00 26.50 ? 80  LYS A NZ  1 
ATOM   562  N N   . ALA A 1 72  ? 9.939   -5.405  13.086  1.00 14.83 ? 81  ALA A N   1 
ATOM   563  C CA  . ALA A 1 72  ? 8.663   -4.730  13.277  1.00 13.81 ? 81  ALA A CA  1 
ATOM   564  C C   . ALA A 1 72  ? 8.744   -3.286  12.804  1.00 13.29 ? 81  ALA A C   1 
ATOM   565  O O   . ALA A 1 72  ? 9.812   -2.674  12.827  1.00 13.17 ? 81  ALA A O   1 
ATOM   566  C CB  . ALA A 1 72  ? 8.260   -4.771  14.744  1.00 14.29 ? 81  ALA A CB  1 
ATOM   567  N N   . ILE A 1 73  ? 7.610   -2.754  12.365  1.00 12.70 ? 82  ILE A N   1 
ATOM   568  C CA  . ILE A 1 73  ? 7.538   -1.375  11.901  1.00 11.87 ? 82  ILE A CA  1 
ATOM   569  C C   . ILE A 1 73  ? 6.924   -0.543  13.016  1.00 12.69 ? 82  ILE A C   1 
ATOM   570  O O   . ILE A 1 73  ? 5.838   -0.850  13.504  1.00 13.11 ? 82  ILE A O   1 
ATOM   571  C CB  . ILE A 1 73  ? 6.651   -1.249  10.645  1.00 11.71 ? 82  ILE A CB  1 
ATOM   572  C CG1 . ILE A 1 73  ? 7.331   -1.931  9.460   1.00 11.84 ? 82  ILE A CG1 1 
ATOM   573  C CG2 . ILE A 1 73  ? 6.395   0.219   10.329  1.00 10.96 ? 82  ILE A CG2 1 
ATOM   574  C CD1 . ILE A 1 73  ? 6.376   -2.307  8.351   1.00 12.47 ? 82  ILE A CD1 1 
ATOM   575  N N   . VAL A 1 74  ? 7.628   0.509   13.423  1.00 13.09 ? 83  VAL A N   1 
ATOM   576  C CA  . VAL A 1 74  ? 7.143   1.374   14.485  1.00 12.36 ? 83  VAL A CA  1 
ATOM   577  C C   . VAL A 1 74  ? 7.125   2.825   14.032  1.00 11.52 ? 83  VAL A C   1 
ATOM   578  O O   . VAL A 1 74  ? 8.169   3.414   13.764  1.00 11.97 ? 83  VAL A O   1 
ATOM   579  C CB  . VAL A 1 74  ? 8.026   1.256   15.745  1.00 14.80 ? 83  VAL A CB  1 
ATOM   580  C CG1 . VAL A 1 74  ? 7.346   1.947   16.917  1.00 14.65 ? 83  VAL A CG1 1 
ATOM   581  C CG2 . VAL A 1 74  ? 8.296   -0.208  16.062  1.00 13.75 ? 83  VAL A CG2 1 
ATOM   582  N N   . CYS A 1 75  ? 5.929   3.399   13.944  1.00 11.99 ? 84  CYS A N   1 
ATOM   583  C CA  . CYS A 1 75  ? 5.785   4.789   13.533  1.00 12.07 ? 84  CYS A CA  1 
ATOM   584  C C   . CYS A 1 75  ? 6.363   5.686   14.631  1.00 12.52 ? 84  CYS A C   1 
ATOM   585  O O   . CYS A 1 75  ? 6.053   5.512   15.811  1.00 14.15 ? 84  CYS A O   1 
ATOM   586  C CB  . CYS A 1 75  ? 4.308   5.103   13.291  1.00 11.24 ? 84  CYS A CB  1 
ATOM   587  S SG  . CYS A 1 75  ? 3.556   4.052   11.998  1.00 14.48 ? 84  CYS A SG  1 
ATOM   588  N N   . GLY A 1 76  ? 7.204   6.639   14.235  1.00 12.89 ? 86  GLY A N   1 
ATOM   589  C CA  . GLY A 1 76  ? 7.843   7.529   15.192  1.00 13.00 ? 86  GLY A CA  1 
ATOM   590  C C   . GLY A 1 76  ? 7.047   8.730   15.665  1.00 13.06 ? 86  GLY A C   1 
ATOM   591  O O   . GLY A 1 76  ? 5.820   8.759   15.567  1.00 14.60 ? 86  GLY A O   1 
ATOM   592  N N   . LYS A 1 77  ? 7.757   9.726   16.182  1.00 12.72 ? 87  LYS A N   1 
ATOM   593  C CA  . LYS A 1 77  ? 7.131   10.941  16.691  1.00 13.65 ? 87  LYS A CA  1 
ATOM   594  C C   . LYS A 1 77  ? 6.778   11.884  15.551  1.00 13.96 ? 87  LYS A C   1 
ATOM   595  O O   . LYS A 1 77  ? 7.561   12.765  15.190  1.00 16.53 ? 87  LYS A O   1 
ATOM   596  C CB  . LYS A 1 77  ? 8.071   11.623  17.689  1.00 14.31 ? 87  LYS A CB  1 
ATOM   597  C CG  . LYS A 1 77  ? 8.390   10.743  18.890  1.00 17.28 ? 87  LYS A CG  1 
ATOM   598  C CD  . LYS A 1 77  ? 9.335   11.410  19.878  1.00 15.64 ? 87  LYS A CD  1 
ATOM   599  C CE  . LYS A 1 77  ? 9.520   10.522  21.104  1.00 17.91 ? 87  LYS A CE  1 
ATOM   600  N NZ  . LYS A 1 77  ? 10.726  10.880  21.896  1.00 15.99 ? 87  LYS A NZ  1 
ATOM   601  N N   . ASN A 1 78  ? 5.584   11.698  14.996  1.00 12.73 ? 88  ASN A N   1 
ATOM   602  C CA  . ASN A 1 78  ? 5.116   12.508  13.879  1.00 13.39 ? 88  ASN A CA  1 
ATOM   603  C C   . ASN A 1 78  ? 3.892   13.337  14.232  1.00 14.39 ? 88  ASN A C   1 
ATOM   604  O O   . ASN A 1 78  ? 3.238   13.106  15.246  1.00 14.94 ? 88  ASN A O   1 
ATOM   605  C CB  . ASN A 1 78  ? 4.749   11.608  12.695  1.00 11.58 ? 88  ASN A CB  1 
ATOM   606  C CG  . ASN A 1 78  ? 5.897   10.728  12.252  1.00 9.36  ? 88  ASN A CG  1 
ATOM   607  O OD1 . ASN A 1 78  ? 5.913   9.522   12.509  1.00 12.13 ? 88  ASN A OD1 1 
ATOM   608  N ND2 . ASN A 1 78  ? 6.865   11.328  11.574  1.00 9.24  ? 88  ASN A ND2 1 
ATOM   609  N N   . GLN A 1 79  ? 3.589   14.305  13.374  1.00 16.61 ? 89  GLN A N   1 
ATOM   610  C CA  . GLN A 1 79  ? 2.413   15.137  13.558  1.00 18.22 ? 89  GLN A CA  1 
ATOM   611  C C   . GLN A 1 79  ? 1.243   14.208  13.250  1.00 18.39 ? 89  GLN A C   1 
ATOM   612  O O   . GLN A 1 79  ? 1.406   13.225  12.523  1.00 17.30 ? 89  GLN A O   1 
ATOM   613  C CB  . GLN A 1 79  ? 2.434   16.309  12.577  1.00 22.76 ? 89  GLN A CB  1 
ATOM   614  C CG  . GLN A 1 79  ? 3.601   17.256  12.779  1.00 29.34 ? 89  GLN A CG  1 
ATOM   615  C CD  . GLN A 1 79  ? 3.657   17.812  14.188  1.00 33.31 ? 89  GLN A CD  1 
ATOM   616  O OE1 . GLN A 1 79  ? 2.661   18.315  14.707  1.00 36.60 ? 89  GLN A OE1 1 
ATOM   617  N NE2 . GLN A 1 79  ? 4.822   17.722  14.819  1.00 35.40 ? 89  GLN A NE2 1 
ATOM   618  N N   . PRO A 1 80  ? 0.052   14.501  13.797  1.00 17.80 ? 90  PRO A N   1 
ATOM   619  C CA  . PRO A 1 80  ? -1.150  13.684  13.586  1.00 17.22 ? 90  PRO A CA  1 
ATOM   620  C C   . PRO A 1 80  ? -1.355  13.116  12.182  1.00 15.49 ? 90  PRO A C   1 
ATOM   621  O O   . PRO A 1 80  ? -1.449  11.902  12.009  1.00 14.71 ? 90  PRO A O   1 
ATOM   622  C CB  . PRO A 1 80  ? -2.288  14.611  14.000  1.00 18.48 ? 90  PRO A CB  1 
ATOM   623  C CG  . PRO A 1 80  ? -1.678  15.496  15.029  1.00 20.09 ? 90  PRO A CG  1 
ATOM   624  C CD  . PRO A 1 80  ? -0.223  15.664  14.660  1.00 18.35 ? 90  PRO A CD  1 
ATOM   625  N N   . CYS A 1 81  ? -1.432  13.992  11.184  1.00 14.70 ? 91  CYS A N   1 
ATOM   626  C CA  . CYS A 1 81  ? -1.649  13.550  9.808   1.00 13.99 ? 91  CYS A CA  1 
ATOM   627  C C   . CYS A 1 81  ? -0.558  12.603  9.313   1.00 14.66 ? 91  CYS A C   1 
ATOM   628  O O   . CYS A 1 81  ? -0.850  11.600  8.661   1.00 13.27 ? 91  CYS A O   1 
ATOM   629  C CB  . CYS A 1 81  ? -1.744  14.754  8.873   1.00 13.67 ? 91  CYS A CB  1 
ATOM   630  S SG  . CYS A 1 81  ? -2.810  14.472  7.440   1.00 16.53 ? 91  CYS A SG  1 
ATOM   631  N N   . MET A 1 82  ? 0.694   12.920  9.627   1.00 13.25 ? 92  MET A N   1 
ATOM   632  C CA  . MET A 1 82  ? 1.825   12.093  9.214   1.00 14.46 ? 92  MET A CA  1 
ATOM   633  C C   . MET A 1 82  ? 1.792   10.730  9.895   1.00 13.74 ? 92  MET A C   1 
ATOM   634  O O   . MET A 1 82  ? 2.174   9.719   9.307   1.00 12.48 ? 92  MET A O   1 
ATOM   635  C CB  . MET A 1 82  ? 3.144   12.795  9.544   1.00 17.29 ? 92  MET A CB  1 
ATOM   636  C CG  . MET A 1 82  ? 3.872   13.342  8.332   1.00 20.89 ? 92  MET A CG  1 
ATOM   637  S SD  . MET A 1 82  ? 2.824   14.414  7.340   1.00 26.42 ? 92  MET A SD  1 
ATOM   638  C CE  . MET A 1 82  ? 2.446   15.692  8.517   1.00 15.50 ? 92  MET A CE  1 
ATOM   639  N N   . GLN A 1 83  ? 1.335   10.707  11.142  1.00 12.37 ? 93  GLN A N   1 
ATOM   640  C CA  . GLN A 1 83  ? 1.257   9.457   11.882  1.00 11.73 ? 93  GLN A CA  1 
ATOM   641  C C   . GLN A 1 83  ? 0.162   8.575   11.296  1.00 11.10 ? 93  GLN A C   1 
ATOM   642  O O   . GLN A 1 83  ? 0.318   7.355   11.212  1.00 11.38 ? 93  GLN A O   1 
ATOM   643  C CB  . GLN A 1 83  ? 0.980   9.731   13.362  1.00 13.03 ? 93  GLN A CB  1 
ATOM   644  C CG  . GLN A 1 83  ? 1.268   8.546   14.274  1.00 14.64 ? 93  GLN A CG  1 
ATOM   645  C CD  . GLN A 1 83  ? 2.749   8.232   14.386  1.00 17.55 ? 93  GLN A CD  1 
ATOM   646  O OE1 . GLN A 1 83  ? 3.559   8.686   13.576  1.00 19.47 ? 93  GLN A OE1 1 
ATOM   647  N NE2 . GLN A 1 83  ? 3.111   7.448   15.394  1.00 18.96 ? 93  GLN A NE2 1 
ATOM   648  N N   . GLU A 1 84  ? -0.945  9.191   10.890  1.00 11.43 ? 94  GLU A N   1 
ATOM   649  C CA  . GLU A 1 84  ? -2.051  8.444   10.301  1.00 11.16 ? 94  GLU A CA  1 
ATOM   650  C C   . GLU A 1 84  ? -1.576  7.833   8.988   1.00 10.31 ? 94  GLU A C   1 
ATOM   651  O O   . GLU A 1 84  ? -1.932  6.705   8.648   1.00 11.68 ? 94  GLU A O   1 
ATOM   652  C CB  . GLU A 1 84  ? -3.245  9.368   10.052  1.00 13.67 ? 94  GLU A CB  1 
ATOM   653  C CG  . GLU A 1 84  ? -4.054  9.678   11.306  1.00 18.71 ? 94  GLU A CG  1 
ATOM   654  C CD  . GLU A 1 84  ? -4.995  10.858  11.120  1.00 24.74 ? 94  GLU A CD  1 
ATOM   655  O OE1 . GLU A 1 84  ? -5.204  11.281  9.961   1.00 25.79 ? 94  GLU A OE1 1 
ATOM   656  O OE2 . GLU A 1 84  ? -5.528  11.364  12.132  1.00 28.55 ? 94  GLU A OE2 1 
ATOM   657  N N   . MET A 1 85  ? -0.769  8.592   8.256   1.00 9.31  ? 95  MET A N   1 
ATOM   658  C CA  . MET A 1 85  ? -0.222  8.132   6.987   1.00 9.80  ? 95  MET A CA  1 
ATOM   659  C C   . MET A 1 85  ? 0.688   6.935   7.243   1.00 10.23 ? 95  MET A C   1 
ATOM   660  O O   . MET A 1 85  ? 0.608   5.912   6.556   1.00 9.88  ? 95  MET A O   1 
ATOM   661  C CB  . MET A 1 85  ? 0.575   9.261   6.327   1.00 10.40 ? 95  MET A CB  1 
ATOM   662  C CG  . MET A 1 85  ? 1.065   8.956   4.920   1.00 11.87 ? 95  MET A CG  1 
ATOM   663  S SD  . MET A 1 85  ? 2.266   10.177  4.331   1.00 13.35 ? 95  MET A SD  1 
ATOM   664  C CE  . MET A 1 85  ? 1.354   11.702  4.601   1.00 11.71 ? 95  MET A CE  1 
ATOM   665  N N   . CYS A 1 86  ? 1.552   7.074   8.244   1.00 8.43  ? 96  CYS A N   1 
ATOM   666  C CA  . CYS A 1 86  ? 2.487   6.019   8.605   1.00 9.07  ? 96  CYS A CA  1 
ATOM   667  C C   . CYS A 1 86  ? 1.769   4.729   8.989   1.00 9.77  ? 96  CYS A C   1 
ATOM   668  O O   . CYS A 1 86  ? 2.189   3.639   8.601   1.00 9.53  ? 96  CYS A O   1 
ATOM   669  C CB  . CYS A 1 86  ? 3.371   6.485   9.763   1.00 9.70  ? 96  CYS A CB  1 
ATOM   670  S SG  . CYS A 1 86  ? 4.735   5.366   10.147  1.00 8.61  ? 96  CYS A SG  1 
ATOM   671  N N   . GLU A 1 87  ? 0.680   4.853   9.745   1.00 8.80  ? 97  GLU A N   1 
ATOM   672  C CA  . GLU A 1 87  ? -0.075  3.681   10.174  1.00 8.29  ? 97  GLU A CA  1 
ATOM   673  C C   . GLU A 1 87  ? -0.800  3.027   8.997   1.00 9.64  ? 97  GLU A C   1 
ATOM   674  O O   . GLU A 1 87  ? -0.979  1.808   8.970   1.00 9.39  ? 97  GLU A O   1 
ATOM   675  C CB  . GLU A 1 87  ? -1.070  4.063   11.277  1.00 8.93  ? 97  GLU A CB  1 
ATOM   676  C CG  . GLU A 1 87  ? -0.409  4.431   12.610  1.00 8.92  ? 97  GLU A CG  1 
ATOM   677  C CD  . GLU A 1 87  ? 0.309   3.259   13.276  1.00 9.92  ? 97  GLU A CD  1 
ATOM   678  O OE1 . GLU A 1 87  ? -0.023  2.095   12.977  1.00 11.62 ? 97  GLU A OE1 1 
ATOM   679  O OE2 . GLU A 1 87  ? 1.211   3.502   14.106  1.00 11.18 ? 97  GLU A OE2 1 
ATOM   680  N N   . CYS A 1 88  ? -1.214  3.837   8.023   1.00 9.53  ? 98  CYS A N   1 
ATOM   681  C CA  . CYS A 1 88  ? -1.883  3.309   6.832   1.00 10.58 ? 98  CYS A CA  1 
ATOM   682  C C   . CYS A 1 88  ? -0.871  2.441   6.091   1.00 9.63  ? 98  CYS A C   1 
ATOM   683  O O   . CYS A 1 88  ? -1.156  1.302   5.716   1.00 10.58 ? 98  CYS A O   1 
ATOM   684  C CB  . CYS A 1 88  ? -2.297  4.438   5.888   1.00 9.69  ? 98  CYS A CB  1 
ATOM   685  S SG  . CYS A 1 88  ? -3.684  5.455   6.422   1.00 15.66 ? 98  CYS A SG  1 
ATOM   686  N N   . ASP A 1 89  ? 0.313   3.006   5.880   1.00 8.68  ? 99  ASP A N   1 
ATOM   687  C CA  . ASP A 1 89  ? 1.389   2.323   5.177   1.00 9.17  ? 99  ASP A CA  1 
ATOM   688  C C   . ASP A 1 89  ? 1.828   1.058   5.907   1.00 10.38 ? 99  ASP A C   1 
ATOM   689  O O   . ASP A 1 89  ? 2.032   0.014   5.288   1.00 10.16 ? 99  ASP A O   1 
ATOM   690  C CB  . ASP A 1 89  ? 2.584   3.263   5.010   1.00 7.46  ? 99  ASP A CB  1 
ATOM   691  C CG  . ASP A 1 89  ? 2.289   4.419   4.070   1.00 8.70  ? 99  ASP A CG  1 
ATOM   692  O OD1 . ASP A 1 89  ? 1.232   4.396   3.406   1.00 9.09  ? 99  ASP A OD1 1 
ATOM   693  O OD2 . ASP A 1 89  ? 3.118   5.349   3.989   1.00 10.40 ? 99  ASP A OD2 1 
ATOM   694  N N   . LYS A 1 90  ? 1.960   1.154   7.228   1.00 8.55  ? 100 LYS A N   1 
ATOM   695  C CA  . LYS A 1 90  ? 2.383   0.018   8.037   1.00 9.58  ? 100 LYS A CA  1 
ATOM   696  C C   . LYS A 1 90  ? 1.449   -1.182  7.889   1.00 8.20  ? 100 LYS A C   1 
ATOM   697  O O   . LYS A 1 90  ? 1.901   -2.307  7.690   1.00 8.92  ? 100 LYS A O   1 
ATOM   698  C CB  . LYS A 1 90  ? 2.466   0.433   9.506   1.00 8.96  ? 100 LYS A CB  1 
ATOM   699  C CG  . LYS A 1 90  ? 2.835   -0.694  10.453  1.00 11.00 ? 100 LYS A CG  1 
ATOM   700  C CD  . LYS A 1 90  ? 2.846   -0.203  11.897  1.00 13.17 ? 100 LYS A CD  1 
ATOM   701  C CE  . LYS A 1 90  ? 2.774   -1.358  12.880  1.00 12.84 ? 100 LYS A CE  1 
ATOM   702  N NZ  . LYS A 1 90  ? 3.076   -0.905  14.265  1.00 13.93 ? 100 LYS A NZ  1 
ATOM   703  N N   . ALA A 1 91  ? 0.147   -0.942  7.986   1.00 8.78  ? 101 ALA A N   1 
ATOM   704  C CA  . ALA A 1 91  ? -0.830  -2.019  7.859   1.00 9.84  ? 101 ALA A CA  1 
ATOM   705  C C   . ALA A 1 91  ? -0.772  -2.626  6.456   1.00 9.25  ? 101 ALA A C   1 
ATOM   706  O O   . ALA A 1 91  ? -0.918  -3.837  6.277   1.00 9.86  ? 101 ALA A O   1 
ATOM   707  C CB  . ALA A 1 91  ? -2.233  -1.490  8.144   1.00 10.80 ? 101 ALA A CB  1 
ATOM   708  N N   . PHE A 1 92  ? -0.554  -1.767  5.466   1.00 8.69  ? 102 PHE A N   1 
ATOM   709  C CA  . PHE A 1 92  ? -0.471  -2.183  4.072   1.00 9.88  ? 102 PHE A CA  1 
ATOM   710  C C   . PHE A 1 92  ? 0.717   -3.118  3.842   1.00 10.03 ? 102 PHE A C   1 
ATOM   711  O O   . PHE A 1 92  ? 0.576   -4.179  3.229   1.00 8.50  ? 102 PHE A O   1 
ATOM   712  C CB  . PHE A 1 92  ? -0.347  -0.939  3.186   1.00 10.93 ? 102 PHE A CB  1 
ATOM   713  C CG  . PHE A 1 92  ? -0.226  -1.235  1.718   1.00 8.73  ? 102 PHE A CG  1 
ATOM   714  C CD1 . PHE A 1 92  ? -0.950  -2.271  1.137   1.00 10.63 ? 102 PHE A CD1 1 
ATOM   715  C CD2 . PHE A 1 92  ? 0.604   -0.463  0.913   1.00 10.87 ? 102 PHE A CD2 1 
ATOM   716  C CE1 . PHE A 1 92  ? -0.848  -2.533  -0.222  1.00 10.29 ? 102 PHE A CE1 1 
ATOM   717  C CE2 . PHE A 1 92  ? 0.714   -0.717  -0.451  1.00 11.45 ? 102 PHE A CE2 1 
ATOM   718  C CZ  . PHE A 1 92  ? -0.016  -1.755  -1.020  1.00 9.91  ? 102 PHE A CZ  1 
ATOM   719  N N   . ALA A 1 93  ? 1.885   -2.717  4.338   1.00 8.48  ? 103 ALA A N   1 
ATOM   720  C CA  . ALA A 1 93  ? 3.095   -3.516  4.186   1.00 7.98  ? 103 ALA A CA  1 
ATOM   721  C C   . ALA A 1 93  ? 2.938   -4.897  4.817   1.00 9.60  ? 103 ALA A C   1 
ATOM   722  O O   . ALA A 1 93  ? 3.416   -5.895  4.276   1.00 12.13 ? 103 ALA A O   1 
ATOM   723  C CB  . ALA A 1 93  ? 4.278   -2.787  4.805   1.00 7.09  ? 103 ALA A CB  1 
ATOM   724  N N   . ILE A 1 94  ? 2.268   -4.956  5.962   1.00 9.06  ? 104 ILE A N   1 
ATOM   725  C CA  . ILE A 1 94  ? 2.058   -6.228  6.641   1.00 10.13 ? 104 ILE A CA  1 
ATOM   726  C C   . ILE A 1 94  ? 1.068   -7.072  5.839   1.00 10.53 ? 104 ILE A C   1 
ATOM   727  O O   . ILE A 1 94  ? 1.234   -8.282  5.701   1.00 9.12  ? 104 ILE A O   1 
ATOM   728  C CB  . ILE A 1 94  ? 1.518   -6.014  8.072   1.00 11.53 ? 104 ILE A CB  1 
ATOM   729  C CG1 . ILE A 1 94  ? 2.581   -5.313  8.924   1.00 11.21 ? 104 ILE A CG1 1 
ATOM   730  C CG2 . ILE A 1 94  ? 1.150   -7.351  8.701   1.00 11.21 ? 104 ILE A CG2 1 
ATOM   731  C CD1 . ILE A 1 94  ? 2.041   -4.650  10.175  1.00 15.15 ? 104 ILE A CD1 1 
ATOM   732  N N   . CYS A 1 95  ? 0.045   -6.417  5.300   1.00 9.46  ? 105 CYS A N   1 
ATOM   733  C CA  . CYS A 1 95  ? -0.974  -7.095  4.505   1.00 9.31  ? 105 CYS A CA  1 
ATOM   734  C C   . CYS A 1 95  ? -0.355  -7.789  3.292   1.00 9.47  ? 105 CYS A C   1 
ATOM   735  O O   . CYS A 1 95  ? -0.710  -8.919  2.962   1.00 9.91  ? 105 CYS A O   1 
ATOM   736  C CB  . CYS A 1 95  ? -2.017  -6.081  4.040   1.00 7.90  ? 105 CYS A CB  1 
ATOM   737  S SG  . CYS A 1 95  ? -3.583  -6.810  3.545   1.00 13.17 ? 105 CYS A SG  1 
ATOM   738  N N   . LEU A 1 96  ? 0.577   -7.108  2.636   1.00 9.25  ? 106 LEU A N   1 
ATOM   739  C CA  . LEU A 1 96  ? 1.244   -7.660  1.463   1.00 8.41  ? 106 LEU A CA  1 
ATOM   740  C C   . LEU A 1 96  ? 2.058   -8.904  1.819   1.00 9.56  ? 106 LEU A C   1 
ATOM   741  O O   . LEU A 1 96  ? 2.036   -9.899  1.093   1.00 10.02 ? 106 LEU A O   1 
ATOM   742  C CB  . LEU A 1 96  ? 2.157   -6.604  0.841   1.00 6.38  ? 106 LEU A CB  1 
ATOM   743  C CG  . LEU A 1 96  ? 1.444   -5.414  0.195   1.00 5.43  ? 106 LEU A CG  1 
ATOM   744  C CD1 . LEU A 1 96  ? 2.468   -4.486  -0.438  1.00 7.85  ? 106 LEU A CD1 1 
ATOM   745  C CD2 . LEU A 1 96  ? 0.457   -5.918  -0.854  1.00 8.65  ? 106 LEU A CD2 1 
ATOM   746  N N   . ARG A 1 97  ? 2.773   -8.839  2.937   1.00 9.89  ? 107 ARG A N   1 
ATOM   747  C CA  . ARG A 1 97  ? 3.594   -9.956  3.391   1.00 9.24  ? 107 ARG A CA  1 
ATOM   748  C C   . ARG A 1 97  ? 2.723   -11.169 3.698   1.00 10.36 ? 107 ARG A C   1 
ATOM   749  O O   . ARG A 1 97  ? 3.062   -12.302 3.349   1.00 9.70  ? 107 ARG A O   1 
ATOM   750  C CB  . ARG A 1 97  ? 4.374   -9.554  4.645   1.00 10.90 ? 107 ARG A CB  1 
ATOM   751  C CG  . ARG A 1 97  ? 5.241   -10.664 5.218   1.00 13.64 ? 107 ARG A CG  1 
ATOM   752  C CD  . ARG A 1 97  ? 4.755   -11.078 6.591   1.00 19.30 ? 107 ARG A CD  1 
ATOM   753  N NE  . ARG A 1 97  ? 5.137   -10.112 7.616   1.00 21.38 ? 107 ARG A NE  1 
ATOM   754  C CZ  . ARG A 1 97  ? 4.478   -9.927  8.754   1.00 21.48 ? 107 ARG A CZ  1 
ATOM   755  N NH1 . ARG A 1 97  ? 3.396   -10.644 9.023   1.00 23.39 ? 107 ARG A NH1 1 
ATOM   756  N NH2 . ARG A 1 97  ? 4.903   -9.026  9.627   1.00 22.41 ? 107 ARG A NH2 1 
ATOM   757  N N   . GLU A 1 98  ? 1.594   -10.914 4.348   1.00 9.98  ? 108 GLU A N   1 
ATOM   758  C CA  . GLU A 1 98  ? 0.655   -11.960 4.724   1.00 12.11 ? 108 GLU A CA  1 
ATOM   759  C C   . GLU A 1 98  ? 0.072   -12.689 3.514   1.00 13.22 ? 108 GLU A C   1 
ATOM   760  O O   . GLU A 1 98  ? -0.343  -13.846 3.618   1.00 12.84 ? 108 GLU A O   1 
ATOM   761  C CB  . GLU A 1 98  ? -0.480  -11.345 5.549   1.00 13.28 ? 108 GLU A CB  1 
ATOM   762  C CG  . GLU A 1 98  ? -1.448  -12.355 6.140   1.00 21.21 ? 108 GLU A CG  1 
ATOM   763  C CD  . GLU A 1 98  ? -0.803  -13.255 7.181   1.00 22.68 ? 108 GLU A CD  1 
ATOM   764  O OE1 . GLU A 1 98  ? 0.169   -12.819 7.838   1.00 23.34 ? 108 GLU A OE1 1 
ATOM   765  O OE2 . GLU A 1 98  ? -1.272  -14.402 7.335   1.00 26.12 ? 108 GLU A OE2 1 
ATOM   766  N N   . ASN A 1 99  ? 0.051   -12.019 2.366   1.00 11.59 ? 109 ASN A N   1 
ATOM   767  C CA  . ASN A 1 99  ? -0.520  -12.611 1.166   1.00 12.58 ? 109 ASN A CA  1 
ATOM   768  C C   . ASN A 1 99  ? 0.466   -12.962 0.057   1.00 13.08 ? 109 ASN A C   1 
ATOM   769  O O   . ASN A 1 99  ? 0.077   -13.097 -1.103  1.00 15.83 ? 109 ASN A O   1 
ATOM   770  C CB  . ASN A 1 99  ? -1.604  -11.683 0.621   1.00 14.78 ? 109 ASN A CB  1 
ATOM   771  C CG  . ASN A 1 99  ? -2.764  -11.536 1.580   1.00 16.36 ? 109 ASN A CG  1 
ATOM   772  O OD1 . ASN A 1 99  ? -3.527  -12.477 1.795   1.00 17.67 ? 109 ASN A OD1 1 
ATOM   773  N ND2 . ASN A 1 99  ? -2.898  -10.357 2.171   1.00 18.07 ? 109 ASN A ND2 1 
ATOM   774  N N   . LEU A 1 100 ? 1.735   -13.121 0.413   1.00 11.86 ? 110 LEU A N   1 
ATOM   775  C CA  . LEU A 1 100 ? 2.754   -13.469 -0.567  1.00 12.43 ? 110 LEU A CA  1 
ATOM   776  C C   . LEU A 1 100 ? 2.495   -14.858 -1.144  1.00 12.77 ? 110 LEU A C   1 
ATOM   777  O O   . LEU A 1 100 ? 2.904   -15.161 -2.264  1.00 14.02 ? 110 LEU A O   1 
ATOM   778  C CB  . LEU A 1 100 ? 4.139   -13.444 0.082   1.00 13.52 ? 110 LEU A CB  1 
ATOM   779  C CG  . LEU A 1 100 ? 4.734   -12.061 0.337   1.00 15.52 ? 110 LEU A CG  1 
ATOM   780  C CD1 . LEU A 1 100 ? 5.956   -12.191 1.229   1.00 14.79 ? 110 LEU A CD1 1 
ATOM   781  C CD2 . LEU A 1 100 ? 5.095   -11.412 -0.992  1.00 15.87 ? 110 LEU A CD2 1 
ATOM   782  N N   . ASP A 1 101 ? 1.811   -15.697 -0.372  1.00 13.82 ? 111 ASP A N   1 
ATOM   783  C CA  . ASP A 1 101 ? 1.515   -17.061 -0.794  1.00 15.26 ? 111 ASP A CA  1 
ATOM   784  C C   . ASP A 1 101 ? 0.535   -17.166 -1.963  1.00 14.54 ? 111 ASP A C   1 
ATOM   785  O O   . ASP A 1 101 ? 0.383   -18.235 -2.548  1.00 15.09 ? 111 ASP A O   1 
ATOM   786  C CB  . ASP A 1 101 ? 0.992   -17.874 0.396   1.00 18.75 ? 111 ASP A CB  1 
ATOM   787  C CG  . ASP A 1 101 ? -0.293  -17.311 0.970   1.00 21.84 ? 111 ASP A CG  1 
ATOM   788  O OD1 . ASP A 1 101 ? -0.433  -16.070 1.023   1.00 22.17 ? 111 ASP A OD1 1 
ATOM   789  O OD2 . ASP A 1 101 ? -1.167  -18.110 1.368   1.00 26.11 ? 111 ASP A OD2 1 
ATOM   790  N N   . THR A 1 102 ? -0.140  -16.067 -2.295  1.00 13.33 ? 112 THR A N   1 
ATOM   791  C CA  . THR A 1 102 ? -1.082  -16.069 -3.411  1.00 14.19 ? 112 THR A CA  1 
ATOM   792  C C   . THR A 1 102 ? -0.736  -14.998 -4.438  1.00 13.45 ? 112 THR A C   1 
ATOM   793  O O   . THR A 1 102 ? -1.542  -14.689 -5.315  1.00 13.18 ? 112 THR A O   1 
ATOM   794  C CB  . THR A 1 102 ? -2.542  -15.849 -2.950  1.00 13.12 ? 112 THR A CB  1 
ATOM   795  O OG1 . THR A 1 102 ? -2.635  -14.630 -2.205  1.00 16.28 ? 112 THR A OG1 1 
ATOM   796  C CG2 . THR A 1 102 ? -3.011  -17.010 -2.091  1.00 15.34 ? 112 THR A CG2 1 
ATOM   797  N N   . TYR A 1 103 ? 0.459   -14.428 -4.323  1.00 10.84 ? 113 TYR A N   1 
ATOM   798  C CA  . TYR A 1 103 ? 0.897   -13.410 -5.267  1.00 12.30 ? 113 TYR A CA  1 
ATOM   799  C C   . TYR A 1 103 ? 0.840   -14.024 -6.661  1.00 12.60 ? 113 TYR A C   1 
ATOM   800  O O   . TYR A 1 103 ? 1.391   -15.099 -6.893  1.00 12.72 ? 113 TYR A O   1 
ATOM   801  C CB  . TYR A 1 103 ? 2.324   -12.958 -4.954  1.00 12.11 ? 113 TYR A CB  1 
ATOM   802  C CG  . TYR A 1 103 ? 2.798   -11.833 -5.847  1.00 12.42 ? 113 TYR A CG  1 
ATOM   803  C CD1 . TYR A 1 103 ? 3.464   -12.101 -7.044  1.00 12.11 ? 113 TYR A CD1 1 
ATOM   804  C CD2 . TYR A 1 103 ? 2.556   -10.503 -5.512  1.00 13.81 ? 113 TYR A CD2 1 
ATOM   805  C CE1 . TYR A 1 103 ? 3.872   -11.075 -7.886  1.00 11.82 ? 113 TYR A CE1 1 
ATOM   806  C CE2 . TYR A 1 103 ? 2.962   -9.462  -6.352  1.00 13.56 ? 113 TYR A CE2 1 
ATOM   807  C CZ  . TYR A 1 103 ? 3.617   -9.760  -7.537  1.00 13.06 ? 113 TYR A CZ  1 
ATOM   808  O OH  . TYR A 1 103 ? 4.002   -8.750  -8.386  1.00 11.21 ? 113 TYR A OH  1 
ATOM   809  N N   . ASN A 1 104 ? 0.171   -13.334 -7.578  1.00 13.78 ? 114 ASN A N   1 
ATOM   810  C CA  . ASN A 1 104 ? 0.003   -13.812 -8.948  1.00 13.08 ? 114 ASN A CA  1 
ATOM   811  C C   . ASN A 1 104 ? 0.862   -13.051 -9.958  1.00 14.42 ? 114 ASN A C   1 
ATOM   812  O O   . ASN A 1 104 ? 0.638   -11.864 -10.205 1.00 13.45 ? 114 ASN A O   1 
ATOM   813  C CB  . ASN A 1 104 ? -1.471  -13.697 -9.342  1.00 16.25 ? 114 ASN A CB  1 
ATOM   814  C CG  . ASN A 1 104 ? -1.839  -14.599 -10.495 1.00 17.19 ? 114 ASN A CG  1 
ATOM   815  O OD1 . ASN A 1 104 ? -2.934  -15.156 -10.534 1.00 22.59 ? 114 ASN A OD1 1 
ATOM   816  N ND2 . ASN A 1 104 ? -0.926  -14.745 -11.447 1.00 16.18 ? 114 ASN A ND2 1 
ATOM   817  N N   . LYS A 1 105 ? 1.831   -13.745 -10.550 1.00 13.30 ? 115 LYS A N   1 
ATOM   818  C CA  . LYS A 1 105 ? 2.730   -13.142 -11.533 1.00 13.13 ? 115 LYS A CA  1 
ATOM   819  C C   . LYS A 1 105 ? 1.972   -12.563 -12.726 1.00 13.41 ? 115 LYS A C   1 
ATOM   820  O O   . LYS A 1 105 ? 2.394   -11.564 -13.311 1.00 13.65 ? 115 LYS A O   1 
ATOM   821  C CB  . LYS A 1 105 ? 3.741   -14.178 -12.015 1.00 14.72 ? 115 LYS A CB  1 
ATOM   822  N N   . SER A 1 106 ? 0.858   -13.192 -13.086 1.00 11.94 ? 116 SER A N   1 
ATOM   823  C CA  . SER A 1 106 ? 0.055   -12.740 -14.216 1.00 12.83 ? 116 SER A CA  1 
ATOM   824  C C   . SER A 1 106 ? -0.637  -11.408 -13.929 1.00 12.94 ? 116 SER A C   1 
ATOM   825  O O   . SER A 1 106 ? -1.054  -10.708 -14.852 1.00 12.76 ? 116 SER A O   1 
ATOM   826  C CB  . SER A 1 106 ? -0.982  -13.807 -14.578 1.00 14.20 ? 116 SER A CB  1 
ATOM   827  N N   . PHE A 1 107 ? -0.752  -11.062 -12.649 1.00 12.06 ? 117 PHE A N   1 
ATOM   828  C CA  . PHE A 1 107 ? -1.395  -9.816  -12.241 1.00 10.97 ? 117 PHE A CA  1 
ATOM   829  C C   . PHE A 1 107 ? -0.388  -8.685  -12.030 1.00 10.88 ? 117 PHE A C   1 
ATOM   830  O O   . PHE A 1 107 ? -0.774  -7.529  -11.847 1.00 10.32 ? 117 PHE A O   1 
ATOM   831  C CB  . PHE A 1 107 ? -2.179  -10.030 -10.940 1.00 13.19 ? 117 PHE A CB  1 
ATOM   832  C CG  . PHE A 1 107 ? -3.435  -10.847 -11.097 1.00 14.71 ? 117 PHE A CG  1 
ATOM   833  C CD1 . PHE A 1 107 ? -4.032  -11.018 -12.343 1.00 15.88 ? 117 PHE A CD1 1 
ATOM   834  C CD2 . PHE A 1 107 ? -4.030  -11.436 -9.985  1.00 15.17 ? 117 PHE A CD2 1 
ATOM   835  C CE1 . PHE A 1 107 ? -5.200  -11.760 -12.478 1.00 15.64 ? 117 PHE A CE1 1 
ATOM   836  C CE2 . PHE A 1 107 ? -5.201  -12.182 -10.110 1.00 17.03 ? 117 PHE A CE2 1 
ATOM   837  C CZ  . PHE A 1 107 ? -5.786  -12.344 -11.360 1.00 16.45 ? 117 PHE A CZ  1 
ATOM   838  N N   . ARG A 1 108 ? 0.902   -9.020  -12.053 1.00 9.69  ? 118 ARG A N   1 
ATOM   839  C CA  . ARG A 1 108 ? 1.960   -8.033  -11.844 1.00 11.10 ? 118 ARG A CA  1 
ATOM   840  C C   . ARG A 1 108 ? 1.813   -6.780  -12.701 1.00 12.27 ? 118 ARG A C   1 
ATOM   841  O O   . ARG A 1 108 ? 1.843   -5.662  -12.188 1.00 12.33 ? 118 ARG A O   1 
ATOM   842  C CB  . ARG A 1 108 ? 3.325   -8.665  -12.102 1.00 12.31 ? 118 ARG A CB  1 
ATOM   843  C CG  . ARG A 1 108 ? 4.492   -7.814  -11.646 1.00 10.58 ? 118 ARG A CG  1 
ATOM   844  C CD  . ARG A 1 108 ? 5.805   -8.531  -11.877 1.00 13.81 ? 118 ARG A CD  1 
ATOM   845  N NE  . ARG A 1 108 ? 6.303   -9.159  -10.658 1.00 14.56 ? 118 ARG A NE  1 
ATOM   846  C CZ  . ARG A 1 108 ? 7.039   -10.266 -10.638 1.00 17.08 ? 118 ARG A CZ  1 
ATOM   847  N NH1 . ARG A 1 108 ? 7.453   -10.768 -9.481  1.00 15.79 ? 118 ARG A NH1 1 
ATOM   848  N NH2 . ARG A 1 108 ? 7.358   -10.874 -11.773 1.00 16.14 ? 118 ARG A NH2 1 
ATOM   849  N N   . TYR A 1 109 ? 1.679   -6.973  -14.010 1.00 11.75 ? 119 TYR A N   1 
ATOM   850  C CA  . TYR A 1 109 ? 1.509   -5.865  -14.941 1.00 12.20 ? 119 TYR A CA  1 
ATOM   851  C C   . TYR A 1 109 ? 0.111   -6.029  -15.517 1.00 13.93 ? 119 TYR A C   1 
ATOM   852  O O   . TYR A 1 109 ? -0.075  -6.603  -16.591 1.00 15.96 ? 119 TYR A O   1 
ATOM   853  C CB  . TYR A 1 109 ? 2.569   -5.932  -16.047 1.00 12.73 ? 119 TYR A CB  1 
ATOM   854  C CG  . TYR A 1 109 ? 3.976   -6.070  -15.515 1.00 13.42 ? 119 TYR A CG  1 
ATOM   855  C CD1 . TYR A 1 109 ? 4.488   -5.151  -14.597 1.00 14.28 ? 119 TYR A CD1 1 
ATOM   856  C CD2 . TYR A 1 109 ? 4.791   -7.130  -15.910 1.00 13.50 ? 119 TYR A CD2 1 
ATOM   857  C CE1 . TYR A 1 109 ? 5.781   -5.284  -14.084 1.00 14.40 ? 119 TYR A CE1 1 
ATOM   858  C CE2 . TYR A 1 109 ? 6.084   -7.274  -15.405 1.00 16.61 ? 119 TYR A CE2 1 
ATOM   859  C CZ  . TYR A 1 109 ? 6.570   -6.349  -14.492 1.00 16.46 ? 119 TYR A CZ  1 
ATOM   860  O OH  . TYR A 1 109 ? 7.842   -6.486  -13.988 1.00 18.55 ? 119 TYR A OH  1 
ATOM   861  N N   . HIS A 1 110 ? -0.868  -5.517  -14.783 1.00 12.98 ? 120 HIS A N   1 
ATOM   862  C CA  . HIS A 1 110 ? -2.270  -5.632  -15.158 1.00 14.03 ? 120 HIS A CA  1 
ATOM   863  C C   . HIS A 1 110 ? -2.828  -4.524  -16.048 1.00 15.21 ? 120 HIS A C   1 
ATOM   864  O O   . HIS A 1 110 ? -2.375  -3.379  -16.001 1.00 15.36 ? 120 HIS A O   1 
ATOM   865  C CB  . HIS A 1 110 ? -3.114  -5.727  -13.886 1.00 12.58 ? 120 HIS A CB  1 
ATOM   866  C CG  . HIS A 1 110 ? -4.514  -6.184  -14.127 1.00 13.37 ? 120 HIS A CG  1 
ATOM   867  N ND1 . HIS A 1 110 ? -4.817  -7.455  -14.564 1.00 13.48 ? 120 HIS A ND1 1 
ATOM   868  C CD2 . HIS A 1 110 ? -5.698  -5.535  -14.005 1.00 14.80 ? 120 HIS A CD2 1 
ATOM   869  C CE1 . HIS A 1 110 ? -6.126  -7.571  -14.703 1.00 12.95 ? 120 HIS A CE1 1 
ATOM   870  N NE2 . HIS A 1 110 ? -6.683  -6.420  -14.370 1.00 16.14 ? 120 HIS A NE2 1 
ATOM   871  N N   . LEU A 1 111 ? -3.823  -4.881  -16.856 1.00 15.36 ? 121 LEU A N   1 
ATOM   872  C CA  . LEU A 1 111 ? -4.487  -3.934  -17.746 1.00 16.24 ? 121 LEU A CA  1 
ATOM   873  C C   . LEU A 1 111 ? -5.564  -3.242  -16.920 1.00 15.90 ? 121 LEU A C   1 
ATOM   874  O O   . LEU A 1 111 ? -6.739  -3.599  -16.993 1.00 16.04 ? 121 LEU A O   1 
ATOM   875  C CB  . LEU A 1 111 ? -5.142  -4.673  -18.918 1.00 18.88 ? 121 LEU A CB  1 
ATOM   876  C CG  . LEU A 1 111 ? -4.340  -4.840  -20.209 1.00 19.82 ? 121 LEU A CG  1 
ATOM   877  C CD1 . LEU A 1 111 ? -5.123  -5.712  -21.178 1.00 22.40 ? 121 LEU A CD1 1 
ATOM   878  C CD2 . LEU A 1 111 ? -4.060  -3.481  -20.827 1.00 19.51 ? 121 LEU A CD2 1 
ATOM   879  N N   . LYS A 1 112 ? -5.157  -2.252  -16.136 1.00 16.15 ? 122 LYS A N   1 
ATOM   880  C CA  . LYS A 1 112 ? -6.079  -1.525  -15.270 1.00 17.98 ? 122 LYS A CA  1 
ATOM   881  C C   . LYS A 1 112 ? -7.350  -0.994  -15.942 1.00 19.75 ? 122 LYS A C   1 
ATOM   882  O O   . LYS A 1 112 ? -8.421  -0.998  -15.335 1.00 20.98 ? 122 LYS A O   1 
ATOM   883  C CB  . LYS A 1 112 ? -5.330  -0.390  -14.566 1.00 17.35 ? 122 LYS A CB  1 
ATOM   884  C CG  . LYS A 1 112 ? -4.163  -0.891  -13.721 1.00 16.29 ? 122 LYS A CG  1 
ATOM   885  C CD  . LYS A 1 112 ? -3.833  0.049   -12.575 1.00 16.32 ? 122 LYS A CD  1 
ATOM   886  C CE  . LYS A 1 112 ? -2.733  -0.529  -11.692 1.00 13.66 ? 122 LYS A CE  1 
ATOM   887  N NZ  . LYS A 1 112 ? -3.285  -1.388  -10.607 1.00 14.28 ? 122 LYS A NZ  1 
ATOM   888  N N   . PRO A 1 113 ? -7.253  -0.518  -17.196 1.00 21.92 ? 123 PRO A N   1 
ATOM   889  C CA  . PRO A 1 113 ? -8.469  -0.013  -17.849 1.00 22.09 ? 123 PRO A CA  1 
ATOM   890  C C   . PRO A 1 113 ? -9.575  -1.067  -17.959 1.00 21.54 ? 123 PRO A C   1 
ATOM   891  O O   . PRO A 1 113 ? -10.743 -0.731  -18.163 1.00 23.53 ? 123 PRO A O   1 
ATOM   892  C CB  . PRO A 1 113 ? -7.980  0.446   -19.224 1.00 22.21 ? 123 PRO A CB  1 
ATOM   893  C CG  . PRO A 1 113 ? -6.508  0.657   -19.055 1.00 24.07 ? 123 PRO A CG  1 
ATOM   894  C CD  . PRO A 1 113 ? -6.070  -0.376  -18.061 1.00 21.94 ? 123 PRO A CD  1 
ATOM   895  N N   . SER A 1 114 ? -9.203  -2.337  -17.823 1.00 19.92 ? 124 SER A N   1 
ATOM   896  C CA  . SER A 1 114 ? -10.161 -3.439  -17.910 1.00 19.40 ? 124 SER A CA  1 
ATOM   897  C C   . SER A 1 114 ? -10.858 -3.699  -16.578 1.00 19.46 ? 124 SER A C   1 
ATOM   898  O O   . SER A 1 114 ? -11.803 -4.489  -16.504 1.00 17.74 ? 124 SER A O   1 
ATOM   899  C CB  . SER A 1 114 ? -9.453  -4.718  -18.368 1.00 21.64 ? 124 SER A CB  1 
ATOM   900  O OG  . SER A 1 114 ? -8.680  -5.281  -17.318 1.00 24.81 ? 124 SER A OG  1 
ATOM   901  N N   . CYS A 1 115 ? -10.387 -3.033  -15.529 1.00 18.22 ? 125 CYS A N   1 
ATOM   902  C CA  . CYS A 1 115 ? -10.956 -3.195  -14.196 1.00 18.72 ? 125 CYS A CA  1 
ATOM   903  C C   . CYS A 1 115 ? -12.372 -2.642  -14.102 1.00 18.43 ? 125 CYS A C   1 
ATOM   904  O O   . CYS A 1 115 ? -12.721 -1.674  -14.774 1.00 19.38 ? 125 CYS A O   1 
ATOM   905  C CB  . CYS A 1 115 ? -10.065 -2.507  -13.163 1.00 19.14 ? 125 CYS A CB  1 
ATOM   906  S SG  . CYS A 1 115 ? -8.326  -2.996  -13.266 1.00 19.37 ? 125 CYS A SG  1 
ATOM   907  N N   . LYS A 1 116 ? -13.183 -3.266  -13.257 1.00 17.95 ? 128 LYS A N   1 
ATOM   908  C CA  . LYS A 1 116 ? -14.565 -2.847  -13.072 1.00 20.35 ? 128 LYS A CA  1 
ATOM   909  C C   . LYS A 1 116 ? -14.738 -2.039  -11.790 1.00 20.70 ? 128 LYS A C   1 
ATOM   910  O O   . LYS A 1 116 ? -14.023 -2.251  -10.808 1.00 19.93 ? 128 LYS A O   1 
ATOM   911  C CB  . LYS A 1 116 ? -15.483 -4.073  -13.031 1.00 21.07 ? 128 LYS A CB  1 
ATOM   912  C CG  . LYS A 1 116 ? -15.554 -4.701  -14.298 1.00 29.52 ? 128 LYS A CG  1 
ATOM   913  N N   . LYS A 1 117 ? -15.689 -1.111  -11.807 1.00 20.50 ? 129 LYS A N   1 
ATOM   914  C CA  . LYS A 1 117 ? -15.973 -0.283  -10.644 1.00 21.19 ? 129 LYS A CA  1 
ATOM   915  C C   . LYS A 1 117 ? -16.585 -1.176  -9.572  1.00 21.04 ? 129 LYS A C   1 
ATOM   916  O O   . LYS A 1 117 ? -17.374 -2.066  -9.880  1.00 21.09 ? 129 LYS A O   1 
ATOM   917  C CB  . LYS A 1 117 ? -16.957 0.829   -11.018 1.00 23.12 ? 129 LYS A CB  1 
ATOM   918  C CG  . LYS A 1 117 ? -17.490 1.626   -9.833  1.00 26.12 ? 129 LYS A CG  1 
ATOM   919  C CD  . LYS A 1 117 ? -18.792 2.334   -10.187 1.00 27.83 ? 129 LYS A CD  1 
ATOM   920  C CE  . LYS A 1 117 ? -19.460 2.914   -8.949  1.00 29.12 ? 129 LYS A CE  1 
ATOM   921  N NZ  . LYS A 1 117 ? -20.503 2.002   -8.403  1.00 32.61 ? 129 LYS A NZ  1 
ATOM   922  N N   . THR A 1 118 ? -16.221 -0.947  -8.316  1.00 19.94 ? 130 THR A N   1 
ATOM   923  C CA  . THR A 1 118 ? -16.764 -1.754  -7.229  1.00 22.16 ? 130 THR A CA  1 
ATOM   924  C C   . THR A 1 118 ? -17.890 -1.014  -6.518  1.00 21.39 ? 130 THR A C   1 
ATOM   925  O O   . THR A 1 118 ? -17.978 0.211   -6.578  1.00 20.21 ? 130 THR A O   1 
ATOM   926  C CB  . THR A 1 118 ? -15.676 -2.112  -6.192  1.00 23.50 ? 130 THR A CB  1 
ATOM   927  O OG1 . THR A 1 118 ? -16.225 -3.007  -5.216  1.00 25.70 ? 130 THR A OG1 1 
ATOM   928  C CG2 . THR A 1 118 ? -15.166 -0.857  -5.493  1.00 22.20 ? 130 THR A CG2 1 
ATOM   929  N N   . SER A 1 119 ? -18.763 -1.769  -5.859  1.00 20.30 ? 131 SER A N   1 
ATOM   930  C CA  . SER A 1 119 ? -19.871 -1.174  -5.124  1.00 22.62 ? 131 SER A CA  1 
ATOM   931  C C   . SER A 1 119 ? -19.500 -1.099  -3.643  1.00 22.16 ? 131 SER A C   1 
ATOM   932  O O   . SER A 1 119 ? -20.172 -0.439  -2.853  1.00 22.54 ? 131 SER A O   1 
ATOM   933  C CB  . SER A 1 119 ? -21.143 -2.006  -5.308  1.00 23.80 ? 131 SER A CB  1 
ATOM   934  O OG  . SER A 1 119 ? -20.965 -3.326  -4.825  1.00 27.74 ? 131 SER A OG  1 
ATOM   935  N N   . GLU A 1 120 ? -18.416 -1.780  -3.280  1.00 21.38 ? 132 GLU A N   1 
ATOM   936  C CA  . GLU A 1 120 ? -17.937 -1.800  -1.903  1.00 21.12 ? 132 GLU A CA  1 
ATOM   937  C C   . GLU A 1 120 ? -17.464 -0.409  -1.488  1.00 21.47 ? 132 GLU A C   1 
ATOM   938  O O   . GLU A 1 120 ? -16.784 0.274   -2.251  1.00 22.21 ? 132 GLU A O   1 
ATOM   939  C CB  . GLU A 1 120 ? -16.785 -2.804  -1.762  1.00 22.04 ? 132 GLU A CB  1 
ATOM   940  C CG  . GLU A 1 120 ? -15.967 -2.643  -0.490  1.00 25.47 ? 132 GLU A CG  1 
ATOM   941  C CD  . GLU A 1 120 ? -15.016 -3.802  -0.253  1.00 27.41 ? 132 GLU A CD  1 
ATOM   942  O OE1 . GLU A 1 120 ? -14.423 -3.868  0.844   1.00 30.24 ? 132 GLU A OE1 1 
ATOM   943  O OE2 . GLU A 1 120 ? -14.861 -4.646  -1.163  1.00 27.55 ? 132 GLU A OE2 1 
ATOM   944  N N   . GLN A 1 121 ? -17.829 0.008   -0.280  1.00 20.33 ? 133 GLN A N   1 
ATOM   945  C CA  . GLN A 1 121 ? -17.427 1.316   0.221   1.00 19.31 ? 133 GLN A CA  1 
ATOM   946  C C   . GLN A 1 121 ? -16.147 1.186   1.042   1.00 20.53 ? 133 GLN A C   1 
ATOM   947  O O   . GLN A 1 121 ? -15.755 0.080   1.419   1.00 20.83 ? 133 GLN A O   1 
ATOM   948  C CB  . GLN A 1 121 ? -18.543 1.917   1.079   1.00 19.32 ? 133 GLN A CB  1 
ATOM   949  C CG  . GLN A 1 121 ? -19.921 1.841   0.438   1.00 21.45 ? 133 GLN A CG  1 
ATOM   950  C CD  . GLN A 1 121 ? -20.911 2.817   1.049   1.00 23.91 ? 133 GLN A CD  1 
ATOM   951  O OE1 . GLN A 1 121 ? -22.070 2.881   0.634   1.00 23.10 ? 133 GLN A OE1 1 
ATOM   952  N NE2 . GLN A 1 121 ? -20.458 3.585   2.035   1.00 24.57 ? 133 GLN A NE2 1 
ATOM   953  N N   . CYS A 1 122 ? -15.496 2.315   1.309   1.00 21.44 ? 134 CYS A N   1 
ATOM   954  C CA  . CYS A 1 122 ? -14.260 2.324   2.090   1.00 22.50 ? 134 CYS A CA  1 
ATOM   955  C C   . CYS A 1 122 ? -14.556 2.135   3.579   1.00 24.68 ? 134 CYS A C   1 
ATOM   956  O O   . CYS A 1 122 ? -13.610 1.825   4.334   1.00 26.65 ? 134 CYS A O   1 
ATOM   957  C CB  . CYS A 1 122 ? -13.514 3.647   1.896   1.00 21.56 ? 134 CYS A CB  1 
ATOM   958  S SG  . CYS A 1 122 ? -12.759 3.882   0.268   1.00 21.37 ? 134 CYS A SG  1 
ATOM   959  O OXT . CYS A 1 122 ? -15.730 2.304   3.976   1.00 25.40 ? 134 CYS A OXT 1 
HETATM 960  O O   . HOH B 2 .   ? 3.308   7.725   2.646   1.00 12.80 ? 201 HOH A O   1 
HETATM 961  O O   . HOH B 2 .   ? -3.773  0.061   4.913   1.00 13.62 ? 202 HOH A O   1 
HETATM 962  O O   . HOH B 2 .   ? 1.699   -9.725  -1.698  1.00 11.93 ? 203 HOH A O   1 
HETATM 963  O O   . HOH B 2 .   ? -2.701  -12.223 -3.646  1.00 10.79 ? 204 HOH A O   1 
HETATM 964  O O   . HOH B 2 .   ? -6.370  -8.965  1.767   1.00 19.31 ? 205 HOH A O   1 
HETATM 965  O O   . HOH B 2 .   ? -0.533  0.946   -4.053  1.00 18.75 ? 206 HOH A O   1 
HETATM 966  O O   . HOH B 2 .   ? -3.825  -2.452  3.670   1.00 14.39 ? 207 HOH A O   1 
HETATM 967  O O   . HOH B 2 .   ? 12.513  10.288  23.943  1.00 14.66 ? 208 HOH A O   1 
HETATM 968  O O   . HOH B 2 .   ? -2.448  1.079   -2.331  1.00 12.71 ? 209 HOH A O   1 
HETATM 969  O O   . HOH B 2 .   ? 0.396   0.106   14.961  1.00 13.98 ? 210 HOH A O   1 
HETATM 970  O O   . HOH B 2 .   ? 3.551   -4.282  -10.596 1.00 14.84 ? 211 HOH A O   1 
HETATM 971  O O   . HOH B 2 .   ? -0.922  0.339   11.248  1.00 17.16 ? 212 HOH A O   1 
HETATM 972  O O   . HOH B 2 .   ? 3.374   2.074   14.919  1.00 15.68 ? 213 HOH A O   1 
HETATM 973  O O   . HOH B 2 .   ? -4.766  0.832   -9.367  1.00 15.75 ? 214 HOH A O   1 
HETATM 974  O O   . HOH B 2 .   ? 11.187  -9.590  16.919  1.00 19.01 ? 215 HOH A O   1 
HETATM 975  O O   . HOH B 2 .   ? 6.350   -6.694  11.099  1.00 20.79 ? 216 HOH A O   1 
HETATM 976  O O   . HOH B 2 .   ? 0.571   1.844   17.308  1.00 21.92 ? 217 HOH A O   1 
HETATM 977  O O   . HOH B 2 .   ? -6.065  -14.480 -3.052  1.00 18.95 ? 218 HOH A O   1 
HETATM 978  O O   . HOH B 2 .   ? -4.408  5.525   9.834   1.00 18.28 ? 219 HOH A O   1 
HETATM 979  O O   . HOH B 2 .   ? -4.403  0.962   9.344   1.00 25.01 ? 220 HOH A O   1 
HETATM 980  O O   . HOH B 2 .   ? 5.823   14.322  11.167  1.00 21.56 ? 221 HOH A O   1 
HETATM 981  O O   . HOH B 2 .   ? 15.995  10.533  0.830   1.00 21.16 ? 222 HOH A O   1 
HETATM 982  O O   . HOH B 2 .   ? -3.875  -14.405 -6.878  1.00 19.92 ? 223 HOH A O   1 
HETATM 983  O O   . HOH B 2 .   ? -3.139  -15.036 0.326   1.00 22.68 ? 224 HOH A O   1 
HETATM 984  O O   . HOH B 2 .   ? 14.287  -5.365  11.783  1.00 36.47 ? 225 HOH A O   1 
HETATM 985  O O   . HOH B 2 .   ? -8.117  11.949  10.194  1.00 30.88 ? 226 HOH A O   1 
HETATM 986  O O   . HOH B 2 .   ? -21.906 -0.239  -8.606  1.00 30.26 ? 227 HOH A O   1 
HETATM 987  O O   . HOH B 2 .   ? 0.952   5.323   16.104  1.00 32.58 ? 228 HOH A O   1 
HETATM 988  O O   . HOH B 2 .   ? 12.103  -8.066  -6.277  1.00 43.29 ? 229 HOH A O   1 
HETATM 989  O O   . HOH B 2 .   ? 9.480   14.316  -0.609  1.00 34.29 ? 230 HOH A O   1 
HETATM 990  O O   . HOH B 2 .   ? -3.222  -5.413  7.396   1.00 35.45 ? 231 HOH A O   1 
HETATM 991  O O   . HOH B 2 .   ? -9.307  -6.746  -14.844 1.00 30.55 ? 232 HOH A O   1 
HETATM 992  O O   . HOH B 2 .   ? 7.912   16.356  4.239   1.00 49.99 ? 233 HOH A O   1 
HETATM 993  O O   . HOH B 2 .   ? -5.006  -10.213 4.143   1.00 37.07 ? 234 HOH A O   1 
HETATM 994  O O   . HOH B 2 .   ? -12.216 -5.698  -11.608 1.00 28.85 ? 235 HOH A O   1 
HETATM 995  O O   . HOH B 2 .   ? -3.389  -9.591  -15.806 1.00 32.13 ? 236 HOH A O   1 
HETATM 996  O O   . HOH B 2 .   ? -11.621 -4.934  3.909   1.00 37.12 ? 237 HOH A O   1 
HETATM 997  O O   . HOH B 2 .   ? 7.469   16.067  6.844   0.50 34.02 ? 238 HOH A O   1 
HETATM 998  O O   . HOH B 2 .   ? -16.214 2.496   -5.995  1.00 52.14 ? 239 HOH A O   1 
HETATM 999  O O   . HOH B 2 .   ? -21.548 -1.284  -0.792  1.00 25.91 ? 240 HOH A O   1 
HETATM 1000 O O   . HOH B 2 .   ? -0.953  17.008  11.191  1.00 34.02 ? 241 HOH A O   1 
HETATM 1001 O O   . HOH B 2 .   ? -4.190  -7.510  -17.618 1.00 40.75 ? 242 HOH A O   1 
HETATM 1002 O O   . HOH B 2 .   ? -7.018  7.383   -1.943  1.00 32.68 ? 243 HOH A O   1 
HETATM 1003 O O   . HOH B 2 .   ? 15.296  -3.571  -4.971  1.00 50.36 ? 244 HOH A O   1 
HETATM 1004 O O   . HOH B 2 .   ? -5.859  -14.982 -5.395  1.00 31.88 ? 245 HOH A O   1 
HETATM 1005 O O   . HOH B 2 .   ? 11.204  -9.180  7.032   1.00 54.89 ? 246 HOH A O   1 
HETATM 1006 O O   . HOH B 2 .   ? 11.879  7.331   8.426   1.00 35.90 ? 247 HOH A O   1 
HETATM 1007 O O   . HOH B 2 .   ? 2.475   6.941   -0.840  1.00 26.64 ? 248 HOH A O   1 
HETATM 1008 O O   . HOH B 2 .   ? -9.300  0.161   -11.041 1.00 60.10 ? 249 HOH A O   1 
HETATM 1009 O O   . HOH B 2 .   ? 0.409   16.310  -5.010  1.00 44.91 ? 250 HOH A O   1 
HETATM 1010 O O   . HOH B 2 .   ? -17.161 -0.583  -14.551 1.00 36.48 ? 251 HOH A O   1 
HETATM 1011 O O   . HOH B 2 .   ? 16.411  -1.605  6.088   1.00 52.34 ? 252 HOH A O   1 
HETATM 1012 O O   . HOH B 2 .   ? 12.664  4.310   -0.246  1.00 35.77 ? 253 HOH A O   1 
HETATM 1013 O O   . HOH B 2 .   ? -2.729  12.820  0.893   1.00 30.19 ? 254 HOH A O   1 
HETATM 1014 O O   . HOH B 2 .   ? 16.583  -4.318  14.442  1.00 45.90 ? 255 HOH A O   1 
HETATM 1015 O O   . HOH B 2 .   ? -7.110  0.962   -11.657 1.00 48.18 ? 256 HOH A O   1 
HETATM 1016 O O   . HOH B 2 .   ? -6.380  13.840  13.095  1.00 53.25 ? 258 HOH A O   1 
HETATM 1017 O O   . HOH B 2 .   ? 2.455   -14.709 8.352   1.00 47.94 ? 259 HOH A O   1 
HETATM 1018 O O   . HOH B 2 .   ? 9.156   -8.996  -14.855 1.00 47.34 ? 260 HOH A O   1 
HETATM 1019 O O   . HOH B 2 .   ? -1.219  18.667  1.191   1.00 53.29 ? 261 HOH A O   1 
HETATM 1020 O O   . HOH B 2 .   ? 3.254   10.473  16.986  1.00 35.45 ? 262 HOH A O   1 
HETATM 1021 O O   . HOH B 2 .   ? -2.621  7.486   -11.143 1.00 48.09 ? 263 HOH A O   1 
HETATM 1022 O O   . HOH B 2 .   ? -9.761  2.836   -11.178 1.00 40.04 ? 264 HOH A O   1 
HETATM 1023 O O   . HOH B 2 .   ? 4.732   1.010   -5.270  1.00 40.16 ? 265 HOH A O   1 
HETATM 1024 O O   . HOH B 2 .   ? -4.388  21.313  6.326   1.00 32.66 ? 266 HOH A O   1 
HETATM 1025 O O   . HOH B 2 .   ? -2.642  -15.821 3.575   1.00 40.86 ? 267 HOH A O   1 
HETATM 1026 O O   . HOH B 2 .   ? -10.082 6.065   -3.252  1.00 31.30 ? 268 HOH A O   1 
HETATM 1027 O O   . HOH B 2 .   ? -10.848 6.163   5.266   1.00 31.21 ? 269 HOH A O   1 
HETATM 1028 O O   . HOH B 2 .   ? 1.884   0.315   -4.335  1.00 48.79 ? 270 HOH A O   1 
HETATM 1029 O O   . HOH B 2 .   ? 5.297   -14.338 -3.686  1.00 43.20 ? 271 HOH A O   1 
HETATM 1030 O O   . HOH B 2 .   ? 4.851   -4.405  12.860  1.00 43.35 ? 273 HOH A O   1 
HETATM 1031 O O   . HOH B 2 .   ? -23.364 -2.621  -1.712  1.00 44.79 ? 274 HOH A O   1 
HETATM 1032 O O   . HOH B 2 .   ? 2.463   17.024  16.855  1.00 51.27 ? 275 HOH A O   1 
HETATM 1033 O O   . HOH B 2 .   ? 14.338  -6.945  3.016   1.00 43.35 ? 277 HOH A O   1 
HETATM 1034 O O   . HOH B 2 .   ? -15.931 5.050   -0.512  1.00 40.12 ? 278 HOH A O   1 
HETATM 1035 O O   . HOH B 2 .   ? -19.074 -9.154  -7.267  1.00 39.44 ? 279 HOH A O   1 
HETATM 1036 O O   . HOH B 2 .   ? 2.488   -16.498 -9.786  1.00 30.44 ? 280 HOH A O   1 
HETATM 1037 O O   . HOH B 2 .   ? -7.984  3.032   9.323   1.00 38.99 ? 281 HOH A O   1 
HETATM 1038 O O   . HOH B 2 .   ? -4.004  -18.863 1.320   1.00 36.67 ? 284 HOH A O   1 
HETATM 1039 O O   . HOH B 2 .   ? -21.627 6.600   2.207   1.00 43.03 ? 285 HOH A O   1 
HETATM 1040 O O   . HOH B 2 .   ? -1.443  5.864   -7.184  1.00 49.62 ? 286 HOH A O   1 
HETATM 1041 O O   . HOH B 2 .   ? -5.703  15.056  8.848   1.00 38.01 ? 287 HOH A O   1 
HETATM 1042 O O   . HOH B 2 .   ? -1.836  -0.755  -17.451 1.00 41.53 ? 288 HOH A O   1 
HETATM 1043 O O   . HOH B 2 .   ? -0.435  18.826  17.113  1.00 66.78 ? 289 HOH A O   1 
HETATM 1044 O O   . HOH B 2 .   ? 9.799   -4.049  17.593  1.00 67.92 ? 291 HOH A O   1 
HETATM 1045 O O   . HOH B 2 .   ? 14.176  6.008   1.254   1.00 69.86 ? 293 HOH A O   1 
HETATM 1046 O O   . HOH B 2 .   ? -4.477  14.778  10.901  1.00 63.57 ? 294 HOH A O   1 
HETATM 1047 O O   . HOH B 2 .   ? 11.852  8.776   6.324   1.00 42.08 ? 297 HOH A O   1 
HETATM 1048 O O   . HOH B 2 .   ? 15.101  2.118   10.780  1.00 30.82 ? 298 HOH A O   1 
HETATM 1049 O O   . HOH B 2 .   ? 16.172  -5.951  7.281   1.00 46.30 ? 299 HOH A O   1 
HETATM 1050 O O   . HOH B 2 .   ? 14.456  -9.130  -8.335  1.00 53.34 ? 300 HOH A O   1 
HETATM 1051 O O   . HOH B 2 .   ? -4.921  -3.960  5.580   1.00 20.28 ? 401 HOH A O   1 
HETATM 1052 O O   . HOH B 2 .   ? -5.613  -0.076  7.254   1.00 23.44 ? 402 HOH A O   1 
HETATM 1053 O O   . HOH B 2 .   ? -4.211  -1.543  11.294  1.00 36.60 ? 403 HOH A O   1 
HETATM 1054 O O   . HOH B 2 .   ? -8.081  1.428   7.212   1.00 33.05 ? 404 HOH A O   1 
HETATM 1055 O O   . HOH B 2 .   ? 13.368  10.139  20.462  1.00 47.23 ? 405 HOH A O   1 
HETATM 1056 O O   . HOH B 2 .   ? 10.729  4.398   -3.678  1.00 48.99 ? 406 HOH A O   1 
HETATM 1057 O O   . HOH B 2 .   ? 4.207   -2.874  15.526  1.00 48.01 ? 407 HOH A O   1 
HETATM 1058 O O   . HOH B 2 .   ? -4.886  -7.995  6.111   1.00 55.15 ? 408 HOH A O   1 
HETATM 1059 O O   . HOH B 2 .   ? 6.523   6.319   18.593  1.00 48.54 ? 409 HOH A O   1 
HETATM 1060 O O   . HOH B 2 .   ? -17.103 2.192   -15.003 1.00 36.95 ? 410 HOH A O   1 
HETATM 1061 O O   . HOH B 2 .   ? 16.900  7.218   0.015   1.00 51.07 ? 411 HOH A O   1 
HETATM 1062 O O   . HOH B 2 .   ? -6.397  -2.790  7.772   0.50 23.99 ? 501 HOH A O   1 
HETATM 1063 O O   . HOH B 2 .   ? 4.992   3.092   19.773  1.00 45.93 ? 502 HOH A O   1 
HETATM 1064 O O   . HOH B 2 .   ? -8.080  -13.521 -9.059  1.00 57.26 ? 504 HOH A O   1 
HETATM 1065 O O   . HOH B 2 .   ? -9.354  1.444   4.809   1.00 38.23 ? 506 HOH A O   1 
HETATM 1066 O O   . HOH B 2 .   ? 3.979   4.338   17.332  1.00 38.43 ? 507 HOH A O   1 
HETATM 1067 O O   . HOH B 2 .   ? -18.421 -4.864  -6.169  1.00 46.48 ? 508 HOH A O   1 
HETATM 1068 O O   . HOH B 2 .   ? 13.237  4.624   8.614   1.00 56.65 ? 509 HOH A O   1 
HETATM 1069 O O   . HOH B 2 .   ? -21.884 8.744   0.818   1.00 41.95 ? 602 HOH A O   1 
HETATM 1070 O O   . HOH B 2 .   ? -4.993  -16.577 0.727   1.00 31.88 ? 603 HOH A O   1 
HETATM 1071 O O   . HOH B 2 .   ? -15.641 2.672   -3.306  1.00 32.89 ? 605 HOH A O   1 
# 
